data_1CLU
# 
_entry.id   1CLU 
# 
_audit_conform.dict_name       mmcif_pdbx.dic 
_audit_conform.dict_version    5.375 
_audit_conform.dict_location   http://mmcif.pdb.org/dictionaries/ascii/mmcif_pdbx.dic 
# 
loop_
_database_2.database_id 
_database_2.database_code 
_database_2.pdbx_database_accession 
_database_2.pdbx_DOI 
PDB   1CLU         pdb_00001clu 10.2210/pdb1clu/pdb 
RCSB  RCSB000989   ?            ?                   
WWPDB D_1000000989 ?            ?                   
# 
_pdbx_database_status.status_code                     REL 
_pdbx_database_status.entry_id                        1CLU 
_pdbx_database_status.recvd_initial_deposition_date   1999-05-03 
_pdbx_database_status.deposit_site                    BNL 
_pdbx_database_status.process_site                    RCSB 
_pdbx_database_status.status_code_sf                  REL 
_pdbx_database_status.SG_entry                        . 
_pdbx_database_status.pdb_format_compatible           Y 
_pdbx_database_status.status_code_mr                  ? 
_pdbx_database_status.status_code_cs                  ? 
_pdbx_database_status.methods_development_category    ? 
_pdbx_database_status.status_code_nmr_data            ? 
# 
loop_
_audit_author.name 
_audit_author.pdbx_ordinal 
'Ahmadian, M.R.'   1 
'Zor, T.'          2 
'Vogt, D.'         3 
'Kabsch, W.'       4 
'Selinger, Z.'     5 
'Wittinghofer, A.' 6 
'Scheffzek, K.'    7 
# 
loop_
_citation.id 
_citation.title 
_citation.journal_abbrev 
_citation.journal_volume 
_citation.page_first 
_citation.page_last 
_citation.year 
_citation.journal_id_ASTM 
_citation.country 
_citation.journal_id_ISSN 
_citation.journal_id_CSD 
_citation.book_publisher 
_citation.pdbx_database_id_PubMed 
_citation.pdbx_database_id_DOI 
primary 'Guanosine triphosphatase stimulation of oncogenic Ras mutants.' Proc.Natl.Acad.Sci.USA  96  7065 7070 1999 PNASA6 US 
0027-8424 0040 ? 10359839 10.1073/pnas.96.12.7065          
1       'GTP analogue hydrolysis by the Gs protein: implication for the role of catalytic glutamine in the GTPase reaction.' 
'Febs Lett.'            433 326  330  1998 FEBLAL NE 0014-5793 0165 ? 9744820  '10.1016/s0014-5793(98)00930-2'  
2       'Rescue of a mutant G-protein by substrate-assisted catalysis.' Eur.J.Biochem.          249 330  336  1997 EJBCAI IX 
0014-2956 0262 ? 9363787  10.1111/j.1432-1033.1997.00330.x 
3       'Three-dimensional structures and properties of a transforming and a nontransforming glycine-12 mutant of p21H-ras.' 
Biochemistry            32  8411 8420 1993 BICHAW US 0006-2960 0033 ? 8357792  10.1021/bi00084a005              
4       
'Three-dimensional structures of H-ras p21 mutants: molecular basis for their inability to function as signal switch molecules.' 
'Cell(Cambridge,Mass.)' 62  539  548  1990 CELLB5 US 0092-8674 0998 ? 2199064  '10.1016/0092-8674(90)90018-a'   
# 
loop_
_citation_author.citation_id 
_citation_author.name 
_citation_author.ordinal 
_citation_author.identifier_ORCID 
primary 'Ahmadian, M.R.'   1  ? 
primary 'Zor, T.'          2  ? 
primary 'Vogt, D.'         3  ? 
primary 'Kabsch, W.'       4  ? 
primary 'Selinger, Z.'     5  ? 
primary 'Wittinghofer, A.' 6  ? 
primary 'Scheffzek, K.'    7  ? 
1       'Zor, T.'          8  ? 
1       'Andorn, R.'       9  ? 
1       'Sofer, I.'        10 ? 
1       'Chorev, M.'       11 ? 
1       'Selinger, Z.'     12 ? 
2       'Zor, T.'          13 ? 
2       'Bar-Yaacov, M.'   14 ? 
2       'Elgavish, S.'     15 ? 
2       'Shaanan, B.'      16 ? 
2       'Selinger, Z.'     17 ? 
3       'Franken, S.M.'    18 ? 
3       'Scheidig, A.J.'   19 ? 
3       'Krengel, U.'      20 ? 
3       'Rensland, H.'     21 ? 
3       'Lautwein, A.'     22 ? 
3       'Geyer, M.'        23 ? 
3       'Scheffzek, K.'    24 ? 
3       'Goody, R.S.'      25 ? 
3       'Kalbitzer, H.R.'  26 ? 
3       'Pai, E.F.'        27 ? 
4       'Krengel, U.'      28 ? 
4       'Schlichting, I.'  29 ? 
4       'Scherer, A.'      30 ? 
4       'Schumann, R.'     31 ? 
4       'Frech, M.'        32 ? 
4       'John, J.'         33 ? 
4       'Kabsch, W.'       34 ? 
4       'Pai, E.F.'        35 ? 
4       'Wittinghofer, A.' 36 ? 
# 
_cell.entry_id           1CLU 
_cell.length_a           40.200 
_cell.length_b           40.200 
_cell.length_c           161.970 
_cell.angle_alpha        90.00 
_cell.angle_beta         90.00 
_cell.angle_gamma        120.00 
_cell.Z_PDB              6 
_cell.pdbx_unique_axis   ? 
# 
_symmetry.entry_id                         1CLU 
_symmetry.space_group_name_H-M             'P 32 2 1' 
_symmetry.pdbx_full_space_group_name_H-M   ? 
_symmetry.cell_setting                     trigonal 
_symmetry.Int_Tables_number                154 
# 
loop_
_entity.id 
_entity.type 
_entity.src_method 
_entity.pdbx_description 
_entity.formula_weight 
_entity.pdbx_number_of_molecules 
_entity.pdbx_ec 
_entity.pdbx_mutation 
_entity.pdbx_fragment 
_entity.details 
1 polymer     man 'TRANSFORMING PROTEIN P21/H-RAS-1'                                                    18915.254 1  ? GLY12PRO 
'CATALYTIC DOMAIN, RESIDUES 1 - 166' ? 
2 non-polymer syn 'MAGNESIUM ION'                                                                       24.305    1  ? ?        ? 
? 
3 non-polymer syn '3-AMINOBENZOPHENONE-4-YL-AMINOHYDROXYPHOSPHINYLAMINOPHOSPHONIC ACID-GUANYLATE ESTER' 716.428   1  ? ?        ? 
? 
4 water       nat water                                                                                 18.015    46 ? ?        ? 
? 
# 
_entity_name_com.entity_id   1 
_entity_name_com.name        'H-RAS, P21H-RAS, P21RAS' 
# 
_entity_poly.entity_id                      1 
_entity_poly.type                           'polypeptide(L)' 
_entity_poly.nstd_linkage                   no 
_entity_poly.nstd_monomer                   no 
_entity_poly.pdbx_seq_one_letter_code       
;MTEYKLVVVGAPGVGKSALTIQLIQNHFVDEYDPTIEDSYRKQVVIDGETCLLDILDTAGQEEYSAMRDQYMRTGEGFLC
VFAINNTKSFEDIHQYREQIKRVKDSDDVPMVLVGNKCDLAARTVESRQAQDLARSYGIPYIETSAKTRQGVEDAFYTLV
REIRQH
;
_entity_poly.pdbx_seq_one_letter_code_can   
;MTEYKLVVVGAPGVGKSALTIQLIQNHFVDEYDPTIEDSYRKQVVIDGETCLLDILDTAGQEEYSAMRDQYMRTGEGFLC
VFAINNTKSFEDIHQYREQIKRVKDSDDVPMVLVGNKCDLAARTVESRQAQDLARSYGIPYIETSAKTRQGVEDAFYTLV
REIRQH
;
_entity_poly.pdbx_strand_id                 A 
_entity_poly.pdbx_target_identifier         ? 
# 
loop_
_entity_poly_seq.entity_id 
_entity_poly_seq.num 
_entity_poly_seq.mon_id 
_entity_poly_seq.hetero 
1 1   MET n 
1 2   THR n 
1 3   GLU n 
1 4   TYR n 
1 5   LYS n 
1 6   LEU n 
1 7   VAL n 
1 8   VAL n 
1 9   VAL n 
1 10  GLY n 
1 11  ALA n 
1 12  PRO n 
1 13  GLY n 
1 14  VAL n 
1 15  GLY n 
1 16  LYS n 
1 17  SER n 
1 18  ALA n 
1 19  LEU n 
1 20  THR n 
1 21  ILE n 
1 22  GLN n 
1 23  LEU n 
1 24  ILE n 
1 25  GLN n 
1 26  ASN n 
1 27  HIS n 
1 28  PHE n 
1 29  VAL n 
1 30  ASP n 
1 31  GLU n 
1 32  TYR n 
1 33  ASP n 
1 34  PRO n 
1 35  THR n 
1 36  ILE n 
1 37  GLU n 
1 38  ASP n 
1 39  SER n 
1 40  TYR n 
1 41  ARG n 
1 42  LYS n 
1 43  GLN n 
1 44  VAL n 
1 45  VAL n 
1 46  ILE n 
1 47  ASP n 
1 48  GLY n 
1 49  GLU n 
1 50  THR n 
1 51  CYS n 
1 52  LEU n 
1 53  LEU n 
1 54  ASP n 
1 55  ILE n 
1 56  LEU n 
1 57  ASP n 
1 58  THR n 
1 59  ALA n 
1 60  GLY n 
1 61  GLN n 
1 62  GLU n 
1 63  GLU n 
1 64  TYR n 
1 65  SER n 
1 66  ALA n 
1 67  MET n 
1 68  ARG n 
1 69  ASP n 
1 70  GLN n 
1 71  TYR n 
1 72  MET n 
1 73  ARG n 
1 74  THR n 
1 75  GLY n 
1 76  GLU n 
1 77  GLY n 
1 78  PHE n 
1 79  LEU n 
1 80  CYS n 
1 81  VAL n 
1 82  PHE n 
1 83  ALA n 
1 84  ILE n 
1 85  ASN n 
1 86  ASN n 
1 87  THR n 
1 88  LYS n 
1 89  SER n 
1 90  PHE n 
1 91  GLU n 
1 92  ASP n 
1 93  ILE n 
1 94  HIS n 
1 95  GLN n 
1 96  TYR n 
1 97  ARG n 
1 98  GLU n 
1 99  GLN n 
1 100 ILE n 
1 101 LYS n 
1 102 ARG n 
1 103 VAL n 
1 104 LYS n 
1 105 ASP n 
1 106 SER n 
1 107 ASP n 
1 108 ASP n 
1 109 VAL n 
1 110 PRO n 
1 111 MET n 
1 112 VAL n 
1 113 LEU n 
1 114 VAL n 
1 115 GLY n 
1 116 ASN n 
1 117 LYS n 
1 118 CYS n 
1 119 ASP n 
1 120 LEU n 
1 121 ALA n 
1 122 ALA n 
1 123 ARG n 
1 124 THR n 
1 125 VAL n 
1 126 GLU n 
1 127 SER n 
1 128 ARG n 
1 129 GLN n 
1 130 ALA n 
1 131 GLN n 
1 132 ASP n 
1 133 LEU n 
1 134 ALA n 
1 135 ARG n 
1 136 SER n 
1 137 TYR n 
1 138 GLY n 
1 139 ILE n 
1 140 PRO n 
1 141 TYR n 
1 142 ILE n 
1 143 GLU n 
1 144 THR n 
1 145 SER n 
1 146 ALA n 
1 147 LYS n 
1 148 THR n 
1 149 ARG n 
1 150 GLN n 
1 151 GLY n 
1 152 VAL n 
1 153 GLU n 
1 154 ASP n 
1 155 ALA n 
1 156 PHE n 
1 157 TYR n 
1 158 THR n 
1 159 LEU n 
1 160 VAL n 
1 161 ARG n 
1 162 GLU n 
1 163 ILE n 
1 164 ARG n 
1 165 GLN n 
1 166 HIS n 
# 
_entity_src_gen.entity_id                          1 
_entity_src_gen.pdbx_src_id                        1 
_entity_src_gen.pdbx_alt_source_flag               sample 
_entity_src_gen.pdbx_seq_type                      ? 
_entity_src_gen.pdbx_beg_seq_num                   ? 
_entity_src_gen.pdbx_end_seq_num                   ? 
_entity_src_gen.gene_src_common_name               human 
_entity_src_gen.gene_src_genus                     Homo 
_entity_src_gen.pdbx_gene_src_gene                 H-RAS-1 
_entity_src_gen.gene_src_species                   ? 
_entity_src_gen.gene_src_strain                    ? 
_entity_src_gen.gene_src_tissue                    ? 
_entity_src_gen.gene_src_tissue_fraction           ? 
_entity_src_gen.gene_src_details                   ? 
_entity_src_gen.pdbx_gene_src_fragment             ? 
_entity_src_gen.pdbx_gene_src_scientific_name      'Homo sapiens' 
_entity_src_gen.pdbx_gene_src_ncbi_taxonomy_id     9606 
_entity_src_gen.pdbx_gene_src_variant              ? 
_entity_src_gen.pdbx_gene_src_cell_line            ? 
_entity_src_gen.pdbx_gene_src_atcc                 ? 
_entity_src_gen.pdbx_gene_src_organ                ? 
_entity_src_gen.pdbx_gene_src_organelle            ? 
_entity_src_gen.pdbx_gene_src_cell                 ? 
_entity_src_gen.pdbx_gene_src_cellular_location    ? 
_entity_src_gen.host_org_common_name               ? 
_entity_src_gen.pdbx_host_org_scientific_name      ? 
_entity_src_gen.pdbx_host_org_ncbi_taxonomy_id     ? 
_entity_src_gen.host_org_genus                     ? 
_entity_src_gen.pdbx_host_org_gene                 ? 
_entity_src_gen.pdbx_host_org_organ                ? 
_entity_src_gen.host_org_species                   ? 
_entity_src_gen.pdbx_host_org_tissue               ? 
_entity_src_gen.pdbx_host_org_tissue_fraction      ? 
_entity_src_gen.pdbx_host_org_strain               ? 
_entity_src_gen.pdbx_host_org_variant              ? 
_entity_src_gen.pdbx_host_org_cell_line            ? 
_entity_src_gen.pdbx_host_org_atcc                 ? 
_entity_src_gen.pdbx_host_org_culture_collection   ? 
_entity_src_gen.pdbx_host_org_cell                 ? 
_entity_src_gen.pdbx_host_org_organelle            ? 
_entity_src_gen.pdbx_host_org_cellular_location    ? 
_entity_src_gen.pdbx_host_org_vector_type          ? 
_entity_src_gen.pdbx_host_org_vector               ? 
_entity_src_gen.host_org_details                   ? 
_entity_src_gen.expression_system_id               ? 
_entity_src_gen.plasmid_name                       ? 
_entity_src_gen.plasmid_details                    ? 
_entity_src_gen.pdbx_description                   ? 
# 
_struct_ref.id                         1 
_struct_ref.db_name                    UNP 
_struct_ref.db_code                    RASH_HUMAN 
_struct_ref.entity_id                  1 
_struct_ref.pdbx_db_accession          P01112 
_struct_ref.pdbx_db_isoform            ? 
_struct_ref.pdbx_seq_one_letter_code   ? 
_struct_ref.pdbx_align_begin           ? 
# 
_struct_ref_seq.align_id                      1 
_struct_ref_seq.ref_id                        1 
_struct_ref_seq.pdbx_PDB_id_code              1CLU 
_struct_ref_seq.pdbx_strand_id                A 
_struct_ref_seq.seq_align_beg                 1 
_struct_ref_seq.pdbx_seq_align_beg_ins_code   ? 
_struct_ref_seq.seq_align_end                 166 
_struct_ref_seq.pdbx_seq_align_end_ins_code   ? 
_struct_ref_seq.pdbx_db_accession             P01112 
_struct_ref_seq.db_align_beg                  1 
_struct_ref_seq.pdbx_db_align_beg_ins_code    ? 
_struct_ref_seq.db_align_end                  166 
_struct_ref_seq.pdbx_db_align_end_ins_code    ? 
_struct_ref_seq.pdbx_auth_seq_align_beg       1 
_struct_ref_seq.pdbx_auth_seq_align_end       166 
# 
_struct_ref_seq_dif.align_id                     1 
_struct_ref_seq_dif.pdbx_pdb_id_code             1CLU 
_struct_ref_seq_dif.mon_id                       PRO 
_struct_ref_seq_dif.pdbx_pdb_strand_id           A 
_struct_ref_seq_dif.seq_num                      12 
_struct_ref_seq_dif.pdbx_pdb_ins_code            ? 
_struct_ref_seq_dif.pdbx_seq_db_name             UNP 
_struct_ref_seq_dif.pdbx_seq_db_accession_code   P01112 
_struct_ref_seq_dif.db_mon_id                    GLY 
_struct_ref_seq_dif.pdbx_seq_db_seq_num          12 
_struct_ref_seq_dif.details                      'engineered mutation' 
_struct_ref_seq_dif.pdbx_auth_seq_num            12 
_struct_ref_seq_dif.pdbx_ordinal                 1 
# 
loop_
_chem_comp.id 
_chem_comp.type 
_chem_comp.mon_nstd_flag 
_chem_comp.name 
_chem_comp.pdbx_synonyms 
_chem_comp.formula 
_chem_comp.formula_weight 
ALA 'L-peptide linking' y ALANINE                                                                               ?           
'C3 H7 N O2'        89.093  
ARG 'L-peptide linking' y ARGININE                                                                              ?           
'C6 H15 N4 O2 1'    175.209 
ASN 'L-peptide linking' y ASPARAGINE                                                                            ?           
'C4 H8 N2 O3'       132.118 
ASP 'L-peptide linking' y 'ASPARTIC ACID'                                                                       ?           
'C4 H7 N O4'        133.103 
CYS 'L-peptide linking' y CYSTEINE                                                                              ?           
'C3 H7 N O2 S'      121.158 
DBG non-polymer         . '3-AMINOBENZOPHENONE-4-YL-AMINOHYDROXYPHOSPHINYLAMINOPHOSPHONIC ACID-GUANYLATE ESTER' DABP-GPPNHP 
'C23 H27 N8 O13 P3' 716.428 
GLN 'L-peptide linking' y GLUTAMINE                                                                             ?           
'C5 H10 N2 O3'      146.144 
GLU 'L-peptide linking' y 'GLUTAMIC ACID'                                                                       ?           
'C5 H9 N O4'        147.129 
GLY 'peptide linking'   y GLYCINE                                                                               ?           
'C2 H5 N O2'        75.067  
HIS 'L-peptide linking' y HISTIDINE                                                                             ?           
'C6 H10 N3 O2 1'    156.162 
HOH non-polymer         . WATER                                                                                 ?           'H2 O' 
18.015  
ILE 'L-peptide linking' y ISOLEUCINE                                                                            ?           
'C6 H13 N O2'       131.173 
LEU 'L-peptide linking' y LEUCINE                                                                               ?           
'C6 H13 N O2'       131.173 
LYS 'L-peptide linking' y LYSINE                                                                                ?           
'C6 H15 N2 O2 1'    147.195 
MET 'L-peptide linking' y METHIONINE                                                                            ?           
'C5 H11 N O2 S'     149.211 
MG  non-polymer         . 'MAGNESIUM ION'                                                                       ?           'Mg 2' 
24.305  
PHE 'L-peptide linking' y PHENYLALANINE                                                                         ?           
'C9 H11 N O2'       165.189 
PRO 'L-peptide linking' y PROLINE                                                                               ?           
'C5 H9 N O2'        115.130 
SER 'L-peptide linking' y SERINE                                                                                ?           
'C3 H7 N O3'        105.093 
THR 'L-peptide linking' y THREONINE                                                                             ?           
'C4 H9 N O3'        119.119 
TYR 'L-peptide linking' y TYROSINE                                                                              ?           
'C9 H11 N O3'       181.189 
VAL 'L-peptide linking' y VALINE                                                                                ?           
'C5 H11 N O2'       117.146 
# 
_exptl.entry_id          1CLU 
_exptl.method            'X-RAY DIFFRACTION' 
_exptl.crystals_number   2 
# 
_exptl_crystal.id                    1 
_exptl_crystal.density_meas          ? 
_exptl_crystal.density_Matthews      2.0 
_exptl_crystal.density_percent_sol   30 
_exptl_crystal.description           ? 
# 
_exptl_crystal_grow.crystal_id      1 
_exptl_crystal_grow.method          'VAPOR DIFFUSION, HANGING DROP' 
_exptl_crystal_grow.temp            ? 
_exptl_crystal_grow.temp_details    ? 
_exptl_crystal_grow.pH              7.5 
_exptl_crystal_grow.pdbx_details    
'SEE REFERENCE DECRIBING THE STRUCTURE AND CITATIONS THEREIN, pH 7.5, VAPOR DIFFUSION, HANGING DROP' 
_exptl_crystal_grow.pdbx_pH_range   . 
# 
_diffrn.id                     1 
_diffrn.ambient_temp           277 
_diffrn.ambient_temp_details   ? 
_diffrn.crystal_id             1 
# 
_diffrn_detector.diffrn_id              1 
_diffrn_detector.detector               'AREA DETECTOR' 
_diffrn_detector.type                   SIEMENS 
_diffrn_detector.pdbx_collection_date   1998-04-09 
_diffrn_detector.details                MIRRORS 
# 
_diffrn_radiation.diffrn_id                        1 
_diffrn_radiation.wavelength_id                    1 
_diffrn_radiation.pdbx_monochromatic_or_laue_m_l   M 
_diffrn_radiation.monochromator                    ? 
_diffrn_radiation.pdbx_diffrn_protocol             'SINGLE WAVELENGTH' 
_diffrn_radiation.pdbx_scattering_type             x-ray 
# 
_diffrn_radiation_wavelength.id           1 
_diffrn_radiation_wavelength.wavelength   1.5418 
_diffrn_radiation_wavelength.wt           1.0 
# 
_diffrn_source.diffrn_id                   1 
_diffrn_source.source                      'ROTATING ANODE' 
_diffrn_source.type                        'ELLIOTT GX-18' 
_diffrn_source.pdbx_synchrotron_site       ? 
_diffrn_source.pdbx_synchrotron_beamline   ? 
_diffrn_source.pdbx_wavelength             1.5418 
_diffrn_source.pdbx_wavelength_list        ? 
# 
_reflns.entry_id                     1CLU 
_reflns.observed_criterion_sigma_I   ? 
_reflns.observed_criterion_sigma_F   ? 
_reflns.d_resolution_low             100 
_reflns.d_resolution_high            1.7 
_reflns.number_obs                   ? 
_reflns.number_all                   ? 
_reflns.percent_possible_obs         99 
_reflns.pdbx_Rmerge_I_obs            0.084 
_reflns.pdbx_Rsym_value              0.084 
_reflns.pdbx_netI_over_sigmaI        15.2 
_reflns.B_iso_Wilson_estimate        15.5 
_reflns.pdbx_redundancy              8.7 
_reflns.R_free_details               ? 
_reflns.pdbx_diffrn_id               1 
_reflns.pdbx_ordinal                 1 
# 
_reflns_shell.d_res_high             1.7 
_reflns_shell.d_res_low              1.75 
_reflns_shell.percent_possible_all   95.3 
_reflns_shell.Rmerge_I_obs           0.260 
_reflns_shell.pdbx_Rsym_value        0.260 
_reflns_shell.meanI_over_sigI_obs    2.5 
_reflns_shell.pdbx_redundancy        3.4 
_reflns_shell.percent_possible_obs   ? 
_reflns_shell.number_unique_all      ? 
_reflns_shell.pdbx_diffrn_id         ? 
_reflns_shell.pdbx_ordinal           1 
# 
_refine.entry_id                                 1CLU 
_refine.ls_number_reflns_obs                     16413 
_refine.ls_number_reflns_all                     ? 
_refine.pdbx_ls_sigma_I                          ? 
_refine.pdbx_ls_sigma_F                          0.0 
_refine.pdbx_data_cutoff_high_absF               100000 
_refine.pdbx_data_cutoff_low_absF                0.001 
_refine.pdbx_data_cutoff_high_rms_absF           ? 
_refine.ls_d_res_low                             5.0 
_refine.ls_d_res_high                            1.7 
_refine.ls_percent_reflns_obs                    97.5 
_refine.ls_R_factor_obs                          ? 
_refine.ls_R_factor_all                          ? 
_refine.ls_R_factor_R_work                       0.2030000 
_refine.ls_R_factor_R_free                       0.2610000 
_refine.ls_R_factor_R_free_error                 0.006 
_refine.ls_R_factor_R_free_error_details         ? 
_refine.ls_percent_reflns_R_free                 10 
_refine.ls_number_reflns_R_free                  1640 
_refine.ls_number_parameters                     ? 
_refine.ls_number_restraints                     ? 
_refine.occupancy_min                            ? 
_refine.occupancy_max                            ? 
_refine.B_iso_mean                               22.1 
_refine.aniso_B[1][1]                            ? 
_refine.aniso_B[2][2]                            ? 
_refine.aniso_B[3][3]                            ? 
_refine.aniso_B[1][2]                            ? 
_refine.aniso_B[1][3]                            ? 
_refine.aniso_B[2][3]                            ? 
_refine.solvent_model_details                    ? 
_refine.solvent_model_param_ksol                 ? 
_refine.solvent_model_param_bsol                 ? 
_refine.pdbx_ls_cross_valid_method               THROUGHOUT 
_refine.details                                  ? 
_refine.pdbx_starting_model                      5P21 
_refine.pdbx_method_to_determine_struct          'MOLECULAR REPLACEMENT' 
_refine.pdbx_isotropic_thermal_model             RESTRAINED 
_refine.pdbx_stereochemistry_target_values       ? 
_refine.pdbx_stereochem_target_val_spec_case     ? 
_refine.pdbx_R_Free_selection_details            RANDOM 
_refine.pdbx_overall_ESU_R                       ? 
_refine.pdbx_overall_ESU_R_Free                  ? 
_refine.overall_SU_ML                            ? 
_refine.overall_SU_B                             ? 
_refine.ls_redundancy_reflns_obs                 ? 
_refine.pdbx_refine_id                           'X-RAY DIFFRACTION' 
_refine.pdbx_diffrn_id                           1 
_refine.pdbx_TLS_residual_ADP_flag               ? 
_refine.correlation_coeff_Fo_to_Fc               ? 
_refine.correlation_coeff_Fo_to_Fc_free          ? 
_refine.pdbx_solvent_vdw_probe_radii             ? 
_refine.pdbx_solvent_ion_probe_radii             ? 
_refine.pdbx_solvent_shrinkage_radii             ? 
_refine.pdbx_overall_phase_error                 ? 
_refine.overall_SU_R_Cruickshank_DPI             ? 
_refine.pdbx_overall_SU_R_free_Cruickshank_DPI   ? 
_refine.pdbx_overall_SU_R_Blow_DPI               ? 
_refine.pdbx_overall_SU_R_free_Blow_DPI          ? 
# 
_refine_analyze.entry_id                        1CLU 
_refine_analyze.Luzzati_coordinate_error_obs    0.19 
_refine_analyze.Luzzati_sigma_a_obs             0.18 
_refine_analyze.Luzzati_d_res_low_obs           10 
_refine_analyze.Luzzati_coordinate_error_free   0.23 
_refine_analyze.Luzzati_sigma_a_free            0.16 
_refine_analyze.Luzzati_d_res_low_free          ? 
_refine_analyze.number_disordered_residues      ? 
_refine_analyze.occupancy_sum_hydrogen          ? 
_refine_analyze.occupancy_sum_non_hydrogen      ? 
_refine_analyze.pdbx_refine_id                  'X-RAY DIFFRACTION' 
# 
_refine_hist.pdbx_refine_id                   'X-RAY DIFFRACTION' 
_refine_hist.cycle_id                         LAST 
_refine_hist.pdbx_number_atoms_protein        1262 
_refine_hist.pdbx_number_atoms_nucleic_acid   0 
_refine_hist.pdbx_number_atoms_ligand         34 
_refine_hist.number_atoms_solvent             46 
_refine_hist.number_atoms_total               1342 
_refine_hist.d_res_high                       1.7 
_refine_hist.d_res_low                        5.0 
# 
loop_
_refine_ls_restr.type 
_refine_ls_restr.dev_ideal 
_refine_ls_restr.dev_ideal_target 
_refine_ls_restr.weight 
_refine_ls_restr.number 
_refine_ls_restr.pdbx_refine_id 
_refine_ls_restr.pdbx_restraint_function 
x_bond_d                0.006 ?    ? ? 'X-RAY DIFFRACTION' ? 
x_bond_d_na             ?     ?    ? ? 'X-RAY DIFFRACTION' ? 
x_bond_d_prot           ?     ?    ? ? 'X-RAY DIFFRACTION' ? 
x_angle_d               ?     ?    ? ? 'X-RAY DIFFRACTION' ? 
x_angle_d_na            ?     ?    ? ? 'X-RAY DIFFRACTION' ? 
x_angle_d_prot          ?     ?    ? ? 'X-RAY DIFFRACTION' ? 
x_angle_deg             1.0   ?    ? ? 'X-RAY DIFFRACTION' ? 
x_angle_deg_na          ?     ?    ? ? 'X-RAY DIFFRACTION' ? 
x_angle_deg_prot        ?     ?    ? ? 'X-RAY DIFFRACTION' ? 
x_dihedral_angle_d      26.58 ?    ? ? 'X-RAY DIFFRACTION' ? 
x_dihedral_angle_d_na   ?     ?    ? ? 'X-RAY DIFFRACTION' ? 
x_dihedral_angle_d_prot ?     ?    ? ? 'X-RAY DIFFRACTION' ? 
x_improper_angle_d      1.24  ?    ? ? 'X-RAY DIFFRACTION' ? 
x_improper_angle_d_na   ?     ?    ? ? 'X-RAY DIFFRACTION' ? 
x_improper_angle_d_prot ?     ?    ? ? 'X-RAY DIFFRACTION' ? 
x_mcbond_it             1.48  1.5  ? ? 'X-RAY DIFFRACTION' ? 
x_mcangle_it            2.35  2.00 ? ? 'X-RAY DIFFRACTION' ? 
x_scbond_it             2.65  2.00 ? ? 'X-RAY DIFFRACTION' ? 
x_scangle_it            4.12  2.5  ? ? 'X-RAY DIFFRACTION' ? 
# 
_refine_ls_shell.pdbx_total_number_of_bins_used   6 
_refine_ls_shell.d_res_high                       1.7 
_refine_ls_shell.d_res_low                        1.8 
_refine_ls_shell.number_reflns_R_work             2319 
_refine_ls_shell.R_factor_R_work                  0.2680000 
_refine_ls_shell.percent_reflns_obs               93.3 
_refine_ls_shell.R_factor_R_free                  0.2790000 
_refine_ls_shell.R_factor_R_free_error            0.018 
_refine_ls_shell.percent_reflns_R_free            9.4 
_refine_ls_shell.number_reflns_R_free             242 
_refine_ls_shell.redundancy_reflns_obs            ? 
_refine_ls_shell.pdbx_refine_id                   'X-RAY DIFFRACTION' 
_refine_ls_shell.number_reflns_all                ? 
_refine_ls_shell.R_factor_all                     ? 
# 
_struct.entry_id                  1CLU 
_struct.title                     'H-RAS COMPLEXED WITH DIAMINOBENZOPHENONE-BETA,GAMMA-IMIDO-GTP' 
_struct.pdbx_model_details        ? 
_struct.pdbx_CASP_flag            ? 
_struct.pdbx_model_type_details   ? 
# 
_struct_keywords.entry_id        1CLU 
_struct_keywords.pdbx_keywords   HYDROLASE 
_struct_keywords.text            'GTP HYDROLASE, SIGNAL TRANSDUCTION, CANCER, G-DOMAIN, HYDROLASE' 
# 
loop_
_struct_asym.id 
_struct_asym.pdbx_blank_PDB_chainid_flag 
_struct_asym.pdbx_modified 
_struct_asym.entity_id 
_struct_asym.details 
A N N 1 ? 
B N N 2 ? 
C N N 3 ? 
D N N 4 ? 
# 
_struct_biol.id   1 
# 
loop_
_struct_conf.conf_type_id 
_struct_conf.id 
_struct_conf.pdbx_PDB_helix_id 
_struct_conf.beg_label_comp_id 
_struct_conf.beg_label_asym_id 
_struct_conf.beg_label_seq_id 
_struct_conf.pdbx_beg_PDB_ins_code 
_struct_conf.end_label_comp_id 
_struct_conf.end_label_asym_id 
_struct_conf.end_label_seq_id 
_struct_conf.pdbx_end_PDB_ins_code 
_struct_conf.beg_auth_comp_id 
_struct_conf.beg_auth_asym_id 
_struct_conf.beg_auth_seq_id 
_struct_conf.end_auth_comp_id 
_struct_conf.end_auth_asym_id 
_struct_conf.end_auth_seq_id 
_struct_conf.pdbx_PDB_helix_class 
_struct_conf.details 
_struct_conf.pdbx_PDB_helix_length 
HELX_P HELX_P1 1 LYS A 16  ? GLN A 25  ? LYS A 16  GLN A 25  1 ? 10 
HELX_P HELX_P2 2 MET A 67  ? THR A 74  ? MET A 67  THR A 74  1 ? 8  
HELX_P HELX_P3 3 THR A 87  ? VAL A 103 ? THR A 87  VAL A 103 1 ? 17 
HELX_P HELX_P4 4 SER A 127 ? TYR A 137 ? SER A 127 TYR A 137 1 ? 11 
HELX_P HELX_P5 5 VAL A 152 ? ARG A 164 ? VAL A 152 ARG A 164 1 ? 13 
# 
_struct_conf_type.id          HELX_P 
_struct_conf_type.criteria    ? 
_struct_conf_type.reference   ? 
# 
loop_
_struct_conn.id 
_struct_conn.conn_type_id 
_struct_conn.pdbx_leaving_atom_flag 
_struct_conn.pdbx_PDB_id 
_struct_conn.ptnr1_label_asym_id 
_struct_conn.ptnr1_label_comp_id 
_struct_conn.ptnr1_label_seq_id 
_struct_conn.ptnr1_label_atom_id 
_struct_conn.pdbx_ptnr1_label_alt_id 
_struct_conn.pdbx_ptnr1_PDB_ins_code 
_struct_conn.pdbx_ptnr1_standard_comp_id 
_struct_conn.ptnr1_symmetry 
_struct_conn.ptnr2_label_asym_id 
_struct_conn.ptnr2_label_comp_id 
_struct_conn.ptnr2_label_seq_id 
_struct_conn.ptnr2_label_atom_id 
_struct_conn.pdbx_ptnr2_label_alt_id 
_struct_conn.pdbx_ptnr2_PDB_ins_code 
_struct_conn.ptnr1_auth_asym_id 
_struct_conn.ptnr1_auth_comp_id 
_struct_conn.ptnr1_auth_seq_id 
_struct_conn.ptnr2_auth_asym_id 
_struct_conn.ptnr2_auth_comp_id 
_struct_conn.ptnr2_auth_seq_id 
_struct_conn.ptnr2_symmetry 
_struct_conn.pdbx_ptnr3_label_atom_id 
_struct_conn.pdbx_ptnr3_label_seq_id 
_struct_conn.pdbx_ptnr3_label_comp_id 
_struct_conn.pdbx_ptnr3_label_asym_id 
_struct_conn.pdbx_ptnr3_label_alt_id 
_struct_conn.pdbx_ptnr3_PDB_ins_code 
_struct_conn.details 
_struct_conn.pdbx_dist_value 
_struct_conn.pdbx_value_order 
_struct_conn.pdbx_role 
metalc1 metalc ? ? A SER 17 OG  ? ? ? 1_555 B MG  . MG ? ? A SER 17  A MG  168 1_555 ? ? ? ? ? ? ? 2.271 ? ? 
metalc2 metalc ? ? C DBG .  O2B ? ? ? 1_555 B MG  . MG ? ? A DBG 167 A MG  168 1_555 ? ? ? ? ? ? ? 2.252 ? ? 
metalc3 metalc ? ? C DBG .  O2G ? ? ? 1_555 B MG  . MG ? ? A DBG 167 A MG  168 1_555 ? ? ? ? ? ? ? 2.217 ? ? 
metalc4 metalc ? ? B MG  .  MG  ? ? ? 1_555 D HOH . O  ? ? A MG  168 A HOH 208 1_555 ? ? ? ? ? ? ? 2.294 ? ? 
metalc5 metalc ? ? B MG  .  MG  ? ? ? 1_555 D HOH . O  ? ? A MG  168 A HOH 210 1_555 ? ? ? ? ? ? ? 2.326 ? ? 
metalc6 metalc ? ? B MG  .  MG  ? ? ? 1_555 D HOH . O  ? ? A MG  168 A HOH 222 1_555 ? ? ? ? ? ? ? 2.343 ? ? 
# 
_struct_conn_type.id          metalc 
_struct_conn_type.criteria    ? 
_struct_conn_type.reference   ? 
# 
_struct_sheet.id               A 
_struct_sheet.type             ? 
_struct_sheet.number_strands   6 
_struct_sheet.details          ? 
# 
loop_
_struct_sheet_order.sheet_id 
_struct_sheet_order.range_id_1 
_struct_sheet_order.range_id_2 
_struct_sheet_order.offset 
_struct_sheet_order.sense 
A 1 2 ? parallel      
A 2 3 ? parallel      
A 3 4 ? parallel      
A 4 5 ? parallel      
A 5 6 ? anti-parallel 
# 
loop_
_struct_sheet_range.sheet_id 
_struct_sheet_range.id 
_struct_sheet_range.beg_label_comp_id 
_struct_sheet_range.beg_label_asym_id 
_struct_sheet_range.beg_label_seq_id 
_struct_sheet_range.pdbx_beg_PDB_ins_code 
_struct_sheet_range.end_label_comp_id 
_struct_sheet_range.end_label_asym_id 
_struct_sheet_range.end_label_seq_id 
_struct_sheet_range.pdbx_end_PDB_ins_code 
_struct_sheet_range.beg_auth_comp_id 
_struct_sheet_range.beg_auth_asym_id 
_struct_sheet_range.beg_auth_seq_id 
_struct_sheet_range.end_auth_comp_id 
_struct_sheet_range.end_auth_asym_id 
_struct_sheet_range.end_auth_seq_id 
A 1 PRO A 140 ? GLU A 143 ? PRO A 140 GLU A 143 
A 2 PRO A 110 ? ASN A 116 ? PRO A 110 ASN A 116 
A 3 GLY A 77  ? ALA A 83  ? GLY A 77  ALA A 83  
A 4 THR A 2   ? GLY A 10  ? THR A 2   GLY A 10  
A 5 GLU A 49  ? ASP A 57  ? GLU A 49  ASP A 57  
A 6 SER A 39  ? ILE A 46  ? SER A 39  ILE A 46  
# 
loop_
_pdbx_struct_sheet_hbond.sheet_id 
_pdbx_struct_sheet_hbond.range_id_1 
_pdbx_struct_sheet_hbond.range_id_2 
_pdbx_struct_sheet_hbond.range_1_label_atom_id 
_pdbx_struct_sheet_hbond.range_1_label_comp_id 
_pdbx_struct_sheet_hbond.range_1_label_asym_id 
_pdbx_struct_sheet_hbond.range_1_label_seq_id 
_pdbx_struct_sheet_hbond.range_1_PDB_ins_code 
_pdbx_struct_sheet_hbond.range_1_auth_atom_id 
_pdbx_struct_sheet_hbond.range_1_auth_comp_id 
_pdbx_struct_sheet_hbond.range_1_auth_asym_id 
_pdbx_struct_sheet_hbond.range_1_auth_seq_id 
_pdbx_struct_sheet_hbond.range_2_label_atom_id 
_pdbx_struct_sheet_hbond.range_2_label_comp_id 
_pdbx_struct_sheet_hbond.range_2_label_asym_id 
_pdbx_struct_sheet_hbond.range_2_label_seq_id 
_pdbx_struct_sheet_hbond.range_2_PDB_ins_code 
_pdbx_struct_sheet_hbond.range_2_auth_atom_id 
_pdbx_struct_sheet_hbond.range_2_auth_comp_id 
_pdbx_struct_sheet_hbond.range_2_auth_asym_id 
_pdbx_struct_sheet_hbond.range_2_auth_seq_id 
A 1 2 O PRO A 140 ? O PRO A 140 N LEU A 113 ? N LEU A 113 
A 2 3 O PRO A 110 ? O PRO A 110 N PHE A 78  ? N PHE A 78  
A 3 4 O GLY A 77  ? O GLY A 77  N VAL A 7   ? N VAL A 7   
A 4 5 O THR A 2   ? O THR A 2   N LEU A 52  ? N LEU A 52  
A 5 6 O GLU A 49  ? O GLU A 49  N ILE A 46  ? N ILE A 46  
# 
loop_
_struct_site.id 
_struct_site.pdbx_evidence_code 
_struct_site.pdbx_auth_asym_id 
_struct_site.pdbx_auth_comp_id 
_struct_site.pdbx_auth_seq_id 
_struct_site.pdbx_auth_ins_code 
_struct_site.pdbx_num_residues 
_struct_site.details 
DBG Author   ? ?   ?   ? 3  'SEE REFERENCE DESCRIBING THE STRUCTURE' 
AC1 Software A MG  168 ? 5  'BINDING SITE FOR RESIDUE MG A 168'      
AC2 Software A DBG 167 ? 23 'BINDING SITE FOR RESIDUE DBG A 167'     
# 
loop_
_struct_site_gen.id 
_struct_site_gen.site_id 
_struct_site_gen.pdbx_num_res 
_struct_site_gen.label_comp_id 
_struct_site_gen.label_asym_id 
_struct_site_gen.label_seq_id 
_struct_site_gen.pdbx_auth_ins_code 
_struct_site_gen.auth_comp_id 
_struct_site_gen.auth_asym_id 
_struct_site_gen.auth_seq_id 
_struct_site_gen.label_atom_id 
_struct_site_gen.label_alt_id 
_struct_site_gen.symmetry 
_struct_site_gen.details 
1  DBG 3  PRO A 12  ? PRO A 12  . ? 1_555 ? 
2  DBG 3  GLN A 61  ? GLN A 61  . ? 1_555 ? 
3  DBG 3  MG  B .   ? MG  A 168 . ? 1_555 ? 
4  AC1 5  SER A 17  ? SER A 17  . ? 1_555 ? 
5  AC1 5  DBG C .   ? DBG A 167 . ? 1_555 ? 
6  AC1 5  HOH D .   ? HOH A 208 . ? 1_555 ? 
7  AC1 5  HOH D .   ? HOH A 210 . ? 1_555 ? 
8  AC1 5  HOH D .   ? HOH A 222 . ? 1_555 ? 
9  AC2 23 PRO A 12  ? PRO A 12  . ? 1_555 ? 
10 AC2 23 GLY A 13  ? GLY A 13  . ? 1_555 ? 
11 AC2 23 VAL A 14  ? VAL A 14  . ? 1_555 ? 
12 AC2 23 GLY A 15  ? GLY A 15  . ? 1_555 ? 
13 AC2 23 LYS A 16  ? LYS A 16  . ? 1_555 ? 
14 AC2 23 SER A 17  ? SER A 17  . ? 1_555 ? 
15 AC2 23 ALA A 18  ? ALA A 18  . ? 1_555 ? 
16 AC2 23 PHE A 28  ? PHE A 28  . ? 1_555 ? 
17 AC2 23 VAL A 29  ? VAL A 29  . ? 1_555 ? 
18 AC2 23 ASP A 30  ? ASP A 30  . ? 1_555 ? 
19 AC2 23 GLY A 60  ? GLY A 60  . ? 1_555 ? 
20 AC2 23 ASN A 116 ? ASN A 116 . ? 1_555 ? 
21 AC2 23 LYS A 117 ? LYS A 117 . ? 1_555 ? 
22 AC2 23 ASP A 119 ? ASP A 119 . ? 1_555 ? 
23 AC2 23 LEU A 120 ? LEU A 120 . ? 1_555 ? 
24 AC2 23 SER A 145 ? SER A 145 . ? 1_555 ? 
25 AC2 23 ALA A 146 ? ALA A 146 . ? 1_555 ? 
26 AC2 23 LYS A 147 ? LYS A 147 . ? 1_555 ? 
27 AC2 23 MG  B .   ? MG  A 168 . ? 1_555 ? 
28 AC2 23 HOH D .   ? HOH A 202 . ? 1_555 ? 
29 AC2 23 HOH D .   ? HOH A 220 . ? 1_555 ? 
30 AC2 23 HOH D .   ? HOH A 222 . ? 1_555 ? 
31 AC2 23 HOH D .   ? HOH A 228 . ? 1_555 ? 
# 
_atom_sites.entry_id                    1CLU 
_atom_sites.fract_transf_matrix[1][1]   0.02039617 
_atom_sites.fract_transf_matrix[1][2]   -0.00250793 
_atom_sites.fract_transf_matrix[1][3]   -0.02006960 
_atom_sites.fract_transf_matrix[2][1]   0.02689805 
_atom_sites.fract_transf_matrix[2][2]   -0.00661075 
_atom_sites.fract_transf_matrix[2][3]   0.00760665 
_atom_sites.fract_transf_matrix[3][1]   -0.00131122 
_atom_sites.fract_transf_matrix[3][2]   -0.00600500 
_atom_sites.fract_transf_matrix[3][3]   -0.00058216 
_atom_sites.fract_transf_vector[1]      0.518442 
_atom_sites.fract_transf_vector[2]      0.723440 
_atom_sites.fract_transf_vector[3]      0.070935 
# 
loop_
_atom_type.symbol 
C  
MG 
N  
O  
P  
S  
# 
loop_
_atom_site.group_PDB 
_atom_site.id 
_atom_site.type_symbol 
_atom_site.label_atom_id 
_atom_site.label_alt_id 
_atom_site.label_comp_id 
_atom_site.label_asym_id 
_atom_site.label_entity_id 
_atom_site.label_seq_id 
_atom_site.pdbx_PDB_ins_code 
_atom_site.Cartn_x 
_atom_site.Cartn_y 
_atom_site.Cartn_z 
_atom_site.occupancy 
_atom_site.B_iso_or_equiv 
_atom_site.pdbx_formal_charge 
_atom_site.auth_seq_id 
_atom_site.auth_comp_id 
_atom_site.auth_asym_id 
_atom_site.auth_atom_id 
_atom_site.pdbx_PDB_model_num 
ATOM   1    N  N     . MET A 1 1   ? 7.698   15.294  16.424  1.00 25.13 ? 1   MET A N     1 
ATOM   2    C  CA    . MET A 1 1   ? 7.268   15.647  15.040  1.00 23.68 ? 1   MET A CA    1 
ATOM   3    C  C     . MET A 1 1   ? 6.007   14.893  14.685  1.00 21.86 ? 1   MET A C     1 
ATOM   4    O  O     . MET A 1 1   ? 5.604   13.973  15.396  1.00 23.13 ? 1   MET A O     1 
ATOM   5    C  CB    . MET A 1 1   ? 8.368   15.299  14.030  1.00 25.17 ? 1   MET A CB    1 
ATOM   6    C  CG    . MET A 1 1   ? 8.854   13.854  14.110  1.00 25.95 ? 1   MET A CG    1 
ATOM   7    S  SD    . MET A 1 1   ? 10.147  13.492  12.911  1.00 28.81 ? 1   MET A SD    1 
ATOM   8    C  CE    . MET A 1 1   ? 11.423  14.694  13.370  1.00 27.00 ? 1   MET A CE    1 
ATOM   9    N  N     . THR A 1 2   ? 5.399   15.277  13.571  1.00 19.68 ? 2   THR A N     1 
ATOM   10   C  CA    . THR A 1 2   ? 4.295   14.526  12.999  1.00 20.23 ? 2   THR A CA    1 
ATOM   11   C  C     . THR A 1 2   ? 4.744   13.104  12.650  1.00 19.25 ? 2   THR A C     1 
ATOM   12   O  O     . THR A 1 2   ? 5.822   12.894  12.089  1.00 17.75 ? 2   THR A O     1 
ATOM   13   C  CB    . THR A 1 2   ? 3.771   15.223  11.733  1.00 20.95 ? 2   THR A CB    1 
ATOM   14   O  OG1   . THR A 1 2   ? 3.458   16.579  12.044  1.00 25.04 ? 2   THR A OG1   1 
ATOM   15   C  CG2   . THR A 1 2   ? 2.516   14.542  11.221  1.00 22.73 ? 2   THR A CG2   1 
ATOM   16   N  N     . GLU A 1 3   ? 3.992   12.129  13.135  1.00 18.78 ? 3   GLU A N     1 
ATOM   17   C  CA    . GLU A 1 3   ? 4.171   10.753  12.702  1.00 19.98 ? 3   GLU A CA    1 
ATOM   18   C  C     . GLU A 1 3   ? 3.006   10.329  11.815  1.00 19.52 ? 3   GLU A C     1 
ATOM   19   O  O     . GLU A 1 3   ? 1.885   10.821  11.969  1.00 19.72 ? 3   GLU A O     1 
ATOM   20   C  CB    . GLU A 1 3   ? 4.274   9.822   13.909  1.00 22.31 ? 3   GLU A CB    1 
ATOM   21   C  CG    . GLU A 1 3   ? 5.485   10.099  14.773  1.00 30.47 ? 3   GLU A CG    1 
ATOM   22   C  CD    . GLU A 1 3   ? 5.563   9.217   16.003  1.00 33.61 ? 3   GLU A CD    1 
ATOM   23   O  OE1   . GLU A 1 3   ? 5.322   7.994   15.896  1.00 32.77 ? 3   GLU A OE1   1 
ATOM   24   O  OE2   . GLU A 1 3   ? 5.920   9.753   17.073  1.00 39.12 ? 3   GLU A OE2   1 
ATOM   25   N  N     . TYR A 1 4   ? 3.306   9.501   10.818  1.00 17.53 ? 4   TYR A N     1 
ATOM   26   C  CA    . TYR A 1 4   ? 2.276   8.940   9.951   1.00 16.05 ? 4   TYR A CA    1 
ATOM   27   C  C     . TYR A 1 4   ? 2.332   7.420   10.072  1.00 15.97 ? 4   TYR A C     1 
ATOM   28   O  O     . TYR A 1 4   ? 3.363   6.808   9.804   1.00 15.55 ? 4   TYR A O     1 
ATOM   29   C  CB    . TYR A 1 4   ? 2.517   9.354   8.493   1.00 14.35 ? 4   TYR A CB    1 
ATOM   30   C  CG    . TYR A 1 4   ? 2.380   10.838  8.232   1.00 16.98 ? 4   TYR A CG    1 
ATOM   31   C  CD1   . TYR A 1 4   ? 1.122   11.437  8.139   1.00 15.53 ? 4   TYR A CD1   1 
ATOM   32   C  CD2   . TYR A 1 4   ? 3.509   11.655  8.128   1.00 17.49 ? 4   TYR A CD2   1 
ATOM   33   C  CE1   . TYR A 1 4   ? 0.987   12.803  7.958   1.00 15.41 ? 4   TYR A CE1   1 
ATOM   34   C  CE2   . TYR A 1 4   ? 3.387   13.029  7.953   1.00 14.78 ? 4   TYR A CE2   1 
ATOM   35   C  CZ    . TYR A 1 4   ? 2.122   13.590  7.871   1.00 16.87 ? 4   TYR A CZ    1 
ATOM   36   O  OH    . TYR A 1 4   ? 1.985   14.945  7.707   1.00 19.42 ? 4   TYR A OH    1 
ATOM   37   N  N     . LYS A 1 5   ? 1.235   6.829   10.535  1.00 15.92 ? 5   LYS A N     1 
ATOM   38   C  CA    . LYS A 1 5   ? 1.152   5.385   10.695  1.00 16.09 ? 5   LYS A CA    1 
ATOM   39   C  C     . LYS A 1 5   ? 0.570   4.750   9.443   1.00 15.01 ? 5   LYS A C     1 
ATOM   40   O  O     . LYS A 1 5   ? -0.635  4.817   9.202   1.00 13.99 ? 5   LYS A O     1 
ATOM   41   C  CB    . LYS A 1 5   ? 0.296   5.031   11.906  1.00 18.65 ? 5   LYS A CB    1 
ATOM   42   C  CG    . LYS A 1 5   ? 0.878   5.474   13.234  1.00 22.94 ? 5   LYS A CG    1 
ATOM   43   C  CD    . LYS A 1 5   ? 0.491   4.519   14.348  1.00 30.34 ? 5   LYS A CD    1 
ATOM   44   C  CE    . LYS A 1 5   ? 1.095   3.126   14.107  1.00 35.10 ? 5   LYS A CE    1 
ATOM   45   N  NZ    . LYS A 1 5   ? 0.924   2.199   15.272  1.00 36.90 ? 5   LYS A NZ    1 
ATOM   46   N  N     . LEU A 1 6   ? 1.450   4.177   8.628   1.00 14.13 ? 6   LEU A N     1 
ATOM   47   C  CA    . LEU A 1 6   ? 1.072   3.619   7.333   1.00 12.35 ? 6   LEU A CA    1 
ATOM   48   C  C     . LEU A 1 6   ? 1.096   2.095   7.431   1.00 13.25 ? 6   LEU A C     1 
ATOM   49   O  O     . LEU A 1 6   ? 1.923   1.526   8.146   1.00 13.85 ? 6   LEU A O     1 
ATOM   50   C  CB    . LEU A 1 6   ? 2.055   4.085   6.248   1.00 12.55 ? 6   LEU A CB    1 
ATOM   51   C  CG    . LEU A 1 6   ? 2.480   5.564   6.210   1.00 12.49 ? 6   LEU A CG    1 
ATOM   52   C  CD1   . LEU A 1 6   ? 3.492   5.770   5.108   1.00 14.86 ? 6   LEU A CD1   1 
ATOM   53   C  CD2   . LEU A 1 6   ? 1.293   6.462   5.970   1.00 13.21 ? 6   LEU A CD2   1 
ATOM   54   N  N     . VAL A 1 7   ? 0.151   1.451   6.756   1.00 11.78 ? 7   VAL A N     1 
ATOM   55   C  CA    . VAL A 1 7   ? 0.030   -0.008  6.775   1.00 11.13 ? 7   VAL A CA    1 
ATOM   56   C  C     . VAL A 1 7   ? 0.014   -0.508  5.333   1.00 11.43 ? 7   VAL A C     1 
ATOM   57   O  O     . VAL A 1 7   ? -0.723  0.016   4.496   1.00 11.91 ? 7   VAL A O     1 
ATOM   58   C  CB    . VAL A 1 7   ? -1.276  -0.445  7.481   1.00 12.56 ? 7   VAL A CB    1 
ATOM   59   C  CG1   . VAL A 1 7   ? -1.409  -1.952  7.471   1.00 11.91 ? 7   VAL A CG1   1 
ATOM   60   C  CG2   . VAL A 1 7   ? -1.296  0.066   8.912   1.00 12.07 ? 7   VAL A CG2   1 
ATOM   61   N  N     . VAL A 1 8   ? 0.910   -1.440  5.022   1.00 9.18  ? 8   VAL A N     1 
ATOM   62   C  CA    . VAL A 1 8   ? 0.986   -2.034  3.684   1.00 9.72  ? 8   VAL A CA    1 
ATOM   63   C  C     . VAL A 1 8   ? 0.293   -3.402  3.690   1.00 10.55 ? 8   VAL A C     1 
ATOM   64   O  O     . VAL A 1 8   ? 0.690   -4.286  4.451   1.00 10.32 ? 8   VAL A O     1 
ATOM   65   C  CB    . VAL A 1 8   ? 2.452   -2.236  3.260   1.00 9.75  ? 8   VAL A CB    1 
ATOM   66   C  CG1   . VAL A 1 8   ? 2.520   -2.713  1.813   1.00 9.78  ? 8   VAL A CG1   1 
ATOM   67   C  CG2   . VAL A 1 8   ? 3.240   -0.943  3.450   1.00 12.45 ? 8   VAL A CG2   1 
ATOM   68   N  N     . VAL A 1 9   ? -0.780  -3.534  2.909   1.00 11.21 ? 9   VAL A N     1 
ATOM   69   C  CA    . VAL A 1 9   ? -1.576  -4.769  2.867   1.00 11.82 ? 9   VAL A CA    1 
ATOM   70   C  C     . VAL A 1 9   ? -1.660  -5.344  1.457   1.00 12.02 ? 9   VAL A C     1 
ATOM   71   O  O     . VAL A 1 9   ? -1.384  -4.650  0.483   1.00 12.89 ? 9   VAL A O     1 
ATOM   72   C  CB    . VAL A 1 9   ? -3.023  -4.549  3.400   1.00 13.03 ? 9   VAL A CB    1 
ATOM   73   C  CG1   . VAL A 1 9   ? -2.984  -4.144  4.861   1.00 15.55 ? 9   VAL A CG1   1 
ATOM   74   C  CG2   . VAL A 1 9   ? -3.750  -3.488  2.583   1.00 13.69 ? 9   VAL A CG2   1 
ATOM   75   N  N     . GLY A 1 10  ? -2.085  -6.599  1.349   1.00 11.85 ? 10  GLY A N     1 
ATOM   76   C  CA    . GLY A 1 10  ? -2.200  -7.235  0.048   1.00 11.40 ? 10  GLY A CA    1 
ATOM   77   C  C     . GLY A 1 10  ? -1.969  -8.733  0.119   1.00 11.91 ? 10  GLY A C     1 
ATOM   78   O  O     . GLY A 1 10  ? -1.462  -9.237  1.114   1.00 11.54 ? 10  GLY A O     1 
ATOM   79   N  N     . ALA A 1 11  ? -2.291  -9.430  -0.965  1.00 12.31 ? 11  ALA A N     1 
ATOM   80   C  CA    . ALA A 1 11  ? -2.182  -10.890 -1.038  1.00 11.81 ? 11  ALA A CA    1 
ATOM   81   C  C     . ALA A 1 11  ? -0.725  -11.369 -0.964  1.00 11.99 ? 11  ALA A C     1 
ATOM   82   O  O     . ALA A 1 11  ? 0.210   -10.584 -1.149  1.00 12.16 ? 11  ALA A O     1 
ATOM   83   C  CB    . ALA A 1 11  ? -2.836  -11.379 -2.333  1.00 11.26 ? 11  ALA A CB    1 
ATOM   84   N  N     . PRO A 1 12  ? -0.513  -12.659 -0.664  1.00 11.51 ? 12  PRO A N     1 
ATOM   85   C  CA    . PRO A 1 12  ? 0.849   -13.177 -0.531  1.00 12.44 ? 12  PRO A CA    1 
ATOM   86   C  C     . PRO A 1 12  ? 1.693   -12.966 -1.797  1.00 14.00 ? 12  PRO A C     1 
ATOM   87   O  O     . PRO A 1 12  ? 1.230   -13.218 -2.920  1.00 12.61 ? 12  PRO A O     1 
ATOM   88   C  CB    . PRO A 1 12  ? 0.633   -14.664 -0.232  1.00 15.93 ? 12  PRO A CB    1 
ATOM   89   C  CG    . PRO A 1 12  ? -0.708  -14.718 0.410   1.00 15.93 ? 12  PRO A CG    1 
ATOM   90   C  CD    . PRO A 1 12  ? -1.513  -13.701 -0.362  1.00 16.24 ? 12  PRO A CD    1 
ATOM   91   N  N     . GLY A 1 13  ? 2.901   -12.438 -1.607  1.00 12.04 ? 13  GLY A N     1 
ATOM   92   C  CA    . GLY A 1 13  ? 3.865   -12.366 -2.691  1.00 12.77 ? 13  GLY A CA    1 
ATOM   93   C  C     . GLY A 1 13  ? 3.677   -11.244 -3.701  1.00 14.95 ? 13  GLY A C     1 
ATOM   94   O  O     . GLY A 1 13  ? 4.377   -11.202 -4.713  1.00 16.03 ? 13  GLY A O     1 
ATOM   95   N  N     . VAL A 1 14  ? 2.783   -10.301 -3.407  1.00 13.56 ? 14  VAL A N     1 
ATOM   96   C  CA    . VAL A 1 14  ? 2.575   -9.147  -4.290  1.00 12.06 ? 14  VAL A CA    1 
ATOM   97   C  C     . VAL A 1 14  ? 3.701   -8.102  -4.232  1.00 10.93 ? 14  VAL A C     1 
ATOM   98   O  O     . VAL A 1 14  ? 3.818   -7.259  -5.116  1.00 11.41 ? 14  VAL A O     1 
ATOM   99   C  CB    . VAL A 1 14  ? 1.223   -8.452  -3.999  1.00 12.12 ? 14  VAL A CB    1 
ATOM   100  C  CG1   . VAL A 1 14  ? 0.066   -9.418  -4.277  1.00 11.56 ? 14  VAL A CG1   1 
ATOM   101  C  CG2   . VAL A 1 14  ? 1.175   -7.953  -2.550  1.00 11.98 ? 14  VAL A CG2   1 
ATOM   102  N  N     . GLY A 1 15  ? 4.522   -8.157  -3.189  1.00 11.18 ? 15  GLY A N     1 
ATOM   103  C  CA    . GLY A 1 15  ? 5.646   -7.243  -3.090  1.00 11.73 ? 15  GLY A CA    1 
ATOM   104  C  C     . GLY A 1 15  ? 5.511   -6.206  -1.992  1.00 10.98 ? 15  GLY A C     1 
ATOM   105  O  O     . GLY A 1 15  ? 6.149   -5.156  -2.057  1.00 13.39 ? 15  GLY A O     1 
ATOM   106  N  N     . LYS A 1 16  ? 4.742   -6.521  -0.955  1.00 10.11 ? 16  LYS A N     1 
ATOM   107  C  CA    . LYS A 1 16  ? 4.572   -5.620  0.186   1.00 10.17 ? 16  LYS A CA    1 
ATOM   108  C  C     . LYS A 1 16  ? 5.919   -5.252  0.802   1.00 11.20 ? 16  LYS A C     1 
ATOM   109  O  O     . LYS A 1 16  ? 6.206   -4.081  1.022   1.00 11.67 ? 16  LYS A O     1 
ATOM   110  C  CB    . LYS A 1 16  ? 3.685   -6.274  1.255   1.00 9.55  ? 16  LYS A CB    1 
ATOM   111  C  CG    . LYS A 1 16  ? 2.256   -6.550  0.814   1.00 10.63 ? 16  LYS A CG    1 
ATOM   112  C  CD    . LYS A 1 16  ? 1.450   -7.200  1.936   1.00 10.45 ? 16  LYS A CD    1 
ATOM   113  C  CE    . LYS A 1 16  ? 1.965   -8.604  2.278   1.00 13.84 ? 16  LYS A CE    1 
ATOM   114  N  NZ    . LYS A 1 16  ? 1.730   -9.583  1.166   1.00 12.57 ? 16  LYS A NZ    1 
ATOM   115  N  N     . SER A 1 17  ? 6.761   -6.262  1.025   1.00 10.57 ? 17  SER A N     1 
ATOM   116  C  CA    . SER A 1 17  ? 8.060   -6.075  1.659   1.00 10.06 ? 17  SER A CA    1 
ATOM   117  C  C     . SER A 1 17  ? 9.067   -5.409  0.727   1.00 11.17 ? 17  SER A C     1 
ATOM   118  O  O     . SER A 1 17  ? 9.830   -4.538  1.142   1.00 12.27 ? 17  SER A O     1 
ATOM   119  C  CB    . SER A 1 17  ? 8.610   -7.422  2.111   1.00 11.98 ? 17  SER A CB    1 
ATOM   120  O  OG    . SER A 1 17  ? 7.867   -7.919  3.200   1.00 10.25 ? 17  SER A OG    1 
ATOM   121  N  N     . ALA A 1 18  ? 9.087   -5.843  -0.526  1.00 11.46 ? 18  ALA A N     1 
ATOM   122  C  CA    . ALA A 1 18  ? 9.994   -5.275  -1.512  1.00 11.22 ? 18  ALA A CA    1 
ATOM   123  C  C     . ALA A 1 18  ? 9.775   -3.769  -1.682  1.00 12.05 ? 18  ALA A C     1 
ATOM   124  O  O     . ALA A 1 18  ? 10.733  -3.014  -1.821  1.00 14.66 ? 18  ALA A O     1 
ATOM   125  C  CB    . ALA A 1 18  ? 9.823   -5.986  -2.849  1.00 11.93 ? 18  ALA A CB    1 
ATOM   126  N  N     . LEU A 1 19  ? 8.522   -3.330  -1.646  1.00 12.26 ? 19  LEU A N     1 
ATOM   127  C  CA    . LEU A 1 19  ? 8.228   -1.898  -1.717  1.00 13.44 ? 19  LEU A CA    1 
ATOM   128  C  C     . LEU A 1 19  ? 8.744   -1.153  -0.489  1.00 14.09 ? 19  LEU A C     1 
ATOM   129  O  O     . LEU A 1 19  ? 9.277   -0.051  -0.607  1.00 14.43 ? 19  LEU A O     1 
ATOM   130  C  CB    . LEU A 1 19  ? 6.723   -1.658  -1.846  1.00 13.47 ? 19  LEU A CB    1 
ATOM   131  C  CG    . LEU A 1 19  ? 6.070   -1.961  -3.195  1.00 15.32 ? 19  LEU A CG    1 
ATOM   132  C  CD1   . LEU A 1 19  ? 4.568   -1.763  -3.051  1.00 13.06 ? 19  LEU A CD1   1 
ATOM   133  C  CD2   . LEU A 1 19  ? 6.652   -1.063  -4.296  1.00 11.71 ? 19  LEU A CD2   1 
ATOM   134  N  N     . THR A 1 20  ? 8.560   -1.746  0.688   1.00 13.84 ? 20  THR A N     1 
ATOM   135  C  CA    . THR A 1 20  ? 8.940   -1.104  1.936   1.00 14.50 ? 20  THR A CA    1 
ATOM   136  C  C     . THR A 1 20  ? 10.455  -1.023  2.048   1.00 16.77 ? 20  THR A C     1 
ATOM   137  O  O     . THR A 1 20  ? 10.997  0.022   2.414   1.00 16.74 ? 20  THR A O     1 
ATOM   138  C  CB    . THR A 1 20  ? 8.369   -1.864  3.164   1.00 14.92 ? 20  THR A CB    1 
ATOM   139  O  OG1   . THR A 1 20  ? 6.947   -1.976  3.035   1.00 16.16 ? 20  THR A OG1   1 
ATOM   140  C  CG2   . THR A 1 20  ? 8.670   -1.111  4.450   1.00 15.23 ? 20  THR A CG2   1 
ATOM   141  N  N     . ILE A 1 21  ? 11.132  -2.112  1.685   1.00 16.46 ? 21  ILE A N     1 
ATOM   142  C  CA    . ILE A 1 21  ? 12.594  -2.192  1.750   1.00 16.37 ? 21  ILE A CA    1 
ATOM   143  C  C     . ILE A 1 21  ? 13.274  -1.269  0.732   1.00 17.43 ? 21  ILE A C     1 
ATOM   144  O  O     . ILE A 1 21  ? 14.327  -0.690  1.015   1.00 18.24 ? 21  ILE A O     1 
ATOM   145  C  CB    . ILE A 1 21  ? 13.085  -3.653  1.529   1.00 16.25 ? 21  ILE A CB    1 
ATOM   146  C  CG1   . ILE A 1 21  ? 12.518  -4.569  2.611   1.00 17.09 ? 21  ILE A CG1   1 
ATOM   147  C  CG2   . ILE A 1 21  ? 14.609  -3.720  1.541   1.00 17.03 ? 21  ILE A CG2   1 
ATOM   148  C  CD1   . ILE A 1 21  ? 12.623  -4.021  4.005   1.00 22.20 ? 21  ILE A CD1   1 
ATOM   149  N  N     . GLN A 1 22  ? 12.691  -1.137  -0.453  1.00 16.00 ? 22  GLN A N     1 
ATOM   150  C  CA    . GLN A 1 22  ? 13.176  -0.145  -1.401  1.00 17.63 ? 22  GLN A CA    1 
ATOM   151  C  C     . GLN A 1 22  ? 13.118  1.255   -0.788  1.00 19.95 ? 22  GLN A C     1 
ATOM   152  O  O     . GLN A 1 22  ? 14.109  1.983   -0.790  1.00 19.92 ? 22  GLN A O     1 
ATOM   153  C  CB    . GLN A 1 22  ? 12.351  -0.175  -2.686  1.00 17.59 ? 22  GLN A CB    1 
ATOM   154  C  CG    . GLN A 1 22  ? 12.934  -1.052  -3.767  1.00 19.82 ? 22  GLN A CG    1 
ATOM   155  C  CD    . GLN A 1 22  ? 14.222  -0.508  -4.380  1.00 21.54 ? 22  GLN A CD    1 
ATOM   156  O  OE1   . GLN A 1 22  ? 14.776  0.504   -3.940  1.00 23.51 ? 22  GLN A OE1   1 
ATOM   157  N  NE2   . GLN A 1 22  ? 14.717  -1.202  -5.388  1.00 21.73 ? 22  GLN A NE2   1 
ATOM   158  N  N     . LEU A 1 23  ? 11.992  1.587   -0.164  1.00 20.39 ? 23  LEU A N     1 
ATOM   159  C  CA    . LEU A 1 23  ? 11.813  2.919   0.406   1.00 22.23 ? 23  LEU A CA    1 
ATOM   160  C  C     . LEU A 1 23  ? 12.834  3.180   1.515   1.00 24.50 ? 23  LEU A C     1 
ATOM   161  O  O     . LEU A 1 23  ? 13.584  4.157   1.462   1.00 28.34 ? 23  LEU A O     1 
ATOM   162  C  CB    . LEU A 1 23  ? 10.393  3.071   0.954   1.00 19.23 ? 23  LEU A CB    1 
ATOM   163  C  CG    . LEU A 1 23  ? 10.011  4.458   1.467   1.00 20.20 ? 23  LEU A CG    1 
ATOM   164  C  CD1   . LEU A 1 23  ? 9.625   5.370   0.297   1.00 20.89 ? 23  LEU A CD1   1 
ATOM   165  C  CD2   . LEU A 1 23  ? 8.868   4.335   2.445   1.00 21.56 ? 23  LEU A CD2   1 
ATOM   166  N  N     . ILE A 1 24  ? 12.950  2.226   2.434   1.00 25.56 ? 24  ILE A N     1 
ATOM   167  C  CA    . ILE A 1 24  ? 13.734  2.402   3.654   1.00 26.38 ? 24  ILE A CA    1 
ATOM   168  C  C     . ILE A 1 24  ? 15.239  2.160   3.472   1.00 27.44 ? 24  ILE A C     1 
ATOM   169  O  O     . ILE A 1 24  ? 16.058  2.882   4.045   1.00 28.28 ? 24  ILE A O     1 
ATOM   170  C  CB    . ILE A 1 24  ? 13.202  1.472   4.776   1.00 25.68 ? 24  ILE A CB    1 
ATOM   171  C  CG1   . ILE A 1 24  ? 11.749  1.826   5.096   1.00 25.10 ? 24  ILE A CG1   1 
ATOM   172  C  CG2   . ILE A 1 24  ? 14.066  1.588   6.030   1.00 25.49 ? 24  ILE A CG2   1 
ATOM   173  C  CD1   . ILE A 1 24  ? 11.521  3.286   5.405   1.00 26.47 ? 24  ILE A CD1   1 
ATOM   174  N  N     . GLN A 1 25  ? 15.600  1.137   2.700   1.00 26.24 ? 25  GLN A N     1 
ATOM   175  C  CA    . GLN A 1 25  ? 16.988  0.688   2.616   1.00 27.08 ? 25  GLN A CA    1 
ATOM   176  C  C     . GLN A 1 25  ? 17.597  0.810   1.224   1.00 26.47 ? 25  GLN A C     1 
ATOM   177  O  O     . GLN A 1 25  ? 18.741  0.404   1.007   1.00 27.24 ? 25  GLN A O     1 
ATOM   178  C  CB    . GLN A 1 25  ? 17.106  -0.764  3.078   1.00 28.03 ? 25  GLN A CB    1 
ATOM   179  C  CG    . GLN A 1 25  ? 16.700  -1.000  4.518   1.00 31.68 ? 25  GLN A CG    1 
ATOM   180  C  CD    . GLN A 1 25  ? 16.785  -2.466  4.907   1.00 34.45 ? 25  GLN A CD    1 
ATOM   181  O  OE1   . GLN A 1 25  ? 17.322  -3.292  4.159   1.00 34.11 ? 25  GLN A OE1   1 
ATOM   182  N  NE2   . GLN A 1 25  ? 16.244  -2.801  6.075   1.00 35.32 ? 25  GLN A NE2   1 
ATOM   183  N  N     . ASN A 1 26  ? 16.813  1.300   0.272   1.00 25.52 ? 26  ASN A N     1 
ATOM   184  C  CA    . ASN A 1 26  ? 17.299  1.554   -1.079  1.00 26.76 ? 26  ASN A CA    1 
ATOM   185  C  C     . ASN A 1 26  ? 17.921  0.318   -1.727  1.00 28.01 ? 26  ASN A C     1 
ATOM   186  O  O     . ASN A 1 26  ? 19.030  0.383   -2.244  1.00 30.23 ? 26  ASN A O     1 
ATOM   187  C  CB    . ASN A 1 26  ? 18.323  2.701   -1.073  1.00 29.79 ? 26  ASN A CB    1 
ATOM   188  C  CG    . ASN A 1 26  ? 17.885  3.880   -0.209  1.00 33.66 ? 26  ASN A CG    1 
ATOM   189  O  OD1   . ASN A 1 26  ? 18.629  4.338   0.666   1.00 36.51 ? 26  ASN A OD1   1 
ATOM   190  N  ND2   . ASN A 1 26  ? 16.679  4.386   -0.463  1.00 35.47 ? 26  ASN A ND2   1 
ATOM   191  N  N     . HIS A 1 27  ? 17.243  -0.824  -1.630  1.00 25.85 ? 27  HIS A N     1 
ATOM   192  C  CA    . HIS A 1 27  ? 17.626  -1.992  -2.418  1.00 26.00 ? 27  HIS A CA    1 
ATOM   193  C  C     . HIS A 1 27  ? 16.471  -2.962  -2.642  1.00 26.31 ? 27  HIS A C     1 
ATOM   194  O  O     . HIS A 1 27  ? 15.492  -2.960  -1.896  1.00 26.14 ? 27  HIS A O     1 
ATOM   195  C  CB    . HIS A 1 27  ? 18.826  -2.714  -1.780  1.00 25.08 ? 27  HIS A CB    1 
ATOM   196  C  CG    . HIS A 1 27  ? 18.488  -3.504  -0.553  1.00 23.57 ? 27  HIS A CG    1 
ATOM   197  N  ND1   . HIS A 1 27  ? 18.467  -4.881  -0.538  1.00 23.82 ? 27  HIS A ND1   1 
ATOM   198  C  CD2   . HIS A 1 27  ? 18.179  -3.107  0.706   1.00 26.24 ? 27  HIS A CD2   1 
ATOM   199  C  CE1   . HIS A 1 27  ? 18.148  -5.301  0.674   1.00 25.31 ? 27  HIS A CE1   1 
ATOM   200  N  NE2   . HIS A 1 27  ? 17.968  -4.247  1.446   1.00 24.74 ? 27  HIS A NE2   1 
ATOM   201  N  N     . PHE A 1 28  ? 16.555  -3.723  -3.730  1.00 25.27 ? 28  PHE A N     1 
ATOM   202  C  CA    . PHE A 1 28  ? 15.515  -4.683  -4.087  1.00 26.48 ? 28  PHE A CA    1 
ATOM   203  C  C     . PHE A 1 28  ? 15.847  -6.055  -3.523  1.00 29.08 ? 28  PHE A C     1 
ATOM   204  O  O     . PHE A 1 28  ? 16.936  -6.580  -3.750  1.00 30.38 ? 28  PHE A O     1 
ATOM   205  C  CB    . PHE A 1 28  ? 15.377  -4.772  -5.611  1.00 23.85 ? 28  PHE A CB    1 
ATOM   206  C  CG    . PHE A 1 28  ? 14.447  -5.856  -6.076  1.00 20.88 ? 28  PHE A CG    1 
ATOM   207  C  CD1   . PHE A 1 28  ? 13.114  -5.857  -5.698  1.00 20.84 ? 28  PHE A CD1   1 
ATOM   208  C  CD2   . PHE A 1 28  ? 14.898  -6.853  -6.935  1.00 21.92 ? 28  PHE A CD2   1 
ATOM   209  C  CE1   . PHE A 1 28  ? 12.241  -6.831  -6.172  1.00 20.75 ? 28  PHE A CE1   1 
ATOM   210  C  CE2   . PHE A 1 28  ? 14.033  -7.833  -7.417  1.00 21.77 ? 28  PHE A CE2   1 
ATOM   211  C  CZ    . PHE A 1 28  ? 12.700  -7.816  -7.036  1.00 20.99 ? 28  PHE A CZ    1 
ATOM   212  N  N     . VAL A 1 29  ? 14.886  -6.653  -2.833  1.00 31.94 ? 29  VAL A N     1 
ATOM   213  C  CA    . VAL A 1 29  ? 15.058  -8.004  -2.312  1.00 35.67 ? 29  VAL A CA    1 
ATOM   214  C  C     . VAL A 1 29  ? 14.470  -9.039  -3.266  1.00 37.75 ? 29  VAL A C     1 
ATOM   215  O  O     . VAL A 1 29  ? 13.263  -9.060  -3.513  1.00 36.29 ? 29  VAL A O     1 
ATOM   216  C  CB    . VAL A 1 29  ? 14.424  -8.153  -0.901  1.00 36.53 ? 29  VAL A CB    1 
ATOM   217  C  CG1   . VAL A 1 29  ? 15.283  -7.429  0.127   1.00 35.04 ? 29  VAL A CG1   1 
ATOM   218  C  CG2   . VAL A 1 29  ? 13.004  -7.592  -0.884  1.00 36.82 ? 29  VAL A CG2   1 
ATOM   219  N  N     . ASP A 1 30  ? 15.356  -9.818  -3.886  1.00 42.39 ? 30  ASP A N     1 
ATOM   220  C  CA    . ASP A 1 30  ? 14.961  -10.855 -4.839  1.00 46.68 ? 30  ASP A CA    1 
ATOM   221  C  C     . ASP A 1 30  ? 14.415  -12.107 -4.147  1.00 48.65 ? 30  ASP A C     1 
ATOM   222  O  O     . ASP A 1 30  ? 13.932  -13.032 -4.808  1.00 49.72 ? 30  ASP A O     1 
ATOM   223  C  CB    . ASP A 1 30  ? 16.149  -11.227 -5.736  1.00 49.42 ? 30  ASP A CB    1 
ATOM   224  C  CG    . ASP A 1 30  ? 15.741  -12.082 -6.931  1.00 52.41 ? 30  ASP A CG    1 
ATOM   225  O  OD1   . ASP A 1 30  ? 15.050  -11.561 -7.838  1.00 52.32 ? 30  ASP A OD1   1 
ATOM   226  O  OD2   . ASP A 1 30  ? 16.096  -13.283 -6.949  1.00 54.60 ? 30  ASP A OD2   1 
ATOM   227  N  N     . GLU A 1 31  ? 14.501  -12.135 -2.821  1.00 50.61 ? 31  GLU A N     1 
ATOM   228  C  CA    . GLU A 1 31  ? 13.824  -13.164 -2.038  1.00 54.25 ? 31  GLU A CA    1 
ATOM   229  C  C     . GLU A 1 31  ? 12.977  -12.560 -0.910  1.00 55.52 ? 31  GLU A C     1 
ATOM   230  O  O     . GLU A 1 31  ? 12.469  -11.429 -1.100  1.00 55.53 ? 31  GLU A O     1 
ATOM   231  C  CB    . GLU A 1 31  ? 14.844  -14.174 -1.483  1.00 55.45 ? 31  GLU A CB    1 
ATOM   232  C  CG    . GLU A 1 31  ? 15.707  -13.671 -0.337  1.00 56.96 ? 31  GLU A CG    1 
ATOM   233  C  CD    . GLU A 1 31  ? 16.671  -12.601 -0.768  1.00 57.59 ? 31  GLU A CD    1 
ATOM   234  O  OE1   . GLU A 1 31  ? 17.679  -12.946 -1.424  1.00 58.47 ? 31  GLU A OE1   1 
ATOM   235  O  OE2   . GLU A 1 31  ? 16.417  -11.417 -0.456  1.00 59.09 ? 31  GLU A OE2   1 
ATOM   236  N  N     . ASP A 1 38  ? 6.553   -7.029  10.495  1.00 36.61 ? 38  ASP A N     1 
ATOM   237  C  CA    . ASP A 1 38  ? 7.714   -6.088  10.472  1.00 34.12 ? 38  ASP A CA    1 
ATOM   238  C  C     . ASP A 1 38  ? 7.237   -4.640  10.470  1.00 30.98 ? 38  ASP A C     1 
ATOM   239  O  O     . ASP A 1 38  ? 6.344   -4.273  9.706   1.00 27.72 ? 38  ASP A O     1 
ATOM   240  C  CB    . ASP A 1 38  ? 8.581   -6.335  9.230   1.00 39.73 ? 38  ASP A CB    1 
ATOM   241  C  CG    . ASP A 1 38  ? 9.347   -7.646  9.294   1.00 43.69 ? 38  ASP A CG    1 
ATOM   242  O  OD1   . ASP A 1 38  ? 9.814   -8.019  10.392  1.00 49.00 ? 38  ASP A OD1   1 
ATOM   243  O  OD2   . ASP A 1 38  ? 9.513   -8.293  8.237   1.00 46.21 ? 38  ASP A OD2   1 
ATOM   244  N  N     . SER A 1 39  ? 7.818   -3.824  11.343  1.00 28.18 ? 39  SER A N     1 
ATOM   245  C  CA    . SER A 1 39  ? 7.565   -2.387  11.313  1.00 26.96 ? 39  SER A CA    1 
ATOM   246  C  C     . SER A 1 39  ? 8.871   -1.621  11.132  1.00 25.22 ? 39  SER A C     1 
ATOM   247  O  O     . SER A 1 39  ? 9.937   -2.088  11.532  1.00 25.22 ? 39  SER A O     1 
ATOM   248  C  CB    . SER A 1 39  ? 6.852   -1.938  12.588  1.00 28.35 ? 39  SER A CB    1 
ATOM   249  O  OG    . SER A 1 39  ? 7.557   -2.369  13.731  1.00 33.97 ? 39  SER A OG    1 
ATOM   250  N  N     . TYR A 1 40  ? 8.795   -0.518  10.397  1.00 21.82 ? 40  TYR A N     1 
ATOM   251  C  CA    . TYR A 1 40  ? 9.967   0.287   10.075  1.00 20.78 ? 40  TYR A CA    1 
ATOM   252  C  C     . TYR A 1 40  ? 9.695   1.742   10.442  1.00 18.70 ? 40  TYR A C     1 
ATOM   253  O  O     . TYR A 1 40  ? 8.592   2.247   10.234  1.00 18.55 ? 40  TYR A O     1 
ATOM   254  C  CB    . TYR A 1 40  ? 10.285  0.184   8.581   1.00 19.81 ? 40  TYR A CB    1 
ATOM   255  C  CG    . TYR A 1 40  ? 10.614  -1.209  8.109   1.00 19.67 ? 40  TYR A CG    1 
ATOM   256  C  CD1   . TYR A 1 40  ? 9.611   -2.077  7.690   1.00 20.21 ? 40  TYR A CD1   1 
ATOM   257  C  CD2   . TYR A 1 40  ? 11.930  -1.662  8.087   1.00 20.80 ? 40  TYR A CD2   1 
ATOM   258  C  CE1   . TYR A 1 40  ? 9.909   -3.372  7.264   1.00 22.11 ? 40  TYR A CE1   1 
ATOM   259  C  CE2   . TYR A 1 40  ? 12.240  -2.947  7.657   1.00 23.66 ? 40  TYR A CE2   1 
ATOM   260  C  CZ    . TYR A 1 40  ? 11.224  -3.798  7.248   1.00 22.43 ? 40  TYR A CZ    1 
ATOM   261  O  OH    . TYR A 1 40  ? 11.521  -5.064  6.822   1.00 21.97 ? 40  TYR A OH    1 
ATOM   262  N  N     . ARG A 1 41  ? 10.687  2.392   11.043  1.00 17.05 ? 41  ARG A N     1 
ATOM   263  C  CA    . ARG A 1 41  ? 10.553  3.790   11.429  1.00 16.90 ? 41  ARG A CA    1 
ATOM   264  C  C     . ARG A 1 41  ? 11.674  4.597   10.807  1.00 17.74 ? 41  ARG A C     1 
ATOM   265  O  O     . ARG A 1 41  ? 12.843  4.274   10.982  1.00 18.29 ? 41  ARG A O     1 
ATOM   266  C  CB    . ARG A 1 41  ? 10.599  3.930   12.949  1.00 18.44 ? 41  ARG A CB    1 
ATOM   267  C  CG    . ARG A 1 41  ? 9.309   3.528   13.642  1.00 18.57 ? 41  ARG A CG    1 
ATOM   268  C  CD    . ARG A 1 41  ? 9.514   3.329   15.137  1.00 21.61 ? 41  ARG A CD    1 
ATOM   269  N  NE    . ARG A 1 41  ? 9.816   4.576   15.832  1.00 23.98 ? 41  ARG A NE    1 
ATOM   270  C  CZ    . ARG A 1 41  ? 8.908   5.487   16.177  1.00 25.39 ? 41  ARG A CZ    1 
ATOM   271  N  NH1   . ARG A 1 41  ? 7.633   5.315   15.859  1.00 25.22 ? 41  ARG A NH1   1 
ATOM   272  N  NH2   . ARG A 1 41  ? 9.281   6.594   16.808  1.00 24.54 ? 41  ARG A NH2   1 
ATOM   273  N  N     . LYS A 1 42  ? 11.318  5.623   10.041  1.00 17.76 ? 42  LYS A N     1 
ATOM   274  C  CA    . LYS A 1 42  ? 12.325  6.441   9.378   1.00 18.94 ? 42  LYS A CA    1 
ATOM   275  C  C     . LYS A 1 42  ? 11.929  7.913   9.363   1.00 18.20 ? 42  LYS A C     1 
ATOM   276  O  O     . LYS A 1 42  ? 10.773  8.245   9.105   1.00 15.67 ? 42  LYS A O     1 
ATOM   277  C  CB    . LYS A 1 42  ? 12.552  5.949   7.946   1.00 21.13 ? 42  LYS A CB    1 
ATOM   278  C  CG    . LYS A 1 42  ? 13.950  6.226   7.415   1.00 26.75 ? 42  LYS A CG    1 
ATOM   279  C  CD    . LYS A 1 42  ? 13.974  6.187   5.897   1.00 33.19 ? 42  LYS A CD    1 
ATOM   280  C  CE    . LYS A 1 42  ? 15.322  6.640   5.344   1.00 36.36 ? 42  LYS A CE    1 
ATOM   281  N  NZ    . LYS A 1 42  ? 15.216  7.087   3.922   1.00 39.79 ? 42  LYS A NZ    1 
ATOM   282  N  N     . GLN A 1 43  ? 12.873  8.773   9.745   1.00 16.82 ? 43  GLN A N     1 
ATOM   283  C  CA    . GLN A 1 43  ? 12.696  10.216  9.634   1.00 17.19 ? 43  GLN A CA    1 
ATOM   284  C  C     . GLN A 1 43  ? 12.911  10.601  8.186   1.00 16.89 ? 43  GLN A C     1 
ATOM   285  O  O     . GLN A 1 43  ? 13.904  10.209  7.575   1.00 18.90 ? 43  GLN A O     1 
ATOM   286  C  CB    . GLN A 1 43  ? 13.719  10.962  10.496  1.00 19.15 ? 43  GLN A CB    1 
ATOM   287  C  CG    . GLN A 1 43  ? 13.700  10.621  11.971  1.00 19.69 ? 43  GLN A CG    1 
ATOM   288  C  CD    . GLN A 1 43  ? 14.956  11.102  12.680  1.00 24.51 ? 43  GLN A CD    1 
ATOM   289  O  OE1   . GLN A 1 43  ? 15.936  10.357  12.819  1.00 23.59 ? 43  GLN A OE1   1 
ATOM   290  N  NE2   . GLN A 1 43  ? 14.955  12.371  13.085  1.00 23.72 ? 43  GLN A NE2   1 
ATOM   291  N  N     . VAL A 1 44  ? 11.948  11.326  7.623   1.00 17.55 ? 44  VAL A N     1 
ATOM   292  C  CA    . VAL A 1 44  ? 12.063  11.853  6.266   1.00 16.02 ? 44  VAL A CA    1 
ATOM   293  C  C     . VAL A 1 44  ? 11.621  13.314  6.254   1.00 16.80 ? 44  VAL A C     1 
ATOM   294  O  O     . VAL A 1 44  ? 11.121  13.828  7.262   1.00 16.35 ? 44  VAL A O     1 
ATOM   295  C  CB    . VAL A 1 44  ? 11.160  11.086  5.276   1.00 17.34 ? 44  VAL A CB    1 
ATOM   296  C  CG1   . VAL A 1 44  ? 11.618  9.626   5.149   1.00 19.63 ? 44  VAL A CG1   1 
ATOM   297  C  CG2   . VAL A 1 44  ? 9.708   11.176  5.722   1.00 17.01 ? 44  VAL A CG2   1 
ATOM   298  N  N     . VAL A 1 45  ? 11.839  13.978  5.120   1.00 15.79 ? 45  VAL A N     1 
ATOM   299  C  CA    . VAL A 1 45  ? 11.227  15.277  4.849   1.00 15.36 ? 45  VAL A CA    1 
ATOM   300  C  C     . VAL A 1 45  ? 10.379  15.150  3.586   1.00 12.75 ? 45  VAL A C     1 
ATOM   301  O  O     . VAL A 1 45  ? 10.876  14.748  2.539   1.00 16.31 ? 45  VAL A O     1 
ATOM   302  C  CB    . VAL A 1 45  ? 12.292  16.388  4.627   1.00 17.68 ? 45  VAL A CB    1 
ATOM   303  C  CG1   . VAL A 1 45  ? 11.615  17.747  4.584   1.00 19.70 ? 45  VAL A CG1   1 
ATOM   304  C  CG2   . VAL A 1 45  ? 13.333  16.369  5.735   1.00 17.35 ? 45  VAL A CG2   1 
ATOM   305  N  N     . ILE A 1 46  ? 9.082   15.401  3.716   1.00 12.77 ? 46  ILE A N     1 
ATOM   306  C  CA    . ILE A 1 46  ? 8.160   15.334  2.583   1.00 12.08 ? 46  ILE A CA    1 
ATOM   307  C  C     . ILE A 1 46  ? 7.489   16.696  2.387   1.00 12.33 ? 46  ILE A C     1 
ATOM   308  O  O     . ILE A 1 46  ? 6.844   17.217  3.299   1.00 12.93 ? 46  ILE A O     1 
ATOM   309  C  CB    . ILE A 1 46  ? 7.081   14.229  2.810   1.00 15.15 ? 46  ILE A CB    1 
ATOM   310  C  CG1   . ILE A 1 46  ? 7.764   12.852  2.900   1.00 13.99 ? 46  ILE A CG1   1 
ATOM   311  C  CG2   . ILE A 1 46  ? 6.037   14.235  1.670   1.00 13.39 ? 46  ILE A CG2   1 
ATOM   312  C  CD1   . ILE A 1 46  ? 6.914   11.776  3.567   1.00 12.40 ? 46  ILE A CD1   1 
ATOM   313  N  N     . ASP A 1 47  ? 7.714   17.293  1.217   1.00 12.71 ? 47  ASP A N     1 
ATOM   314  C  CA    . ASP A 1 47  ? 7.259   18.648  0.908   1.00 12.49 ? 47  ASP A CA    1 
ATOM   315  C  C     . ASP A 1 47  ? 7.600   19.624  2.017   1.00 13.17 ? 47  ASP A C     1 
ATOM   316  O  O     . ASP A 1 47  ? 6.752   20.400  2.460   1.00 14.93 ? 47  ASP A O     1 
ATOM   317  C  CB    . ASP A 1 47  ? 5.754   18.671  0.647   1.00 13.21 ? 47  ASP A CB    1 
ATOM   318  C  CG    . ASP A 1 47  ? 5.331   17.634  -0.364  1.00 14.77 ? 47  ASP A CG    1 
ATOM   319  O  OD1   . ASP A 1 47  ? 5.979   17.537  -1.425  1.00 12.60 ? 47  ASP A OD1   1 
ATOM   320  O  OD2   . ASP A 1 47  ? 4.397   16.865  -0.060  1.00 17.96 ? 47  ASP A OD2   1 
ATOM   321  N  N     . GLY A 1 48  ? 8.826   19.517  2.513   1.00 13.93 ? 48  GLY A N     1 
ATOM   322  C  CA    . GLY A 1 48  ? 9.331   20.485  3.464   1.00 15.28 ? 48  GLY A CA    1 
ATOM   323  C  C     . GLY A 1 48  ? 8.977   20.168  4.898   1.00 15.72 ? 48  GLY A C     1 
ATOM   324  O  O     . GLY A 1 48  ? 9.496   20.805  5.812   1.00 17.44 ? 48  GLY A O     1 
ATOM   325  N  N     . GLU A 1 49  ? 8.054   19.232  5.099   1.00 15.74 ? 49  GLU A N     1 
ATOM   326  C  CA    . GLU A 1 49  ? 7.666   18.844  6.449   1.00 17.46 ? 49  GLU A CA    1 
ATOM   327  C  C     . GLU A 1 49  ? 8.560   17.728  6.961   1.00 18.70 ? 49  GLU A C     1 
ATOM   328  O  O     . GLU A 1 49  ? 8.705   16.684  6.316   1.00 17.24 ? 49  GLU A O     1 
ATOM   329  C  CB    . GLU A 1 49  ? 6.212   18.385  6.491   1.00 17.88 ? 49  GLU A CB    1 
ATOM   330  C  CG    . GLU A 1 49  ? 5.733   17.996  7.887   1.00 21.74 ? 49  GLU A CG    1 
ATOM   331  C  CD    . GLU A 1 49  ? 4.413   17.250  7.855   1.00 25.87 ? 49  GLU A CD    1 
ATOM   332  O  OE1   . GLU A 1 49  ? 4.319   16.227  7.141   1.00 26.53 ? 49  GLU A OE1   1 
ATOM   333  O  OE2   . GLU A 1 49  ? 3.457   17.702  8.520   1.00 31.03 ? 49  GLU A OE2   1 
ATOM   334  N  N     . THR A 1 50  ? 9.179   17.967  8.111   1.00 18.71 ? 50  THR A N     1 
ATOM   335  C  CA    . THR A 1 50  ? 9.952   16.933  8.784   1.00 19.95 ? 50  THR A CA    1 
ATOM   336  C  C     . THR A 1 50  ? 8.987   15.998  9.509   1.00 16.93 ? 50  THR A C     1 
ATOM   337  O  O     . THR A 1 50  ? 8.076   16.448  10.199  1.00 16.80 ? 50  THR A O     1 
ATOM   338  C  CB    . THR A 1 50  ? 10.956  17.561  9.779   1.00 21.71 ? 50  THR A CB    1 
ATOM   339  O  OG1   . THR A 1 50  ? 11.589  16.528  10.545  1.00 27.79 ? 50  THR A OG1   1 
ATOM   340  C  CG2   . THR A 1 50  ? 10.244  18.518  10.712  1.00 23.42 ? 50  THR A CG2   1 
ATOM   341  N  N     . CYS A 1 51  ? 9.074   14.709  9.217   1.00 15.02 ? 51  CYS A N     1 
ATOM   342  C  CA    . CYS A 1 51  ? 8.113   13.772  9.784   1.00 18.00 ? 51  CYS A CA    1 
ATOM   343  C  C     . CYS A 1 51  ? 8.685   12.371  9.902   1.00 16.82 ? 51  CYS A C     1 
ATOM   344  O  O     . CYS A 1 51  ? 9.719   12.058  9.311   1.00 16.61 ? 51  CYS A O     1 
ATOM   345  C  CB    . CYS A 1 51  ? 6.827   13.739  8.939   1.00 19.65 ? 51  CYS A CB    1 
ATOM   346  S  SG    . CYS A 1 51  ? 7.053   13.178  7.211   1.00 20.72 ? 51  CYS A SG    1 
ATOM   347  N  N     . LEU A 1 52  ? 7.995   11.534  10.668  1.00 16.99 ? 52  LEU A N     1 
ATOM   348  C  CA    . LEU A 1 52  ? 8.397   10.147  10.817  1.00 18.08 ? 52  LEU A CA    1 
ATOM   349  C  C     . LEU A 1 52  ? 7.377   9.192   10.194  1.00 17.74 ? 52  LEU A C     1 
ATOM   350  O  O     . LEU A 1 52  ? 6.194   9.210   10.544  1.00 18.26 ? 52  LEU A O     1 
ATOM   351  C  CB    . LEU A 1 52  ? 8.597   9.809   12.294  1.00 20.14 ? 52  LEU A CB    1 
ATOM   352  C  CG    . LEU A 1 52  ? 9.155   8.405   12.543  1.00 22.00 ? 52  LEU A CG    1 
ATOM   353  C  CD1   . LEU A 1 52  ? 10.560  8.499   13.099  1.00 23.89 ? 52  LEU A CD1   1 
ATOM   354  C  CD2   . LEU A 1 52  ? 8.236   7.668   13.495  1.00 25.39 ? 52  LEU A CD2   1 
ATOM   355  N  N     . LEU A 1 53  ? 7.846   8.408   9.228   1.00 16.40 ? 53  LEU A N     1 
ATOM   356  C  CA    . LEU A 1 53  ? 7.082   7.304   8.663   1.00 15.21 ? 53  LEU A CA    1 
ATOM   357  C  C     . LEU A 1 53  ? 7.205   6.089   9.576   1.00 15.98 ? 53  LEU A C     1 
ATOM   358  O  O     . LEU A 1 53  ? 8.309   5.628   9.851   1.00 14.87 ? 53  LEU A O     1 
ATOM   359  C  CB    . LEU A 1 53  ? 7.619   6.963   7.268   1.00 15.50 ? 53  LEU A CB    1 
ATOM   360  C  CG    . LEU A 1 53  ? 6.961   7.550   6.003   1.00 20.80 ? 53  LEU A CG    1 
ATOM   361  C  CD1   . LEU A 1 53  ? 6.265   8.873   6.282   1.00 17.98 ? 53  LEU A CD1   1 
ATOM   362  C  CD2   . LEU A 1 53  ? 8.012   7.714   4.922   1.00 17.60 ? 53  LEU A CD2   1 
ATOM   363  N  N     . ASP A 1 54  ? 6.077   5.661   10.139  1.00 16.30 ? 54  ASP A N     1 
ATOM   364  C  CA    . ASP A 1 54  ? 6.012   4.422   10.914  1.00 18.29 ? 54  ASP A CA    1 
ATOM   365  C  C     . ASP A 1 54  ? 5.208   3.412   10.102  1.00 17.30 ? 54  ASP A C     1 
ATOM   366  O  O     . ASP A 1 54  ? 3.985   3.478   10.051  1.00 17.27 ? 54  ASP A O     1 
ATOM   367  C  CB    . ASP A 1 54  ? 5.328   4.671   12.261  1.00 21.21 ? 54  ASP A CB    1 
ATOM   368  C  CG    . ASP A 1 54  ? 5.456   3.492   13.217  1.00 25.32 ? 54  ASP A CG    1 
ATOM   369  O  OD1   . ASP A 1 54  ? 5.627   2.347   12.752  1.00 28.14 ? 54  ASP A OD1   1 
ATOM   370  O  OD2   . ASP A 1 54  ? 5.360   3.706   14.445  1.00 30.23 ? 54  ASP A OD2   1 
ATOM   371  N  N     . ILE A 1 55  ? 5.912   2.506   9.434   1.00 17.58 ? 55  ILE A N     1 
ATOM   372  C  CA    . ILE A 1 55  ? 5.286   1.642   8.444   1.00 16.61 ? 55  ILE A CA    1 
ATOM   373  C  C     . ILE A 1 55  ? 5.182   0.206   8.943   1.00 16.22 ? 55  ILE A C     1 
ATOM   374  O  O     . ILE A 1 55  ? 6.176   -0.391  9.367   1.00 14.61 ? 55  ILE A O     1 
ATOM   375  C  CB    . ILE A 1 55  ? 6.080   1.645   7.128   1.00 18.35 ? 55  ILE A CB    1 
ATOM   376  C  CG1   . ILE A 1 55  ? 6.237   3.082   6.616   1.00 19.19 ? 55  ILE A CG1   1 
ATOM   377  C  CG2   . ILE A 1 55  ? 5.366   0.794   6.087   1.00 18.41 ? 55  ILE A CG2   1 
ATOM   378  C  CD1   . ILE A 1 55  ? 7.282   3.227   5.534   1.00 20.17 ? 55  ILE A CD1   1 
ATOM   379  N  N     . LEU A 1 56  ? 3.985   -0.356  8.820   1.00 13.76 ? 56  LEU A N     1 
ATOM   380  C  CA    . LEU A 1 56  ? 3.765   -1.754  9.151   1.00 13.60 ? 56  LEU A CA    1 
ATOM   381  C  C     . LEU A 1 56  ? 3.681   -2.564  7.878   1.00 13.54 ? 56  LEU A C     1 
ATOM   382  O  O     . LEU A 1 56  ? 2.793   -2.351  7.049   1.00 13.94 ? 56  LEU A O     1 
ATOM   383  C  CB    . LEU A 1 56  ? 2.478   -1.916  9.949   1.00 13.07 ? 56  LEU A CB    1 
ATOM   384  C  CG    . LEU A 1 56  ? 2.210   -3.329  10.465  1.00 17.23 ? 56  LEU A CG    1 
ATOM   385  C  CD1   . LEU A 1 56  ? 3.242   -3.698  11.516  1.00 20.68 ? 56  LEU A CD1   1 
ATOM   386  C  CD2   . LEU A 1 56  ? 0.832   -3.373  11.056  1.00 16.73 ? 56  LEU A CD2   1 
ATOM   387  N  N     . ASP A 1 57  ? 4.647   -3.462  7.708   1.00 14.00 ? 57  ASP A N     1 
ATOM   388  C  CA    . ASP A 1 57  ? 4.679   -4.357  6.562   1.00 14.45 ? 57  ASP A CA    1 
ATOM   389  C  C     . ASP A 1 57  ? 4.064   -5.694  6.971   1.00 16.90 ? 57  ASP A C     1 
ATOM   390  O  O     . ASP A 1 57  ? 4.739   -6.527  7.580   1.00 18.70 ? 57  ASP A O     1 
ATOM   391  C  CB    . ASP A 1 57  ? 6.126   -4.545  6.117   1.00 13.23 ? 57  ASP A CB    1 
ATOM   392  C  CG    . ASP A 1 57  ? 6.282   -5.619  5.069   1.00 15.10 ? 57  ASP A CG    1 
ATOM   393  O  OD1   . ASP A 1 57  ? 5.368   -5.807  4.245   1.00 16.07 ? 57  ASP A OD1   1 
ATOM   394  O  OD2   . ASP A 1 57  ? 7.338   -6.267  5.061   1.00 15.09 ? 57  ASP A OD2   1 
ATOM   395  N  N     . THR A 1 58  ? 2.800   -5.900  6.601   1.00 15.67 ? 58  THR A N     1 
ATOM   396  C  CA    . THR A 1 58  ? 1.986   -6.989  7.153   1.00 16.50 ? 58  THR A CA    1 
ATOM   397  C  C     . THR A 1 58  ? 2.289   -8.351  6.526   1.00 18.40 ? 58  THR A C     1 
ATOM   398  O  O     . THR A 1 58  ? 2.713   -8.438  5.378   1.00 16.73 ? 58  THR A O     1 
ATOM   399  C  CB    . THR A 1 58  ? 0.474   -6.701  6.984   1.00 14.50 ? 58  THR A CB    1 
ATOM   400  O  OG1   . THR A 1 58  ? 0.153   -6.625  5.594   1.00 13.36 ? 58  THR A OG1   1 
ATOM   401  C  CG2   . THR A 1 58  ? 0.102   -5.395  7.633   1.00 12.69 ? 58  THR A CG2   1 
ATOM   402  N  N     . ALA A 1 59  ? 1.996   -9.417  7.264   1.00 23.23 ? 59  ALA A N     1 
ATOM   403  C  CA    . ALA A 1 59  ? 2.146   -10.776 6.747   1.00 25.28 ? 59  ALA A CA    1 
ATOM   404  C  C     . ALA A 1 59  ? 1.124   -11.062 5.642   1.00 27.02 ? 59  ALA A C     1 
ATOM   405  O  O     . ALA A 1 59  ? 0.040   -10.480 5.617   1.00 25.97 ? 59  ALA A O     1 
ATOM   406  C  CB    . ALA A 1 59  ? 1.994   -11.783 7.880   1.00 26.83 ? 59  ALA A CB    1 
ATOM   407  N  N     . GLY A 1 60  ? 1.481   -11.955 4.724   1.00 28.96 ? 60  GLY A N     1 
ATOM   408  C  CA    . GLY A 1 60  ? 0.639   -12.193 3.563   1.00 32.26 ? 60  GLY A CA    1 
ATOM   409  C  C     . GLY A 1 60  ? -0.508  -13.143 3.849   1.00 35.90 ? 60  GLY A C     1 
ATOM   410  O  O     . GLY A 1 60  ? -1.525  -13.145 3.146   1.00 34.80 ? 60  GLY A O     1 
ATOM   411  N  N     . GLN A 1 61  ? -0.327  -13.977 4.870   1.00 37.41 ? 61  GLN A N     1 
ATOM   412  C  CA    . GLN A 1 61  ? -1.367  -14.887 5.324   1.00 40.88 ? 61  GLN A CA    1 
ATOM   413  C  C     . GLN A 1 61  ? -1.607  -14.597 6.794   1.00 43.15 ? 61  GLN A C     1 
ATOM   414  O  O     . GLN A 1 61  ? -0.706  -14.135 7.495   1.00 44.08 ? 61  GLN A O     1 
ATOM   415  C  CB    . GLN A 1 61  ? -0.921  -16.340 5.145   1.00 41.90 ? 61  GLN A CB    1 
ATOM   416  C  CG    . GLN A 1 61  ? -0.058  -16.595 3.915   1.00 43.16 ? 61  GLN A CG    1 
ATOM   417  C  CD    . GLN A 1 61  ? -0.117  -18.035 3.457   1.00 45.99 ? 61  GLN A CD    1 
ATOM   418  O  OE1   . GLN A 1 61  ? 0.527   -18.913 4.036   1.00 47.75 ? 61  GLN A OE1   1 
ATOM   419  N  NE2   . GLN A 1 61  ? -0.904  -18.292 2.420   1.00 47.90 ? 61  GLN A NE2   1 
ATOM   420  N  N     . GLU A 1 62  ? -2.816  -14.869 7.269   1.00 46.24 ? 62  GLU A N     1 
ATOM   421  C  CA    . GLU A 1 62  ? -3.179  -14.473 8.623   1.00 49.21 ? 62  GLU A CA    1 
ATOM   422  C  C     . GLU A 1 62  ? -3.962  -15.529 9.385   1.00 49.93 ? 62  GLU A C     1 
ATOM   423  O  O     . GLU A 1 62  ? -3.738  -15.725 10.580  1.00 51.17 ? 62  GLU A O     1 
ATOM   424  C  CB    . GLU A 1 62  ? -3.983  -13.172 8.587   1.00 50.40 ? 62  GLU A CB    1 
ATOM   425  C  CG    . GLU A 1 62  ? -3.936  -12.382 9.875   1.00 50.74 ? 62  GLU A CG    1 
ATOM   426  C  CD    . GLU A 1 62  ? -2.607  -11.691 10.082  1.00 51.36 ? 62  GLU A CD    1 
ATOM   427  O  OE1   . GLU A 1 62  ? -2.441  -10.554 9.588   1.00 51.66 ? 62  GLU A OE1   1 
ATOM   428  O  OE2   . GLU A 1 62  ? -1.728  -12.283 10.742  1.00 52.16 ? 62  GLU A OE2   1 
ATOM   429  N  N     . GLU A 1 63  ? -4.956  -16.120 8.725   1.00 51.25 ? 63  GLU A N     1 
ATOM   430  C  CA    . GLU A 1 63  ? -5.923  -16.952 9.426   1.00 53.70 ? 63  GLU A CA    1 
ATOM   431  C  C     . GLU A 1 63  ? -6.683  -16.164 10.482  1.00 54.52 ? 63  GLU A C     1 
ATOM   432  O  O     . GLU A 1 63  ? -7.378  -16.735 11.328  1.00 54.71 ? 63  GLU A O     1 
ATOM   433  N  N     . TYR A 1 64  ? -6.549  -14.841 10.425  1.00 54.62 ? 64  TYR A N     1 
ATOM   434  C  CA    . TYR A 1 64  ? -7.112  -13.991 11.451  1.00 52.54 ? 64  TYR A CA    1 
ATOM   435  C  C     . TYR A 1 64  ? -8.329  -13.253 10.959  1.00 52.31 ? 64  TYR A C     1 
ATOM   436  O  O     . TYR A 1 64  ? -9.432  -13.791 10.994  1.00 53.80 ? 64  TYR A O     1 
ATOM   437  N  N     . SER A 1 65  ? -8.101  -12.059 10.414  1.00 52.20 ? 65  SER A N     1 
ATOM   438  C  CA    . SER A 1 65  ? -9.142  -11.052 10.200  1.00 50.92 ? 65  SER A CA    1 
ATOM   439  C  C     . SER A 1 65  ? -9.554  -10.400 11.519  1.00 49.83 ? 65  SER A C     1 
ATOM   440  O  O     . SER A 1 65  ? -10.199 -9.357  11.517  1.00 50.92 ? 65  SER A O     1 
ATOM   441  C  CB    . SER A 1 65  ? -10.364 -11.648 9.473   1.00 50.99 ? 65  SER A CB    1 
ATOM   442  O  OG    . SER A 1 65  ? -11.514 -11.689 10.305  1.00 50.99 ? 65  SER A OG    1 
ATOM   443  N  N     . ALA A 1 66  ? -9.242  -11.061 12.631  1.00 48.15 ? 66  ALA A N     1 
ATOM   444  C  CA    . ALA A 1 66  ? -9.249  -10.425 13.942  1.00 47.34 ? 66  ALA A CA    1 
ATOM   445  C  C     . ALA A 1 66  ? -7.796  -10.132 14.318  1.00 46.39 ? 66  ALA A C     1 
ATOM   446  O  O     . ALA A 1 66  ? -7.505  -9.261  15.148  1.00 46.42 ? 66  ALA A O     1 
ATOM   447  C  CB    . ALA A 1 66  ? -9.900  -11.350 14.974  1.00 47.34 ? 66  ALA A CB    1 
ATOM   448  N  N     . MET A 1 67  ? -6.884  -10.858 13.678  1.00 44.27 ? 67  MET A N     1 
ATOM   449  C  CA    . MET A 1 67  ? -5.467  -10.549 13.770  1.00 42.42 ? 67  MET A CA    1 
ATOM   450  C  C     . MET A 1 67  ? -5.137  -9.312  12.924  1.00 39.54 ? 67  MET A C     1 
ATOM   451  O  O     . MET A 1 67  ? -4.189  -8.578  13.218  1.00 40.25 ? 67  MET A O     1 
ATOM   452  C  CB    . MET A 1 67  ? -4.645  -11.753 13.309  1.00 45.05 ? 67  MET A CB    1 
ATOM   453  C  CG    . MET A 1 67  ? -4.986  -13.047 14.041  1.00 47.95 ? 67  MET A CG    1 
ATOM   454  S  SD    . MET A 1 67  ? -5.480  -12.771 15.765  1.00 53.09 ? 67  MET A SD    1 
ATOM   455  C  CE    . MET A 1 67  ? -6.337  -14.342 16.168  1.00 53.10 ? 67  MET A CE    1 
ATOM   456  N  N     . ARG A 1 68  ? -5.962  -9.053  11.911  1.00 35.17 ? 68  ARG A N     1 
ATOM   457  C  CA    . ARG A 1 68  ? -5.818  -7.855  11.092  1.00 32.40 ? 68  ARG A CA    1 
ATOM   458  C  C     . ARG A 1 68  ? -6.494  -6.650  11.741  1.00 30.72 ? 68  ARG A C     1 
ATOM   459  O  O     . ARG A 1 68  ? -6.040  -5.520  11.578  1.00 30.09 ? 68  ARG A O     1 
ATOM   460  C  CB    . ARG A 1 68  ? -6.410  -8.076  9.697   1.00 32.48 ? 68  ARG A CB    1 
ATOM   461  C  CG    . ARG A 1 68  ? -5.629  -9.035  8.823   1.00 34.88 ? 68  ARG A CG    1 
ATOM   462  C  CD    . ARG A 1 68  ? -6.209  -9.088  7.414   1.00 39.02 ? 68  ARG A CD    1 
ATOM   463  N  NE    . ARG A 1 68  ? -6.653  -10.431 7.042   1.00 41.94 ? 68  ARG A NE    1 
ATOM   464  C  CZ    . ARG A 1 68  ? -5.939  -11.285 6.310   1.00 43.91 ? 68  ARG A CZ    1 
ATOM   465  N  NH1   . ARG A 1 68  ? -4.709  -10.976 5.918   1.00 45.00 ? 68  ARG A NH1   1 
ATOM   466  N  NH2   . ARG A 1 68  ? -6.439  -12.476 6.007   1.00 46.73 ? 68  ARG A NH2   1 
ATOM   467  N  N     . ASP A 1 69  ? -7.560  -6.893  12.501  1.00 28.52 ? 69  ASP A N     1 
ATOM   468  C  CA    . ASP A 1 69  ? -8.354  -5.803  13.073  1.00 27.21 ? 69  ASP A CA    1 
ATOM   469  C  C     . ASP A 1 69  ? -7.510  -4.921  13.975  1.00 26.81 ? 69  ASP A C     1 
ATOM   470  O  O     . ASP A 1 69  ? -7.715  -3.706  14.043  1.00 23.72 ? 69  ASP A O     1 
ATOM   471  C  CB    . ASP A 1 69  ? -9.535  -6.357  13.868  1.00 27.04 ? 69  ASP A CB    1 
ATOM   472  C  CG    . ASP A 1 69  ? -10.680 -6.801  12.983  1.00 29.62 ? 69  ASP A CG    1 
ATOM   473  O  OD1   . ASP A 1 69  ? -10.537 -6.761  11.741  1.00 33.02 ? 69  ASP A OD1   1 
ATOM   474  O  OD2   . ASP A 1 69  ? -11.735 -7.179  13.527  1.00 29.81 ? 69  ASP A OD2   1 
ATOM   475  N  N     . GLN A 1 70  ? -6.515  -5.534  14.606  1.00 26.81 ? 70  GLN A N     1 
ATOM   476  C  CA    . GLN A 1 70  ? -5.637  -4.830  15.527  1.00 28.11 ? 70  GLN A CA    1 
ATOM   477  C  C     . GLN A 1 70  ? -4.796  -3.758  14.831  1.00 27.30 ? 70  GLN A C     1 
ATOM   478  O  O     . GLN A 1 70  ? -4.746  -2.614  15.285  1.00 27.55 ? 70  GLN A O     1 
ATOM   479  C  CB    . GLN A 1 70  ? -4.723  -5.821  16.240  1.00 30.00 ? 70  GLN A CB    1 
ATOM   480  C  CG    . GLN A 1 70  ? -4.654  -5.612  17.741  1.00 34.78 ? 70  GLN A CG    1 
ATOM   481  C  CD    . GLN A 1 70  ? -3.314  -5.998  18.312  1.00 38.11 ? 70  GLN A CD    1 
ATOM   482  O  OE1   . GLN A 1 70  ? -2.601  -6.831  17.748  1.00 41.11 ? 70  GLN A OE1   1 
ATOM   483  N  NE2   . GLN A 1 70  ? -2.939  -5.364  19.415  1.00 40.34 ? 70  GLN A NE2   1 
ATOM   484  N  N     . TYR A 1 71  ? -4.167  -4.115  13.715  1.00 25.76 ? 71  TYR A N     1 
ATOM   485  C  CA    . TYR A 1 71  ? -3.313  -3.164  13.017  1.00 24.77 ? 71  TYR A CA    1 
ATOM   486  C  C     . TYR A 1 71  ? -4.047  -2.233  12.054  1.00 24.78 ? 71  TYR A C     1 
ATOM   487  O  O     . TYR A 1 71  ? -3.581  -1.122  11.793  1.00 26.31 ? 71  TYR A O     1 
ATOM   488  C  CB    . TYR A 1 71  ? -2.166  -3.885  12.306  1.00 24.85 ? 71  TYR A CB    1 
ATOM   489  C  CG    . TYR A 1 71  ? -2.551  -4.778  11.150  1.00 24.53 ? 71  TYR A CG    1 
ATOM   490  C  CD1   . TYR A 1 71  ? -3.071  -4.243  9.973   1.00 24.56 ? 71  TYR A CD1   1 
ATOM   491  C  CD2   . TYR A 1 71  ? -2.260  -6.141  11.179  1.00 26.32 ? 71  TYR A CD2   1 
ATOM   492  C  CE1   . TYR A 1 71  ? -3.284  -5.034  8.855   1.00 24.76 ? 71  TYR A CE1   1 
ATOM   493  C  CE2   . TYR A 1 71  ? -2.459  -6.940  10.055  1.00 26.41 ? 71  TYR A CE2   1 
ATOM   494  C  CZ    . TYR A 1 71  ? -2.969  -6.375  8.897   1.00 24.58 ? 71  TYR A CZ    1 
ATOM   495  O  OH    . TYR A 1 71  ? -3.132  -7.140  7.768   1.00 27.01 ? 71  TYR A OH    1 
ATOM   496  N  N     . MET A 1 72  ? -5.232  -2.635  11.604  1.00 22.74 ? 72  MET A N     1 
ATOM   497  C  CA    . MET A 1 72  ? -6.061  -1.752  10.788  1.00 23.09 ? 72  MET A CA    1 
ATOM   498  C  C     . MET A 1 72  ? -6.704  -0.650  11.624  1.00 24.15 ? 72  MET A C     1 
ATOM   499  O  O     . MET A 1 72  ? -7.006  0.438   11.121  1.00 23.67 ? 72  MET A O     1 
ATOM   500  C  CB    . MET A 1 72  ? -7.142  -2.549  10.074  1.00 20.47 ? 72  MET A CB    1 
ATOM   501  C  CG    . MET A 1 72  ? -6.606  -3.485  9.016   1.00 21.81 ? 72  MET A CG    1 
ATOM   502  S  SD    . MET A 1 72  ? -7.925  -4.397  8.221   1.00 21.61 ? 72  MET A SD    1 
ATOM   503  C  CE    . MET A 1 72  ? -7.022  -5.131  6.895   1.00 20.91 ? 72  MET A CE    1 
ATOM   504  N  N     . ARG A 1 73  ? -6.870  -0.931  12.912  1.00 23.83 ? 73  ARG A N     1 
ATOM   505  C  CA    . ARG A 1 73  ? -7.466  0.008   13.854  1.00 25.10 ? 73  ARG A CA    1 
ATOM   506  C  C     . ARG A 1 73  ? -6.572  1.237   14.040  1.00 24.05 ? 73  ARG A C     1 
ATOM   507  O  O     . ARG A 1 73  ? -7.042  2.374   13.976  1.00 24.46 ? 73  ARG A O     1 
ATOM   508  C  CB    . ARG A 1 73  ? -7.676  -0.699  15.195  1.00 26.49 ? 73  ARG A CB    1 
ATOM   509  C  CG    . ARG A 1 73  ? -8.537  0.045   16.188  1.00 31.05 ? 73  ARG A CG    1 
ATOM   510  C  CD    . ARG A 1 73  ? -9.084  -0.904  17.251  1.00 33.72 ? 73  ARG A CD    1 
ATOM   511  N  NE    . ARG A 1 73  ? -10.284 -1.599  16.785  1.00 36.48 ? 73  ARG A NE    1 
ATOM   512  C  CZ    . ARG A 1 73  ? -10.395 -2.921  16.664  1.00 35.98 ? 73  ARG A CZ    1 
ATOM   513  N  NH1   . ARG A 1 73  ? -9.394  -3.718  17.032  1.00 35.76 ? 73  ARG A NH1   1 
ATOM   514  N  NH2   . ARG A 1 73  ? -11.522 -3.448  16.198  1.00 34.16 ? 73  ARG A NH2   1 
ATOM   515  N  N     . THR A 1 74  ? -5.268  0.997   14.131  1.00 23.22 ? 74  THR A N     1 
ATOM   516  C  CA    . THR A 1 74  ? -4.307  2.038   14.475  1.00 24.00 ? 74  THR A CA    1 
ATOM   517  C  C     . THR A 1 74  ? -3.665  2.721   13.264  1.00 22.76 ? 74  THR A C     1 
ATOM   518  O  O     . THR A 1 74  ? -3.101  3.810   13.392  1.00 19.52 ? 74  THR A O     1 
ATOM   519  C  CB    . THR A 1 74  ? -3.200  1.461   15.350  1.00 25.58 ? 74  THR A CB    1 
ATOM   520  O  OG1   . THR A 1 74  ? -2.694  0.266   14.741  1.00 28.92 ? 74  THR A OG1   1 
ATOM   521  C  CG2   . THR A 1 74  ? -3.748  1.123   16.719  1.00 27.14 ? 74  THR A CG2   1 
ATOM   522  N  N     . GLY A 1 75  ? -3.733  2.066   12.103  1.00 19.83 ? 75  GLY A N     1 
ATOM   523  C  CA    . GLY A 1 75  ? -3.196  2.651   10.883  1.00 18.11 ? 75  GLY A CA    1 
ATOM   524  C  C     . GLY A 1 75  ? -3.984  3.863   10.435  1.00 16.78 ? 75  GLY A C     1 
ATOM   525  O  O     . GLY A 1 75  ? -5.208  3.896   10.557  1.00 16.05 ? 75  GLY A O     1 
ATOM   526  N  N     . GLU A 1 76  ? -3.278  4.886   9.952   1.00 15.79 ? 76  GLU A N     1 
ATOM   527  C  CA    . GLU A 1 76  ? -3.917  6.112   9.472   1.00 14.78 ? 76  GLU A CA    1 
ATOM   528  C  C     . GLU A 1 76  ? -4.153  6.086   7.966   1.00 13.98 ? 76  GLU A C     1 
ATOM   529  O  O     . GLU A 1 76  ? -5.068  6.732   7.466   1.00 17.32 ? 76  GLU A O     1 
ATOM   530  C  CB    . GLU A 1 76  ? -3.057  7.325   9.821   1.00 15.14 ? 76  GLU A CB    1 
ATOM   531  C  CG    . GLU A 1 76  ? -3.020  7.664   11.294  1.00 15.76 ? 76  GLU A CG    1 
ATOM   532  C  CD    . GLU A 1 76  ? -2.102  8.828   11.574  1.00 19.20 ? 76  GLU A CD    1 
ATOM   533  O  OE1   . GLU A 1 76  ? -2.560  9.987   11.469  1.00 21.26 ? 76  GLU A OE1   1 
ATOM   534  O  OE2   . GLU A 1 76  ? -0.902  8.589   11.814  1.00 19.65 ? 76  GLU A OE2   1 
ATOM   535  N  N     . GLY A 1 77  ? -3.271  5.406   7.242   1.00 12.41 ? 77  GLY A N     1 
ATOM   536  C  CA    . GLY A 1 77  ? -3.432  5.273   5.808   1.00 10.11 ? 77  GLY A CA    1 
ATOM   537  C  C     . GLY A 1 77  ? -2.916  3.928   5.349   1.00 9.54  ? 77  GLY A C     1 
ATOM   538  O  O     . GLY A 1 77  ? -2.034  3.349   5.982   1.00 10.28 ? 77  GLY A O     1 
ATOM   539  N  N     . PHE A 1 78  ? -3.451  3.430   4.241   1.00 9.53  ? 78  PHE A N     1 
ATOM   540  C  CA    . PHE A 1 78  ? -3.159  2.068   3.814   1.00 9.51  ? 78  PHE A CA    1 
ATOM   541  C  C     . PHE A 1 78  ? -2.679  2.032   2.377   1.00 9.99  ? 78  PHE A C     1 
ATOM   542  O  O     . PHE A 1 78  ? -3.268  2.676   1.502   1.00 9.67  ? 78  PHE A O     1 
ATOM   543  C  CB    . PHE A 1 78  ? -4.411  1.191   3.963   1.00 11.20 ? 78  PHE A CB    1 
ATOM   544  C  CG    . PHE A 1 78  ? -4.938  1.120   5.372   1.00 12.23 ? 78  PHE A CG    1 
ATOM   545  C  CD1   . PHE A 1 78  ? -5.648  2.188   5.920   1.00 15.75 ? 78  PHE A CD1   1 
ATOM   546  C  CD2   . PHE A 1 78  ? -4.641  0.030   6.182   1.00 12.96 ? 78  PHE A CD2   1 
ATOM   547  C  CE1   . PHE A 1 78  ? -6.044  2.178   7.261   1.00 14.83 ? 78  PHE A CE1   1 
ATOM   548  C  CE2   . PHE A 1 78  ? -5.030  0.009   7.515   1.00 11.10 ? 78  PHE A CE2   1 
ATOM   549  C  CZ    . PHE A 1 78  ? -5.731  1.087   8.055   1.00 12.05 ? 78  PHE A CZ    1 
ATOM   550  N  N     . LEU A 1 79  ? -1.589  1.308   2.141   1.00 9.18  ? 79  LEU A N     1 
ATOM   551  C  CA    . LEU A 1 79  ? -1.199  0.951   0.779   1.00 10.98 ? 79  LEU A CA    1 
ATOM   552  C  C     . LEU A 1 79  ? -1.824  -0.398  0.476   1.00 11.43 ? 79  LEU A C     1 
ATOM   553  O  O     . LEU A 1 79  ? -1.501  -1.385  1.132   1.00 14.28 ? 79  LEU A O     1 
ATOM   554  C  CB    . LEU A 1 79  ? 0.318   0.823   0.643   1.00 11.57 ? 79  LEU A CB    1 
ATOM   555  C  CG    . LEU A 1 79  ? 1.191   2.030   0.308   1.00 16.38 ? 79  LEU A CG    1 
ATOM   556  C  CD1   . LEU A 1 79  ? 2.447   1.507   -0.384  1.00 16.85 ? 79  LEU A CD1   1 
ATOM   557  C  CD2   . LEU A 1 79  ? 0.460   3.019   -0.579  1.00 14.25 ? 79  LEU A CD2   1 
ATOM   558  N  N     . CYS A 1 80  ? -2.769  -0.426  -0.454  1.00 11.76 ? 80  CYS A N     1 
ATOM   559  C  CA    . CYS A 1 80  ? -3.385  -1.682  -0.853  1.00 12.27 ? 80  CYS A CA    1 
ATOM   560  C  C     . CYS A 1 80  ? -2.721  -2.159  -2.125  1.00 11.41 ? 80  CYS A C     1 
ATOM   561  O  O     . CYS A 1 80  ? -2.937  -1.593  -3.189  1.00 11.68 ? 80  CYS A O     1 
ATOM   562  C  CB    . CYS A 1 80  ? -4.885  -1.496  -1.076  1.00 14.06 ? 80  CYS A CB    1 
ATOM   563  S  SG    . CYS A 1 80  ? -5.800  -1.192  0.450   1.00 17.71 ? 80  CYS A SG    1 
ATOM   564  N  N     . VAL A 1 81  ? -1.909  -3.204  -1.996  1.00 9.95  ? 81  VAL A N     1 
ATOM   565  C  CA    . VAL A 1 81  ? -1.012  -3.623  -3.061  1.00 9.23  ? 81  VAL A CA    1 
ATOM   566  C  C     . VAL A 1 81  ? -1.512  -4.892  -3.740  1.00 10.57 ? 81  VAL A C     1 
ATOM   567  O  O     . VAL A 1 81  ? -1.899  -5.846  -3.065  1.00 12.01 ? 81  VAL A O     1 
ATOM   568  C  CB    . VAL A 1 81  ? 0.398   -3.887  -2.508  1.00 8.66  ? 81  VAL A CB    1 
ATOM   569  C  CG1   . VAL A 1 81  ? 1.353   -4.240  -3.643  1.00 11.23 ? 81  VAL A CG1   1 
ATOM   570  C  CG2   . VAL A 1 81  ? 0.897   -2.661  -1.756  1.00 10.29 ? 81  VAL A CG2   1 
ATOM   571  N  N     . PHE A 1 82  ? -1.573  -4.865  -5.069  1.00 10.50 ? 82  PHE A N     1 
ATOM   572  C  CA    . PHE A 1 82  ? -1.688  -6.094  -5.855  1.00 12.13 ? 82  PHE A CA    1 
ATOM   573  C  C     . PHE A 1 82  ? -0.560  -6.145  -6.883  1.00 11.62 ? 82  PHE A C     1 
ATOM   574  O  O     . PHE A 1 82  ? 0.226   -5.201  -7.000  1.00 10.38 ? 82  PHE A O     1 
ATOM   575  C  CB    . PHE A 1 82  ? -3.067  -6.189  -6.542  1.00 10.28 ? 82  PHE A CB    1 
ATOM   576  C  CG    . PHE A 1 82  ? -3.275  -5.191  -7.652  1.00 11.20 ? 82  PHE A CG    1 
ATOM   577  C  CD1   . PHE A 1 82  ? -3.650  -3.878  -7.369  1.00 10.77 ? 82  PHE A CD1   1 
ATOM   578  C  CD2   . PHE A 1 82  ? -3.053  -5.552  -8.978  1.00 11.29 ? 82  PHE A CD2   1 
ATOM   579  C  CE1   . PHE A 1 82  ? -3.792  -2.936  -8.388  1.00 11.35 ? 82  PHE A CE1   1 
ATOM   580  C  CE2   . PHE A 1 82  ? -3.187  -4.626  -10.003 1.00 12.08 ? 82  PHE A CE2   1 
ATOM   581  C  CZ    . PHE A 1 82  ? -3.560  -3.307  -9.705  1.00 12.57 ? 82  PHE A CZ    1 
ATOM   582  N  N     . ALA A 1 83  ? -0.403  -7.300  -7.519  1.00 9.53  ? 83  ALA A N     1 
ATOM   583  C  CA    . ALA A 1 83  ? 0.602   -7.481  -8.558  1.00 10.34 ? 83  ALA A CA    1 
ATOM   584  C  C     . ALA A 1 83  ? -0.054  -7.614  -9.940  1.00 11.39 ? 83  ALA A C     1 
ATOM   585  O  O     . ALA A 1 83  ? -1.025  -8.360  -10.114 1.00 11.81 ? 83  ALA A O     1 
ATOM   586  C  CB    . ALA A 1 83  ? 1.456   -8.710  -8.241  1.00 11.15 ? 83  ALA A CB    1 
ATOM   587  N  N     . ILE A 1 84  ? 0.465   -6.874  -10.916 1.00 12.29 ? 84  ILE A N     1 
ATOM   588  C  CA    . ILE A 1 84  ? -0.183  -6.765  -12.226 1.00 16.10 ? 84  ILE A CA    1 
ATOM   589  C  C     . ILE A 1 84  ? -0.121  -8.056  -13.051 1.00 17.37 ? 84  ILE A C     1 
ATOM   590  O  O     . ILE A 1 84  ? -0.780  -8.172  -14.088 1.00 18.10 ? 84  ILE A O     1 
ATOM   591  C  CB    . ILE A 1 84  ? 0.392   -5.583  -13.066 1.00 16.15 ? 84  ILE A CB    1 
ATOM   592  C  CG1   . ILE A 1 84  ? 1.914   -5.671  -13.164 1.00 17.22 ? 84  ILE A CG1   1 
ATOM   593  C  CG2   . ILE A 1 84  ? -0.003  -4.257  -12.430 1.00 16.01 ? 84  ILE A CG2   1 
ATOM   594  C  CD1   . ILE A 1 84  ? 2.426   -6.154  -14.491 1.00 18.18 ? 84  ILE A CD1   1 
ATOM   595  N  N     . ASN A 1 85  ? 0.636   -9.031  -12.563 1.00 18.48 ? 85  ASN A N     1 
ATOM   596  C  CA    . ASN A 1 85  ? 0.691   -10.345 -13.192 1.00 20.84 ? 85  ASN A CA    1 
ATOM   597  C  C     . ASN A 1 85  ? -0.099  -11.375 -12.387 1.00 22.53 ? 85  ASN A C     1 
ATOM   598  O  O     . ASN A 1 85  ? 0.010   -12.576 -12.639 1.00 23.97 ? 85  ASN A O     1 
ATOM   599  C  CB    . ASN A 1 85  ? 2.147   -10.799 -13.334 1.00 19.60 ? 85  ASN A CB    1 
ATOM   600  C  CG    . ASN A 1 85  ? 2.790   -11.132 -12.004 1.00 18.67 ? 85  ASN A CG    1 
ATOM   601  O  OD1   . ASN A 1 85  ? 2.341   -10.675 -10.956 1.00 19.27 ? 85  ASN A OD1   1 
ATOM   602  N  ND2   . ASN A 1 85  ? 3.821   -11.967 -12.036 1.00 20.06 ? 85  ASN A ND2   1 
ATOM   603  N  N     . ASN A 1 86  ? -0.928  -10.901 -11.459 1.00 21.21 ? 86  ASN A N     1 
ATOM   604  C  CA    . ASN A 1 86  ? -1.641  -11.793 -10.548 1.00 20.44 ? 86  ASN A CA    1 
ATOM   605  C  C     . ASN A 1 86  ? -3.086  -11.330 -10.395 1.00 17.69 ? 86  ASN A C     1 
ATOM   606  O  O     . ASN A 1 86  ? -3.398  -10.543 -9.506  1.00 17.44 ? 86  ASN A O     1 
ATOM   607  C  CB    . ASN A 1 86  ? -0.921  -11.804 -9.188  1.00 21.17 ? 86  ASN A CB    1 
ATOM   608  C  CG    . ASN A 1 86  ? -1.440  -12.872 -8.222  1.00 23.56 ? 86  ASN A CG    1 
ATOM   609  O  OD1   . ASN A 1 86  ? -0.808  -13.127 -7.200  1.00 28.35 ? 86  ASN A OD1   1 
ATOM   610  N  ND2   . ASN A 1 86  ? -2.612  -13.437 -8.497  1.00 21.58 ? 86  ASN A ND2   1 
ATOM   611  N  N     . THR A 1 87  ? -3.979  -11.931 -11.177 1.00 17.38 ? 87  THR A N     1 
ATOM   612  C  CA    . THR A 1 87  ? -5.390  -11.547 -11.192 1.00 18.22 ? 87  THR A CA    1 
ATOM   613  C  C     . THR A 1 87  ? -6.071  -11.735 -9.837  1.00 18.04 ? 87  THR A C     1 
ATOM   614  O  O     . THR A 1 87  ? -6.851  -10.883 -9.404  1.00 17.64 ? 87  THR A O     1 
ATOM   615  C  CB    . THR A 1 87  ? -6.176  -12.340 -12.274 1.00 19.82 ? 87  THR A CB    1 
ATOM   616  O  OG1   . THR A 1 87  ? -5.621  -12.058 -13.562 1.00 22.28 ? 87  THR A OG1   1 
ATOM   617  C  CG2   . THR A 1 87  ? -7.656  -11.948 -12.278 1.00 17.82 ? 87  THR A CG2   1 
ATOM   618  N  N     . LYS A 1 88  ? -5.787  -12.862 -9.188  1.00 18.40 ? 88  LYS A N     1 
ATOM   619  C  CA    . LYS A 1 88  ? -6.318  -13.164 -7.859  1.00 19.16 ? 88  LYS A CA    1 
ATOM   620  C  C     . LYS A 1 88  ? -6.016  -12.032 -6.861  1.00 18.58 ? 88  LYS A C     1 
ATOM   621  O  O     . LYS A 1 88  ? -6.892  -11.617 -6.097  1.00 16.33 ? 88  LYS A O     1 
ATOM   622  C  CB    . LYS A 1 88  ? -5.715  -14.476 -7.348  1.00 21.63 ? 88  LYS A CB    1 
ATOM   623  C  CG    . LYS A 1 88  ? -6.468  -15.128 -6.194  1.00 24.85 ? 88  LYS A CG    1 
ATOM   624  C  CD    . LYS A 1 88  ? -5.944  -14.701 -4.818  1.00 30.94 ? 88  LYS A CD    1 
ATOM   625  C  CE    . LYS A 1 88  ? -4.405  -14.683 -4.728  1.00 34.60 ? 88  LYS A CE    1 
ATOM   626  N  NZ    . LYS A 1 88  ? -3.935  -14.632 -3.305  1.00 33.11 ? 88  LYS A NZ    1 
ATOM   627  N  N     . SER A 1 89  ? -4.775  -11.549 -6.871  1.00 16.56 ? 89  SER A N     1 
ATOM   628  C  CA    . SER A 1 89  ? -4.361  -10.494 -5.955  1.00 15.35 ? 89  SER A CA    1 
ATOM   629  C  C     . SER A 1 89  ? -5.128  -9.192  -6.195  1.00 17.46 ? 89  SER A C     1 
ATOM   630  O  O     . SER A 1 89  ? -5.385  -8.440  -5.257  1.00 17.97 ? 89  SER A O     1 
ATOM   631  C  CB    . SER A 1 89  ? -2.851  -10.243 -6.075  1.00 15.73 ? 89  SER A CB    1 
ATOM   632  O  OG    . SER A 1 89  ? -2.518  -9.574  -7.279  1.00 12.62 ? 89  SER A OG    1 
ATOM   633  N  N     . PHE A 1 90  ? -5.489  -8.930  -7.451  1.00 16.99 ? 90  PHE A N     1 
ATOM   634  C  CA    . PHE A 1 90  ? -6.293  -7.751  -7.800  1.00 17.40 ? 90  PHE A CA    1 
ATOM   635  C  C     . PHE A 1 90  ? -7.721  -7.910  -7.282  1.00 18.38 ? 90  PHE A C     1 
ATOM   636  O  O     . PHE A 1 90  ? -8.262  -7.019  -6.627  1.00 17.33 ? 90  PHE A O     1 
ATOM   637  C  CB    . PHE A 1 90  ? -6.301  -7.562  -9.326  1.00 18.13 ? 90  PHE A CB    1 
ATOM   638  C  CG    . PHE A 1 90  ? -7.226  -6.472  -9.809  1.00 17.45 ? 90  PHE A CG    1 
ATOM   639  C  CD1   . PHE A 1 90  ? -7.060  -5.156  -9.388  1.00 18.04 ? 90  PHE A CD1   1 
ATOM   640  C  CD2   . PHE A 1 90  ? -8.221  -6.756  -10.747 1.00 18.13 ? 90  PHE A CD2   1 
ATOM   641  C  CE1   . PHE A 1 90  ? -7.871  -4.134  -9.900  1.00 19.23 ? 90  PHE A CE1   1 
ATOM   642  C  CE2   . PHE A 1 90  ? -9.036  -5.743  -11.266 1.00 17.99 ? 90  PHE A CE2   1 
ATOM   643  C  CZ    . PHE A 1 90  ? -8.859  -4.430  -10.842 1.00 18.62 ? 90  PHE A CZ    1 
ATOM   644  N  N     . GLU A 1 91  ? -8.292  -9.092  -7.490  1.00 18.28 ? 91  GLU A N     1 
ATOM   645  C  CA    . GLU A 1 91  ? -9.650  -9.349  -7.050  1.00 19.23 ? 91  GLU A CA    1 
ATOM   646  C  C     . GLU A 1 91  ? -9.776  -9.368  -5.531  1.00 20.29 ? 91  GLU A C     1 
ATOM   647  O  O     . GLU A 1 91  ? -10.829 -9.025  -4.993  1.00 24.16 ? 91  GLU A O     1 
ATOM   648  C  CB    . GLU A 1 91  ? -10.151 -10.665 -7.650  1.00 21.44 ? 91  GLU A CB    1 
ATOM   649  C  CG    . GLU A 1 91  ? -10.504 -10.534 -9.115  1.00 23.62 ? 91  GLU A CG    1 
ATOM   650  C  CD    . GLU A 1 91  ? -10.919 -11.833 -9.779  1.00 28.48 ? 91  GLU A CD    1 
ATOM   651  O  OE1   . GLU A 1 91  ? -10.995 -12.885 -9.101  1.00 29.01 ? 91  GLU A OE1   1 
ATOM   652  O  OE2   . GLU A 1 91  ? -11.158 -11.788 -11.005 1.00 30.29 ? 91  GLU A OE2   1 
ATOM   653  N  N     . ASP A 1 92  ? -8.688  -9.705  -4.840  1.00 18.96 ? 92  ASP A N     1 
ATOM   654  C  CA    . ASP A 1 92  ? -8.676  -9.704  -3.377  1.00 18.18 ? 92  ASP A CA    1 
ATOM   655  C  C     . ASP A 1 92  ? -8.702  -8.308  -2.759  1.00 18.04 ? 92  ASP A C     1 
ATOM   656  O  O     . ASP A 1 92  ? -8.902  -8.176  -1.550  1.00 15.55 ? 92  ASP A O     1 
ATOM   657  C  CB    . ASP A 1 92  ? -7.440  -10.428 -2.857  1.00 21.93 ? 92  ASP A CB    1 
ATOM   658  C  CG    . ASP A 1 92  ? -7.545  -11.928 -2.979  1.00 23.80 ? 92  ASP A CG    1 
ATOM   659  O  OD1   . ASP A 1 92  ? -8.616  -12.431 -3.380  1.00 25.65 ? 92  ASP A OD1   1 
ATOM   660  O  OD2   . ASP A 1 92  ? -6.544  -12.605 -2.661  1.00 28.87 ? 92  ASP A OD2   1 
ATOM   661  N  N     . ILE A 1 93  ? -8.399  -7.287  -3.563  1.00 16.69 ? 93  ILE A N     1 
ATOM   662  C  CA    . ILE A 1 93  ? -8.331  -5.908  -3.064  1.00 18.99 ? 93  ILE A CA    1 
ATOM   663  C  C     . ILE A 1 93  ? -9.643  -5.517  -2.379  1.00 20.32 ? 93  ILE A C     1 
ATOM   664  O  O     . ILE A 1 93  ? -9.633  -4.901  -1.304  1.00 18.91 ? 93  ILE A O     1 
ATOM   665  C  CB    . ILE A 1 93  ? -8.013  -4.886  -4.217  1.00 17.52 ? 93  ILE A CB    1 
ATOM   666  C  CG1   . ILE A 1 93  ? -6.561  -5.042  -4.675  1.00 15.53 ? 93  ILE A CG1   1 
ATOM   667  C  CG2   . ILE A 1 93  ? -8.282  -3.439  -3.762  1.00 15.69 ? 93  ILE A CG2   1 
ATOM   668  C  CD1   . ILE A 1 93  ? -5.550  -4.990  -3.562  1.00 14.32 ? 93  ILE A CD1   1 
ATOM   669  N  N     . HIS A 1 94  ? -10.755 -6.003  -2.931  1.00 19.24 ? 94  HIS A N     1 
ATOM   670  C  CA    . HIS A 1 94  ? -12.071 -5.662  -2.417  1.00 21.13 ? 94  HIS A CA    1 
ATOM   671  C  C     . HIS A 1 94  ? -12.290 -6.160  -0.987  1.00 20.23 ? 94  HIS A C     1 
ATOM   672  O  O     . HIS A 1 94  ? -12.834 -5.440  -0.158  1.00 19.37 ? 94  HIS A O     1 
ATOM   673  C  CB    . HIS A 1 94  ? -13.161 -6.208  -3.342  1.00 22.95 ? 94  HIS A CB    1 
ATOM   674  C  CG    . HIS A 1 94  ? -14.543 -5.750  -2.980  1.00 28.24 ? 94  HIS A CG    1 
ATOM   675  N  ND1   . HIS A 1 94  ? -14.979 -4.461  -3.198  1.00 30.39 ? 94  HIS A ND1   1 
ATOM   676  C  CD2   . HIS A 1 94  ? -15.571 -6.401  -2.392  1.00 29.64 ? 94  HIS A CD2   1 
ATOM   677  C  CE1   . HIS A 1 94  ? -16.223 -4.339  -2.764  1.00 29.73 ? 94  HIS A CE1   1 
ATOM   678  N  NE2   . HIS A 1 94  ? -16.604 -5.505  -2.272  1.00 28.98 ? 94  HIS A NE2   1 
ATOM   679  N  N     . GLN A 1 95  ? -11.809 -7.361  -0.687  1.00 19.39 ? 95  GLN A N     1 
ATOM   680  C  CA    . GLN A 1 95  ? -11.921 -7.910  0.665   1.00 22.13 ? 95  GLN A CA    1 
ATOM   681  C  C     . GLN A 1 95  ? -11.112 -7.116  1.698   1.00 20.67 ? 95  GLN A C     1 
ATOM   682  O  O     . GLN A 1 95  ? -11.595 -6.855  2.807   1.00 18.54 ? 95  GLN A O     1 
ATOM   683  C  CB    . GLN A 1 95  ? -11.493 -9.385  0.676   1.00 26.41 ? 95  GLN A CB    1 
ATOM   684  C  CG    . GLN A 1 95  ? -12.602 -10.358 0.256   1.00 34.58 ? 95  GLN A CG    1 
ATOM   685  C  CD    . GLN A 1 95  ? -12.337 -11.018 -1.089  1.00 40.23 ? 95  GLN A CD    1 
ATOM   686  O  OE1   . GLN A 1 95  ? -12.029 -12.217 -1.162  1.00 43.08 ? 95  GLN A OE1   1 
ATOM   687  N  NE2   . GLN A 1 95  ? -12.468 -10.244 -2.165  1.00 41.36 ? 95  GLN A NE2   1 
ATOM   688  N  N     . TYR A 1 96  ? -9.906  -6.691  1.311   1.00 19.42 ? 96  TYR A N     1 
ATOM   689  C  CA    . TYR A 1 96  ? -9.071  -5.842  2.164   1.00 19.20 ? 96  TYR A CA    1 
ATOM   690  C  C     . TYR A 1 96  ? -9.669  -4.462  2.427   1.00 18.35 ? 96  TYR A C     1 
ATOM   691  O  O     . TYR A 1 96  ? -9.648  -3.984  3.559   1.00 20.07 ? 96  TYR A O     1 
ATOM   692  C  CB    . TYR A 1 96  ? -7.683  -5.676  1.556   1.00 19.95 ? 96  TYR A CB    1 
ATOM   693  C  CG    . TYR A 1 96  ? -6.829  -6.912  1.660   1.00 21.42 ? 96  TYR A CG    1 
ATOM   694  C  CD1   . TYR A 1 96  ? -6.423  -7.397  2.901   1.00 22.70 ? 96  TYR A CD1   1 
ATOM   695  C  CD2   . TYR A 1 96  ? -6.395  -7.576  0.515   1.00 22.59 ? 96  TYR A CD2   1 
ATOM   696  C  CE1   . TYR A 1 96  ? -5.595  -8.514  3.000   1.00 25.95 ? 96  TYR A CE1   1 
ATOM   697  C  CE2   . TYR A 1 96  ? -5.573  -8.695  0.600   1.00 24.91 ? 96  TYR A CE2   1 
ATOM   698  C  CZ    . TYR A 1 96  ? -5.175  -9.152  1.846   1.00 25.45 ? 96  TYR A CZ    1 
ATOM   699  O  OH    . TYR A 1 96  ? -4.329  -10.232 1.935   1.00 31.37 ? 96  TYR A OH    1 
ATOM   700  N  N     . ARG A 1 97  ? -10.200 -3.823  1.387   1.00 18.50 ? 97  ARG A N     1 
ATOM   701  C  CA    . ARG A 1 97  ? -10.840 -2.517  1.541   1.00 18.03 ? 97  ARG A CA    1 
ATOM   702  C  C     . ARG A 1 97  ? -12.083 -2.559  2.431   1.00 20.17 ? 97  ARG A C     1 
ATOM   703  O  O     . ARG A 1 97  ? -12.257 -1.698  3.301   1.00 19.02 ? 97  ARG A O     1 
ATOM   704  C  CB    . ARG A 1 97  ? -11.217 -1.932  0.185   1.00 17.67 ? 97  ARG A CB    1 
ATOM   705  C  CG    . ARG A 1 97  ? -11.878 -0.580  0.300   1.00 19.28 ? 97  ARG A CG    1 
ATOM   706  C  CD    . ARG A 1 97  ? -11.820 0.184   -0.992  1.00 22.92 ? 97  ARG A CD    1 
ATOM   707  N  NE    . ARG A 1 97  ? -12.802 1.265   -1.018  1.00 24.47 ? 97  ARG A NE    1 
ATOM   708  C  CZ    . ARG A 1 97  ? -12.603 2.464   -0.482  1.00 27.67 ? 97  ARG A CZ    1 
ATOM   709  N  NH1   . ARG A 1 97  ? -11.418 2.767   0.037   1.00 29.31 ? 97  ARG A NH1   1 
ATOM   710  N  NH2   . ARG A 1 97  ? -13.566 3.378   -0.516  1.00 24.99 ? 97  ARG A NH2   1 
ATOM   711  N  N     . GLU A 1 98  ? -12.926 -3.571  2.234   1.00 19.24 ? 98  GLU A N     1 
ATOM   712  C  CA    . GLU A 1 98  ? -14.130 -3.714  3.044   1.00 21.40 ? 98  GLU A CA    1 
ATOM   713  C  C     . GLU A 1 98  ? -13.795 -3.984  4.514   1.00 21.59 ? 98  GLU A C     1 
ATOM   714  O  O     . GLU A 1 98  ? -14.495 -3.496  5.400   1.00 22.79 ? 98  GLU A O     1 
ATOM   715  C  CB    . GLU A 1 98  ? -15.034 -4.831  2.497   1.00 24.78 ? 98  GLU A CB    1 
ATOM   716  C  CG    . GLU A 1 98  ? -15.602 -4.595  1.084   1.00 28.83 ? 98  GLU A CG    1 
ATOM   717  C  CD    . GLU A 1 98  ? -16.239 -3.218  0.904   1.00 33.95 ? 98  GLU A CD    1 
ATOM   718  O  OE1   . GLU A 1 98  ? -17.177 -2.874  1.657   1.00 34.53 ? 98  GLU A OE1   1 
ATOM   719  O  OE2   . GLU A 1 98  ? -15.814 -2.480  -0.012  1.00 37.50 ? 98  GLU A OE2   1 
ATOM   720  N  N     . GLN A 1 99  ? -12.720 -4.732  4.779   1.00 21.44 ? 99  GLN A N     1 
ATOM   721  C  CA    . GLN A 1 99  ? -12.294 -4.964  6.162   1.00 20.52 ? 99  GLN A CA    1 
ATOM   722  C  C     . GLN A 1 99  ? -11.762 -3.686  6.811   1.00 19.30 ? 99  GLN A C     1 
ATOM   723  O  O     . GLN A 1 99  ? -12.045 -3.412  7.979   1.00 20.20 ? 99  GLN A O     1 
ATOM   724  C  CB    . GLN A 1 99  ? -11.225 -6.063  6.256   1.00 21.43 ? 99  GLN A CB    1 
ATOM   725  C  CG    . GLN A 1 99  ? -11.117 -6.637  7.677   1.00 25.87 ? 99  GLN A CG    1 
ATOM   726  C  CD    . GLN A 1 99  ? -9.971  -7.621  7.883   1.00 28.72 ? 99  GLN A CD    1 
ATOM   727  O  OE1   . GLN A 1 99  ? -9.301  -8.031  6.936   1.00 31.74 ? 99  GLN A OE1   1 
ATOM   728  N  NE2   . GLN A 1 99  ? -9.754  -8.012  9.138   1.00 27.69 ? 99  GLN A NE2   1 
ATOM   729  N  N     . ILE A 1 100 ? -11.029 -2.887  6.041   1.00 17.94 ? 100 ILE A N     1 
ATOM   730  C  CA    . ILE A 1 100 ? -10.489 -1.632  6.558   1.00 17.00 ? 100 ILE A CA    1 
ATOM   731  C  C     . ILE A 1 100 ? -11.624 -0.667  6.895   1.00 16.89 ? 100 ILE A C     1 
ATOM   732  O  O     . ILE A 1 100 ? -11.631 -0.062  7.967   1.00 17.94 ? 100 ILE A O     1 
ATOM   733  C  CB    . ILE A 1 100 ? -9.525  -0.977  5.547   1.00 15.93 ? 100 ILE A CB    1 
ATOM   734  C  CG1   . ILE A 1 100 ? -8.258  -1.821  5.415   1.00 14.97 ? 100 ILE A CG1   1 
ATOM   735  C  CG2   . ILE A 1 100 ? -9.153  0.421   6.011   1.00 17.69 ? 100 ILE A CG2   1 
ATOM   736  C  CD1   . ILE A 1 100 ? -7.468  -1.556  4.136   1.00 14.87 ? 100 ILE A CD1   1 
ATOM   737  N  N     . LYS A 1 101 ? -12.631 -0.611  6.029   1.00 16.68 ? 101 LYS A N     1 
ATOM   738  C  CA    . LYS A 1 101 ? -13.789 0.247   6.264   1.00 19.03 ? 101 LYS A CA    1 
ATOM   739  C  C     . LYS A 1 101 ? -14.604 -0.214  7.464   1.00 20.07 ? 101 LYS A C     1 
ATOM   740  O  O     . LYS A 1 101 ? -15.106 0.604   8.233   1.00 18.65 ? 101 LYS A O     1 
ATOM   741  C  CB    . LYS A 1 101 ? -14.691 0.276   5.032   1.00 20.53 ? 101 LYS A CB    1 
ATOM   742  C  CG    . LYS A 1 101 ? -14.090 0.988   3.845   1.00 23.01 ? 101 LYS A CG    1 
ATOM   743  C  CD    . LYS A 1 101 ? -15.159 1.309   2.822   1.00 28.22 ? 101 LYS A CD    1 
ATOM   744  C  CE    . LYS A 1 101 ? -15.735 0.047   2.234   1.00 29.18 ? 101 LYS A CE    1 
ATOM   745  N  NZ    . LYS A 1 101 ? -16.988 0.326   1.491   1.00 33.28 ? 101 LYS A NZ    1 
ATOM   746  N  N     . ARG A 1 102 ? -14.731 -1.530  7.606   1.00 21.58 ? 102 ARG A N     1 
ATOM   747  C  CA    . ARG A 1 102 ? -15.437 -2.148  8.727   1.00 23.68 ? 102 ARG A CA    1 
ATOM   748  C  C     . ARG A 1 102 ? -14.805 -1.809  10.083  1.00 23.76 ? 102 ARG A C     1 
ATOM   749  O  O     . ARG A 1 102 ? -15.500 -1.365  11.002  1.00 25.54 ? 102 ARG A O     1 
ATOM   750  C  CB    . ARG A 1 102 ? -15.476 -3.668  8.532   1.00 25.57 ? 102 ARG A CB    1 
ATOM   751  C  CG    . ARG A 1 102 ? -16.435 -4.404  9.448   1.00 31.84 ? 102 ARG A CG    1 
ATOM   752  C  CD    . ARG A 1 102 ? -16.246 -5.921  9.337   1.00 35.91 ? 102 ARG A CD    1 
ATOM   753  N  NE    . ARG A 1 102 ? -15.088 -6.388  10.107  1.00 37.11 ? 102 ARG A NE    1 
ATOM   754  C  CZ    . ARG A 1 102 ? -14.142 -7.196  9.634   1.00 37.15 ? 102 ARG A CZ    1 
ATOM   755  N  NH1   . ARG A 1 102 ? -14.235 -7.692  8.405   1.00 37.15 ? 102 ARG A NH1   1 
ATOM   756  N  NH2   . ARG A 1 102 ? -13.107 -7.518  10.399  1.00 36.81 ? 102 ARG A NH2   1 
ATOM   757  N  N     . VAL A 1 103 ? -13.486 -1.948  10.190  1.00 21.84 ? 103 VAL A N     1 
ATOM   758  C  CA    . VAL A 1 103 ? -12.803 -1.669  11.455  1.00 21.25 ? 103 VAL A CA    1 
ATOM   759  C  C     . VAL A 1 103 ? -12.628 -0.179  11.779  1.00 20.31 ? 103 VAL A C     1 
ATOM   760  O  O     . VAL A 1 103 ? -12.620 0.204   12.946  1.00 19.90 ? 103 VAL A O     1 
ATOM   761  C  CB    . VAL A 1 103 ? -11.423 -2.362  11.522  1.00 22.33 ? 103 VAL A CB    1 
ATOM   762  C  CG1   . VAL A 1 103 ? -11.563 -3.836  11.188  1.00 22.77 ? 103 VAL A CG1   1 
ATOM   763  C  CG2   . VAL A 1 103 ? -10.447 -1.683  10.579  1.00 25.67 ? 103 VAL A CG2   1 
ATOM   764  N  N     . LYS A 1 104 ? -12.516 0.658   10.751  1.00 20.70 ? 104 LYS A N     1 
ATOM   765  C  CA    . LYS A 1 104 ? -12.320 2.094   10.953  1.00 20.28 ? 104 LYS A CA    1 
ATOM   766  C  C     . LYS A 1 104 ? -13.634 2.864   11.011  1.00 20.80 ? 104 LYS A C     1 
ATOM   767  O  O     . LYS A 1 104 ? -13.635 4.084   11.172  1.00 19.74 ? 104 LYS A O     1 
ATOM   768  C  CB    . LYS A 1 104 ? -11.436 2.679   9.845   1.00 20.55 ? 104 LYS A CB    1 
ATOM   769  C  CG    . LYS A 1 104 ? -10.086 1.999   9.707   1.00 22.06 ? 104 LYS A CG    1 
ATOM   770  C  CD    . LYS A 1 104 ? -8.928  2.958   9.919   1.00 25.59 ? 104 LYS A CD    1 
ATOM   771  C  CE    . LYS A 1 104 ? -8.985  3.615   11.282  1.00 26.54 ? 104 LYS A CE    1 
ATOM   772  N  NZ    . LYS A 1 104 ? -7.702  4.272   11.632  1.00 27.42 ? 104 LYS A NZ    1 
ATOM   773  N  N     . ASP A 1 105 ? -14.747 2.145   10.897  1.00 22.71 ? 105 ASP A N     1 
ATOM   774  C  CA    . ASP A 1 105 ? -16.076 2.759   10.833  1.00 24.04 ? 105 ASP A CA    1 
ATOM   775  C  C     . ASP A 1 105 ? -16.146 3.940   9.869   1.00 23.60 ? 105 ASP A C     1 
ATOM   776  O  O     . ASP A 1 105 ? -16.684 4.990   10.206  1.00 22.88 ? 105 ASP A O     1 
ATOM   777  C  CB    . ASP A 1 105 ? -16.521 3.222   12.222  1.00 25.72 ? 105 ASP A CB    1 
ATOM   778  C  CG    . ASP A 1 105 ? -16.866 2.075   13.141  1.00 29.40 ? 105 ASP A CG    1 
ATOM   779  O  OD1   . ASP A 1 105 ? -17.267 0.994   12.655  1.00 27.53 ? 105 ASP A OD1   1 
ATOM   780  O  OD2   . ASP A 1 105 ? -16.755 2.277   14.366  1.00 31.89 ? 105 ASP A OD2   1 
ATOM   781  N  N     . SER A 1 106 ? -15.608 3.772   8.670   1.00 24.09 ? 106 SER A N     1 
ATOM   782  C  CA    . SER A 1 106 ? -15.602 4.864   7.710   1.00 26.72 ? 106 SER A CA    1 
ATOM   783  C  C     . SER A 1 106 ? -15.676 4.375   6.284   1.00 27.13 ? 106 SER A C     1 
ATOM   784  O  O     . SER A 1 106 ? -15.059 3.375   5.920   1.00 27.50 ? 106 SER A O     1 
ATOM   785  C  CB    . SER A 1 106 ? -14.351 5.723   7.876   1.00 26.99 ? 106 SER A CB    1 
ATOM   786  O  OG    . SER A 1 106 ? -14.251 6.204   9.198   1.00 32.24 ? 106 SER A OG    1 
ATOM   787  N  N     . ASP A 1 107 ? -16.400 5.131   5.469   1.00 27.66 ? 107 ASP A N     1 
ATOM   788  C  CA    . ASP A 1 107 ? -16.432 4.913   4.032   1.00 28.55 ? 107 ASP A CA    1 
ATOM   789  C  C     . ASP A 1 107 ? -15.253 5.611   3.356   1.00 27.68 ? 107 ASP A C     1 
ATOM   790  O  O     . ASP A 1 107 ? -14.931 5.312   2.206   1.00 28.67 ? 107 ASP A O     1 
ATOM   791  C  CB    . ASP A 1 107 ? -17.754 5.436   3.456   1.00 29.26 ? 107 ASP A CB    1 
ATOM   792  C  CG    . ASP A 1 107 ? -18.975 4.877   4.175   1.00 29.11 ? 107 ASP A CG    1 
ATOM   793  O  OD1   . ASP A 1 107 ? -18.966 3.684   4.544   1.00 27.16 ? 107 ASP A OD1   1 
ATOM   794  O  OD2   . ASP A 1 107 ? -19.951 5.636   4.356   1.00 33.34 ? 107 ASP A OD2   1 
ATOM   795  N  N     . ASP A 1 108 ? -14.606 6.528   4.077   1.00 27.56 ? 108 ASP A N     1 
ATOM   796  C  CA    . ASP A 1 108 ? -13.450 7.253   3.556   1.00 26.74 ? 108 ASP A CA    1 
ATOM   797  C  C     . ASP A 1 108 ? -12.240 7.146   4.488   1.00 25.29 ? 108 ASP A C     1 
ATOM   798  O  O     . ASP A 1 108 ? -12.244 7.667   5.606   1.00 29.35 ? 108 ASP A O     1 
ATOM   799  C  CB    . ASP A 1 108 ? -13.817 8.729   3.284   1.00 30.37 ? 108 ASP A CB    1 
ATOM   800  C  CG    . ASP A 1 108 ? -14.070 9.544   4.562   1.00 35.52 ? 108 ASP A CG    1 
ATOM   801  O  OD1   . ASP A 1 108 ? -14.580 9.000   5.564   1.00 38.93 ? 108 ASP A OD1   1 
ATOM   802  O  OD2   . ASP A 1 108 ? -13.788 10.763  4.552   1.00 40.75 ? 108 ASP A OD2   1 
ATOM   803  N  N     . VAL A 1 109 ? -11.293 6.302   4.100   1.00 20.84 ? 109 VAL A N     1 
ATOM   804  C  CA    . VAL A 1 109 ? -10.038 6.140   4.830   1.00 17.58 ? 109 VAL A CA    1 
ATOM   805  C  C     . VAL A 1 109 ? -8.901  6.411   3.846   1.00 13.80 ? 109 VAL A C     1 
ATOM   806  O  O     . VAL A 1 109 ? -8.998  6.051   2.673   1.00 12.84 ? 109 VAL A O     1 
ATOM   807  C  CB    . VAL A 1 109 ? -9.889  4.696   5.379   1.00 19.78 ? 109 VAL A CB    1 
ATOM   808  C  CG1   . VAL A 1 109 ? -8.584  4.553   6.140   1.00 22.00 ? 109 VAL A CG1   1 
ATOM   809  C  CG2   . VAL A 1 109 ? -11.074 4.346   6.280   1.00 22.86 ? 109 VAL A CG2   1 
ATOM   810  N  N     . PRO A 1 110 ? -7.871  7.164   4.276   1.00 14.68 ? 110 PRO A N     1 
ATOM   811  C  CA    . PRO A 1 110 ? -6.741  7.420   3.378   1.00 12.00 ? 110 PRO A CA    1 
ATOM   812  C  C     . PRO A 1 110 ? -6.162  6.103   2.871   1.00 12.79 ? 110 PRO A C     1 
ATOM   813  O  O     . PRO A 1 110 ? -5.894  5.192   3.650   1.00 14.32 ? 110 PRO A O     1 
ATOM   814  C  CB    . PRO A 1 110 ? -5.759  8.179   4.256   1.00 9.86  ? 110 PRO A CB    1 
ATOM   815  C  CG    . PRO A 1 110 ? -6.628  8.887   5.217   1.00 12.86 ? 110 PRO A CG    1 
ATOM   816  C  CD    . PRO A 1 110 ? -7.748  7.932   5.529   1.00 13.96 ? 110 PRO A CD    1 
ATOM   817  N  N     . MET A 1 111 ? -6.032  6.000   1.555   1.00 12.80 ? 111 MET A N     1 
ATOM   818  C  CA    . MET A 1 111 ? -5.726  4.733   0.908   1.00 11.82 ? 111 MET A CA    1 
ATOM   819  C  C     . MET A 1 111 ? -5.226  5.015   -0.506  1.00 12.12 ? 111 MET A C     1 
ATOM   820  O  O     . MET A 1 111 ? -5.711  5.934   -1.179  1.00 11.57 ? 111 MET A O     1 
ATOM   821  C  CB    . MET A 1 111 ? -6.997  3.876   0.862   1.00 13.99 ? 111 MET A CB    1 
ATOM   822  C  CG    . MET A 1 111 ? -6.803  2.437   0.441   1.00 20.05 ? 111 MET A CG    1 
ATOM   823  S  SD    . MET A 1 111 ? -8.382  1.539   0.504   1.00 23.95 ? 111 MET A SD    1 
ATOM   824  C  CE    . MET A 1 111 ? -8.812  1.729   2.198   1.00 18.69 ? 111 MET A CE    1 
ATOM   825  N  N     . VAL A 1 112 ? -4.238  4.239   -0.935  1.00 8.82  ? 112 VAL A N     1 
ATOM   826  C  CA    . VAL A 1 112 ? -3.739  4.279   -2.305  1.00 9.63  ? 112 VAL A CA    1 
ATOM   827  C  C     . VAL A 1 112 ? -3.779  2.853   -2.866  1.00 11.13 ? 112 VAL A C     1 
ATOM   828  O  O     . VAL A 1 112 ? -3.393  1.901   -2.175  1.00 13.41 ? 112 VAL A O     1 
ATOM   829  C  CB    . VAL A 1 112 ? -2.269  4.805   -2.351  1.00 11.45 ? 112 VAL A CB    1 
ATOM   830  C  CG1   . VAL A 1 112 ? -1.744  4.816   -3.775  1.00 10.19 ? 112 VAL A CG1   1 
ATOM   831  C  CG2   . VAL A 1 112 ? -2.200  6.202   -1.762  1.00 11.52 ? 112 VAL A CG2   1 
ATOM   832  N  N     . LEU A 1 113 ? -4.289  2.709   -4.090  1.00 9.59  ? 113 LEU A N     1 
ATOM   833  C  CA    . LEU A 1 113 ? -4.235  1.437   -4.805  1.00 9.77  ? 113 LEU A CA    1 
ATOM   834  C  C     . LEU A 1 113 ? -2.949  1.345   -5.616  1.00 10.62 ? 113 LEU A C     1 
ATOM   835  O  O     . LEU A 1 113 ? -2.632  2.236   -6.407  1.00 11.37 ? 113 LEU A O     1 
ATOM   836  C  CB    . LEU A 1 113 ? -5.453  1.278   -5.722  1.00 9.38  ? 113 LEU A CB    1 
ATOM   837  C  CG    . LEU A 1 113 ? -5.541  -0.070  -6.452  1.00 14.14 ? 113 LEU A CG    1 
ATOM   838  C  CD1   . LEU A 1 113 ? -5.633  -1.211  -5.436  1.00 12.75 ? 113 LEU A CD1   1 
ATOM   839  C  CD2   . LEU A 1 113 ? -6.746  -0.080  -7.389  1.00 14.85 ? 113 LEU A CD2   1 
ATOM   840  N  N     . VAL A 1 114 ? -2.171  0.296   -5.353  1.00 10.01 ? 114 VAL A N     1 
ATOM   841  C  CA    . VAL A 1 114 ? -0.844  0.147   -5.935  1.00 9.00  ? 114 VAL A CA    1 
ATOM   842  C  C     . VAL A 1 114 ? -0.810  -1.105  -6.785  1.00 10.86 ? 114 VAL A C     1 
ATOM   843  O  O     . VAL A 1 114 ? -1.078  -2.204  -6.289  1.00 12.35 ? 114 VAL A O     1 
ATOM   844  C  CB    . VAL A 1 114 ? 0.237   0.021   -4.835  1.00 10.65 ? 114 VAL A CB    1 
ATOM   845  C  CG1   . VAL A 1 114 ? 1.589   -0.293  -5.453  1.00 12.03 ? 114 VAL A CG1   1 
ATOM   846  C  CG2   . VAL A 1 114 ? 0.306   1.305   -4.014  1.00 11.87 ? 114 VAL A CG2   1 
ATOM   847  N  N     . GLY A 1 115 ? -0.528  -0.927  -8.072  1.00 9.41  ? 115 GLY A N     1 
ATOM   848  C  CA    . GLY A 1 115 ? -0.277  -2.060  -8.950  1.00 9.59  ? 115 GLY A CA    1 
ATOM   849  C  C     . GLY A 1 115 ? 1.213   -2.298  -9.080  1.00 9.84  ? 115 GLY A C     1 
ATOM   850  O  O     . GLY A 1 115 ? 1.893   -1.578  -9.800  1.00 10.56 ? 115 GLY A O     1 
ATOM   851  N  N     . ASN A 1 116 ? 1.731   -3.291  -8.363  1.00 9.29  ? 116 ASN A N     1 
ATOM   852  C  CA    . ASN A 1 116 ? 3.171   -3.525  -8.308  1.00 10.24 ? 116 ASN A CA    1 
ATOM   853  C  C     . ASN A 1 116 ? 3.655   -4.520  -9.370  1.00 12.07 ? 116 ASN A C     1 
ATOM   854  O  O     . ASN A 1 116 ? 2.859   -5.242  -9.972  1.00 11.53 ? 116 ASN A O     1 
ATOM   855  C  CB    . ASN A 1 116 ? 3.560   -3.999  -6.897  1.00 9.90  ? 116 ASN A CB    1 
ATOM   856  C  CG    . ASN A 1 116 ? 5.067   -4.072  -6.687  1.00 11.87 ? 116 ASN A CG    1 
ATOM   857  O  OD1   . ASN A 1 116 ? 5.804   -3.127  -6.997  1.00 10.90 ? 116 ASN A OD1   1 
ATOM   858  N  ND2   . ASN A 1 116 ? 5.534   -5.203  -6.166  1.00 10.40 ? 116 ASN A ND2   1 
ATOM   859  N  N     . LYS A 1 117 ? 4.976   -4.564  -9.559  1.00 13.38 ? 117 LYS A N     1 
ATOM   860  C  CA    . LYS A 1 117 ? 5.648   -5.447  -10.520 1.00 15.07 ? 117 LYS A CA    1 
ATOM   861  C  C     . LYS A 1 117 ? 5.424   -4.994  -11.964 1.00 15.99 ? 117 LYS A C     1 
ATOM   862  O  O     . LYS A 1 117 ? 5.434   -5.806  -12.892 1.00 17.01 ? 117 LYS A O     1 
ATOM   863  C  CB    . LYS A 1 117 ? 5.199   -6.913  -10.336 1.00 16.42 ? 117 LYS A CB    1 
ATOM   864  C  CG    . LYS A 1 117 ? 5.411   -7.469  -8.928  1.00 13.16 ? 117 LYS A CG    1 
ATOM   865  C  CD    . LYS A 1 117 ? 5.272   -8.989  -8.876  1.00 13.07 ? 117 LYS A CD    1 
ATOM   866  C  CE    . LYS A 1 117 ? 5.469   -9.497  -7.447  1.00 15.39 ? 117 LYS A CE    1 
ATOM   867  N  NZ    . LYS A 1 117 ? 5.286   -10.968 -7.296  1.00 14.63 ? 117 LYS A NZ    1 
ATOM   868  N  N     . CYS A 1 118 ? 5.334   -3.682  -12.160 1.00 16.43 ? 118 CYS A N     1 
ATOM   869  C  CA    . CYS A 1 118 ? 5.031   -3.129  -13.482 1.00 17.56 ? 118 CYS A CA    1 
ATOM   870  C  C     . CYS A 1 118 ? 6.209   -3.219  -14.453 1.00 18.14 ? 118 CYS A C     1 
ATOM   871  O  O     . CYS A 1 118 ? 6.091   -2.841  -15.619 1.00 18.71 ? 118 CYS A O     1 
ATOM   872  C  CB    . CYS A 1 118 ? 4.551   -1.676  -13.362 1.00 17.31 ? 118 CYS A CB    1 
ATOM   873  S  SG    . CYS A 1 118 ? 5.848   -0.472  -13.006 1.00 21.91 ? 118 CYS A SG    1 
ATOM   874  N  N     . ASP A 1 119 ? 7.312   -3.803  -13.995 1.00 18.53 ? 119 ASP A N     1 
ATOM   875  C  CA    . ASP A 1 119 ? 8.454   -4.091  -14.859 1.00 20.28 ? 119 ASP A CA    1 
ATOM   876  C  C     . ASP A 1 119 ? 8.264   -5.370  -15.676 1.00 22.03 ? 119 ASP A C     1 
ATOM   877  O  O     . ASP A 1 119 ? 8.963   -5.593  -16.668 1.00 23.70 ? 119 ASP A O     1 
ATOM   878  C  CB    . ASP A 1 119 ? 9.738   -4.194  -14.029 1.00 21.01 ? 119 ASP A CB    1 
ATOM   879  C  CG    . ASP A 1 119 ? 9.629   -5.203  -12.892 1.00 22.17 ? 119 ASP A CG    1 
ATOM   880  O  OD1   . ASP A 1 119 ? 8.886   -4.927  -11.924 1.00 18.59 ? 119 ASP A OD1   1 
ATOM   881  O  OD2   . ASP A 1 119 ? 10.309  -6.251  -12.954 1.00 20.38 ? 119 ASP A OD2   1 
ATOM   882  N  N     . LEU A 1 120 ? 7.325   -6.208  -15.247 1.00 22.21 ? 120 LEU A N     1 
ATOM   883  C  CA    . LEU A 1 120 ? 7.019   -7.457  -15.936 1.00 23.77 ? 120 LEU A CA    1 
ATOM   884  C  C     . LEU A 1 120 ? 6.191   -7.234  -17.205 1.00 25.84 ? 120 LEU A C     1 
ATOM   885  O  O     . LEU A 1 120 ? 5.284   -6.403  -17.221 1.00 27.32 ? 120 LEU A O     1 
ATOM   886  C  CB    . LEU A 1 120 ? 6.271   -8.401  -14.990 1.00 23.20 ? 120 LEU A CB    1 
ATOM   887  C  CG    . LEU A 1 120 ? 6.978   -8.771  -13.688 1.00 20.41 ? 120 LEU A CG    1 
ATOM   888  C  CD1   . LEU A 1 120 ? 6.179   -9.822  -12.942 1.00 19.29 ? 120 LEU A CD1   1 
ATOM   889  C  CD2   . LEU A 1 120 ? 8.374   -9.280  -14.003 1.00 24.53 ? 120 LEU A CD2   1 
ATOM   890  N  N     . ALA A 1 121 ? 6.484   -8.016  -18.245 1.00 27.78 ? 121 ALA A N     1 
ATOM   891  C  CA    . ALA A 1 121 ? 5.792   -7.912  -19.533 1.00 27.39 ? 121 ALA A CA    1 
ATOM   892  C  C     . ALA A 1 121 ? 4.579   -8.831  -19.606 1.00 28.45 ? 121 ALA A C     1 
ATOM   893  O  O     . ALA A 1 121 ? 3.686   -8.638  -20.436 1.00 29.34 ? 121 ALA A O     1 
ATOM   894  C  CB    . ALA A 1 121 ? 6.754   -8.234  -20.676 1.00 29.21 ? 121 ALA A CB    1 
ATOM   895  N  N     . ALA A 1 122 ? 4.580   -9.869  -18.780 1.00 27.77 ? 122 ALA A N     1 
ATOM   896  C  CA    . ALA A 1 122 ? 3.443   -10.766 -18.690 1.00 29.44 ? 122 ALA A CA    1 
ATOM   897  C  C     . ALA A 1 122 ? 2.457   -10.244 -17.661 1.00 30.36 ? 122 ALA A C     1 
ATOM   898  O  O     . ALA A 1 122 ? 2.403   -10.747 -16.537 1.00 32.19 ? 122 ALA A O     1 
ATOM   899  C  CB    . ALA A 1 122 ? 3.908   -12.156 -18.305 1.00 31.46 ? 122 ALA A CB    1 
ATOM   900  N  N     . ARG A 1 123 ? 1.705   -9.211  -18.037 1.00 29.37 ? 123 ARG A N     1 
ATOM   901  C  CA    . ARG A 1 123 ? 0.698   -8.640  -17.152 1.00 28.49 ? 123 ARG A CA    1 
ATOM   902  C  C     . ARG A 1 123 ? -0.696  -9.181  -17.448 1.00 27.83 ? 123 ARG A C     1 
ATOM   903  O  O     . ARG A 1 123 ? -1.071  -9.376  -18.606 1.00 30.03 ? 123 ARG A O     1 
ATOM   904  C  CB    . ARG A 1 123 ? 0.707   -7.110  -17.245 1.00 29.68 ? 123 ARG A CB    1 
ATOM   905  C  CG    . ARG A 1 123 ? -0.093  -6.516  -18.388 1.00 31.74 ? 123 ARG A CG    1 
ATOM   906  C  CD    . ARG A 1 123 ? 0.088   -5.005  -18.444 1.00 31.49 ? 123 ARG A CD    1 
ATOM   907  N  NE    . ARG A 1 123 ? -0.714  -4.316  -17.440 1.00 30.53 ? 123 ARG A NE    1 
ATOM   908  C  CZ    . ARG A 1 123 ? -0.241  -3.400  -16.598 1.00 28.67 ? 123 ARG A CZ    1 
ATOM   909  N  NH1   . ARG A 1 123 ? 1.042   -3.073  -16.607 1.00 27.62 ? 123 ARG A NH1   1 
ATOM   910  N  NH2   . ARG A 1 123 ? -1.054  -2.830  -15.725 1.00 27.73 ? 123 ARG A NH2   1 
ATOM   911  N  N     . THR A 1 124 ? -1.469  -9.405  -16.394 1.00 24.90 ? 124 THR A N     1 
ATOM   912  C  CA    . THR A 1 124 ? -2.782  -10.014 -16.524 1.00 23.78 ? 124 THR A CA    1 
ATOM   913  C  C     . THR A 1 124 ? -3.889  -9.057  -16.107 1.00 23.70 ? 124 THR A C     1 
ATOM   914  O  O     . THR A 1 124 ? -5.056  -9.268  -16.431 1.00 23.54 ? 124 THR A O     1 
ATOM   915  C  CB    . THR A 1 124 ? -2.864  -11.280 -15.675 1.00 24.84 ? 124 THR A CB    1 
ATOM   916  O  OG1   . THR A 1 124 ? -2.487  -10.976 -14.329 1.00 25.73 ? 124 THR A OG1   1 
ATOM   917  C  CG2   . THR A 1 124 ? -1.932  -12.338 -16.225 1.00 25.52 ? 124 THR A CG2   1 
ATOM   918  N  N     . VAL A 1 125 ? -3.518  -8.027  -15.352 1.00 24.37 ? 125 VAL A N     1 
ATOM   919  C  CA    . VAL A 1 125 ? -4.437  -6.959  -14.960 1.00 21.66 ? 125 VAL A CA    1 
ATOM   920  C  C     . VAL A 1 125 ? -4.080  -5.690  -15.736 1.00 22.47 ? 125 VAL A C     1 
ATOM   921  O  O     . VAL A 1 125 ? -2.955  -5.191  -15.646 1.00 21.82 ? 125 VAL A O     1 
ATOM   922  C  CB    . VAL A 1 125 ? -4.333  -6.660  -13.440 1.00 20.85 ? 125 VAL A CB    1 
ATOM   923  C  CG1   . VAL A 1 125 ? -5.361  -5.618  -13.040 1.00 19.11 ? 125 VAL A CG1   1 
ATOM   924  C  CG2   . VAL A 1 125 ? -4.536  -7.937  -12.638 1.00 20.75 ? 125 VAL A CG2   1 
ATOM   925  N  N     . GLU A 1 126 ? -5.031  -5.191  -16.523 1.00 23.60 ? 126 GLU A N     1 
ATOM   926  C  CA    . GLU A 1 126 ? -4.812  -3.993  -17.332 1.00 24.71 ? 126 GLU A CA    1 
ATOM   927  C  C     . GLU A 1 126 ? -4.855  -2.746  -16.467 1.00 21.61 ? 126 GLU A C     1 
ATOM   928  O  O     . GLU A 1 126 ? -5.597  -2.683  -15.489 1.00 19.57 ? 126 GLU A O     1 
ATOM   929  C  CB    . GLU A 1 126 ? -5.875  -3.885  -18.428 1.00 28.98 ? 126 GLU A CB    1 
ATOM   930  C  CG    . GLU A 1 126 ? -5.640  -4.812  -19.614 1.00 36.62 ? 126 GLU A CG    1 
ATOM   931  C  CD    . GLU A 1 126 ? -4.498  -4.336  -20.497 1.00 41.29 ? 126 GLU A CD    1 
ATOM   932  O  OE1   . GLU A 1 126 ? -4.715  -3.374  -21.267 1.00 44.43 ? 126 GLU A OE1   1 
ATOM   933  O  OE2   . GLU A 1 126 ? -3.375  -4.888  -20.385 1.00 42.01 ? 126 GLU A OE2   1 
ATOM   934  N  N     . SER A 1 127 ? -4.068  -1.747  -16.845 1.00 21.46 ? 127 SER A N     1 
ATOM   935  C  CA    . SER A 1 127 ? -4.039  -0.482  -16.117 1.00 21.67 ? 127 SER A CA    1 
ATOM   936  C  C     . SER A 1 127 ? -5.407  0.188   -16.061 1.00 21.39 ? 127 SER A C     1 
ATOM   937  O  O     . SER A 1 127 ? -5.788  0.730   -15.025 1.00 22.67 ? 127 SER A O     1 
ATOM   938  C  CB    . SER A 1 127 ? -3.017  0.461   -16.751 1.00 22.99 ? 127 SER A CB    1 
ATOM   939  O  OG    . SER A 1 127 ? -1.734  -0.143  -16.773 1.00 25.14 ? 127 SER A OG    1 
ATOM   940  N  N     . ARG A 1 128 ? -6.167  0.102   -17.152 1.00 21.28 ? 128 ARG A N     1 
ATOM   941  C  CA    . ARG A 1 128 ? -7.496  0.712   -17.216 1.00 22.79 ? 128 ARG A CA    1 
ATOM   942  C  C     . ARG A 1 128 ? -8.450  0.050   -16.220 1.00 22.33 ? 128 ARG A C     1 
ATOM   943  O  O     . ARG A 1 128 ? -9.306  0.709   -15.633 1.00 23.33 ? 128 ARG A O     1 
ATOM   944  C  CB    . ARG A 1 128 ? -8.068  0.596   -18.632 1.00 25.12 ? 128 ARG A CB    1 
ATOM   945  C  CG    . ARG A 1 128 ? -9.460  1.199   -18.787 1.00 31.10 ? 128 ARG A CG    1 
ATOM   946  C  CD    . ARG A 1 128 ? -9.427  2.535   -19.515 1.00 35.25 ? 128 ARG A CD    1 
ATOM   947  N  NE    . ARG A 1 128 ? -9.093  2.371   -20.929 1.00 39.55 ? 128 ARG A NE    1 
ATOM   948  C  CZ    . ARG A 1 128 ? -8.155  3.070   -21.564 1.00 39.45 ? 128 ARG A CZ    1 
ATOM   949  N  NH1   . ARG A 1 128 ? -7.573  4.101   -20.965 1.00 40.35 ? 128 ARG A NH1   1 
ATOM   950  N  NH2   . ARG A 1 128 ? -7.859  2.784   -22.825 1.00 38.50 ? 128 ARG A NH2   1 
ATOM   951  N  N     . GLN A 1 129 ? -8.296  -1.262  -16.060 1.00 20.44 ? 129 GLN A N     1 
ATOM   952  C  CA    . GLN A 1 129 ? -9.065  -2.063  -15.115 1.00 20.06 ? 129 GLN A CA    1 
ATOM   953  C  C     . GLN A 1 129 ? -8.868  -1.548  -13.688 1.00 19.01 ? 129 GLN A C     1 
ATOM   954  O  O     . GLN A 1 129 ? -9.827  -1.342  -12.938 1.00 17.26 ? 129 GLN A O     1 
ATOM   955  C  CB    . GLN A 1 129 ? -8.577  -3.507  -15.199 1.00 24.37 ? 129 GLN A CB    1 
ATOM   956  C  CG    . GLN A 1 129 ? -9.644  -4.569  -15.246 1.00 30.41 ? 129 GLN A CG    1 
ATOM   957  C  CD    . GLN A 1 129 ? -9.049  -5.962  -15.393 1.00 33.61 ? 129 GLN A CD    1 
ATOM   958  O  OE1   . GLN A 1 129 ? -8.065  -6.167  -16.120 1.00 33.22 ? 129 GLN A OE1   1 
ATOM   959  N  NE2   . GLN A 1 129 ? -9.638  -6.928  -14.698 1.00 35.06 ? 129 GLN A NE2   1 
ATOM   960  N  N     . ALA A 1 130 ? -7.608  -1.404  -13.299 1.00 17.65 ? 130 ALA A N     1 
ATOM   961  C  CA    . ALA A 1 130 ? -7.281  -0.970  -11.952 1.00 17.49 ? 130 ALA A CA    1 
ATOM   962  C  C     . ALA A 1 130 ? -7.620  0.505   -11.769 1.00 17.72 ? 130 ALA A C     1 
ATOM   963  O  O     . ALA A 1 130 ? -8.128  0.910   -10.720 1.00 17.61 ? 130 ALA A O     1 
ATOM   964  C  CB    . ALA A 1 130 ? -5.812  -1.219  -11.677 1.00 19.04 ? 130 ALA A CB    1 
ATOM   965  N  N     . GLN A 1 131 ? -7.459  1.276   -12.841 1.00 19.27 ? 131 GLN A N     1 
ATOM   966  C  CA    . GLN A 1 131 ? -7.762  2.701   -12.821 1.00 20.33 ? 131 GLN A CA    1 
ATOM   967  C  C     . GLN A 1 131 ? -9.232  2.955   -12.515 1.00 20.86 ? 131 GLN A C     1 
ATOM   968  O  O     . GLN A 1 131 ? -9.572  3.820   -11.707 1.00 20.80 ? 131 GLN A O     1 
ATOM   969  C  CB    . GLN A 1 131 ? -7.403  3.328   -14.166 1.00 22.15 ? 131 GLN A CB    1 
ATOM   970  C  CG    . GLN A 1 131 ? -7.480  4.832   -14.177 1.00 27.15 ? 131 GLN A CG    1 
ATOM   971  C  CD    . GLN A 1 131 ? -6.593  5.441   -13.133 1.00 29.30 ? 131 GLN A CD    1 
ATOM   972  O  OE1   . GLN A 1 131 ? -5.381  5.537   -13.324 1.00 33.02 ? 131 GLN A OE1   1 
ATOM   973  N  NE2   . GLN A 1 131 ? -7.172  5.774   -11.978 1.00 32.22 ? 131 GLN A NE2   1 
ATOM   974  N  N     . ASP A 1 132 ? -10.103 2.181   -13.155 1.00 20.67 ? 132 ASP A N     1 
ATOM   975  C  CA    . ASP A 1 132 ? -11.536 2.346   -12.981 1.00 22.57 ? 132 ASP A CA    1 
ATOM   976  C  C     . ASP A 1 132 ? -12.006 1.896   -11.600 1.00 22.10 ? 132 ASP A C     1 
ATOM   977  O  O     . ASP A 1 132 ? -12.882 2.524   -11.003 1.00 22.54 ? 132 ASP A O     1 
ATOM   978  C  CB    . ASP A 1 132 ? -12.282 1.586   -14.080 1.00 26.45 ? 132 ASP A CB    1 
ATOM   979  C  CG    . ASP A 1 132 ? -11.948 2.097   -15.484 1.00 29.79 ? 132 ASP A CG    1 
ATOM   980  O  OD1   . ASP A 1 132 ? -11.537 3.269   -15.647 1.00 32.06 ? 132 ASP A OD1   1 
ATOM   981  O  OD2   . ASP A 1 132 ? -12.080 1.308   -16.438 1.00 35.63 ? 132 ASP A OD2   1 
ATOM   982  N  N     . LEU A 1 133 ? -11.388 0.844   -11.068 1.00 20.43 ? 133 LEU A N     1 
ATOM   983  C  CA    . LEU A 1 133 ? -11.673 0.400   -9.705  1.00 19.42 ? 133 LEU A CA    1 
ATOM   984  C  C     . LEU A 1 133 ? -11.316 1.499   -8.708  1.00 17.28 ? 133 LEU A C     1 
ATOM   985  O  O     . LEU A 1 133 ? -12.104 1.821   -7.821  1.00 17.80 ? 133 LEU A O     1 
ATOM   986  C  CB    . LEU A 1 133 ? -10.888 -0.878  -9.373  1.00 18.05 ? 133 LEU A CB    1 
ATOM   987  C  CG    . LEU A 1 133 ? -11.088 -1.456  -7.964  1.00 18.93 ? 133 LEU A CG    1 
ATOM   988  C  CD1   . LEU A 1 133 ? -12.528 -1.910  -7.765  1.00 19.73 ? 133 LEU A CD1   1 
ATOM   989  C  CD2   . LEU A 1 133 ? -10.139 -2.611  -7.752  1.00 21.07 ? 133 LEU A CD2   1 
ATOM   990  N  N     . ALA A 1 134 ? -10.132 2.081   -8.875  1.00 16.84 ? 134 ALA A N     1 
ATOM   991  C  CA    . ALA A 1 134 ? -9.664  3.134   -7.982  1.00 17.80 ? 134 ALA A CA    1 
ATOM   992  C  C     . ALA A 1 134 ? -10.594 4.344   -8.049  1.00 19.39 ? 134 ALA A C     1 
ATOM   993  O  O     . ALA A 1 134 ? -10.890 4.955   -7.022  1.00 18.89 ? 134 ALA A O     1 
ATOM   994  C  CB    . ALA A 1 134 ? -8.239  3.535   -8.341  1.00 13.77 ? 134 ALA A CB    1 
ATOM   995  N  N     . ARG A 1 135 ? -11.128 4.608   -9.244  1.00 21.23 ? 135 ARG A N     1 
ATOM   996  C  CA    . ARG A 1 135 ? -12.072 5.702   -9.474  1.00 23.78 ? 135 ARG A CA    1 
ATOM   997  C  C     . ARG A 1 135 ? -13.340 5.474   -8.673  1.00 24.46 ? 135 ARG A C     1 
ATOM   998  O  O     . ARG A 1 135 ? -13.857 6.398   -8.044  1.00 27.36 ? 135 ARG A O     1 
ATOM   999  C  CB    . ARG A 1 135 ? -12.430 5.793   -10.962 1.00 27.98 ? 135 ARG A CB    1 
ATOM   1000 C  CG    . ARG A 1 135 ? -12.374 7.201   -11.560 1.00 36.17 ? 135 ARG A CG    1 
ATOM   1001 C  CD    . ARG A 1 135 ? -12.903 7.238   -13.007 1.00 38.75 ? 135 ARG A CD    1 
ATOM   1002 N  NE    . ARG A 1 135 ? -14.363 7.329   -13.046 1.00 44.76 ? 135 ARG A NE    1 
ATOM   1003 C  CZ    . ARG A 1 135 ? -15.056 8.164   -13.822 1.00 46.57 ? 135 ARG A CZ    1 
ATOM   1004 N  NH1   . ARG A 1 135 ? -14.439 8.918   -14.732 1.00 46.08 ? 135 ARG A NH1   1 
ATOM   1005 N  NH2   . ARG A 1 135 ? -16.380 8.210   -13.722 1.00 46.66 ? 135 ARG A NH2   1 
ATOM   1006 N  N     . SER A 1 136 ? -13.814 4.231   -8.670  1.00 24.77 ? 136 SER A N     1 
ATOM   1007 C  CA    . SER A 1 136 ? -15.042 3.868   -7.971  1.00 24.57 ? 136 SER A CA    1 
ATOM   1008 C  C     . SER A 1 136 ? -14.889 3.919   -6.459  1.00 24.85 ? 136 SER A C     1 
ATOM   1009 O  O     . SER A 1 136 ? -15.879 4.047   -5.739  1.00 26.17 ? 136 SER A O     1 
ATOM   1010 C  CB    . SER A 1 136 ? -15.494 2.474   -8.384  1.00 24.95 ? 136 SER A CB    1 
ATOM   1011 O  OG    . SER A 1 136 ? -14.852 1.493   -7.595  1.00 30.27 ? 136 SER A OG    1 
ATOM   1012 N  N     . TYR A 1 137 ? -13.661 3.728   -5.979  1.00 24.30 ? 137 TYR A N     1 
ATOM   1013 C  CA    . TYR A 1 137 ? -13.351 3.897   -4.556  1.00 23.01 ? 137 TYR A CA    1 
ATOM   1014 C  C     . TYR A 1 137 ? -13.094 5.363   -4.222  1.00 21.41 ? 137 TYR A C     1 
ATOM   1015 O  O     . TYR A 1 137 ? -13.054 5.745   -3.054  1.00 22.43 ? 137 TYR A O     1 
ATOM   1016 C  CB    . TYR A 1 137 ? -12.105 3.099   -4.171  1.00 23.61 ? 137 TYR A CB    1 
ATOM   1017 C  CG    . TYR A 1 137 ? -12.228 1.601   -4.295  1.00 23.23 ? 137 TYR A CG    1 
ATOM   1018 C  CD1   . TYR A 1 137 ? -13.476 0.975   -4.284  1.00 23.45 ? 137 TYR A CD1   1 
ATOM   1019 C  CD2   . TYR A 1 137 ? -11.085 0.802   -4.363  1.00 24.19 ? 137 TYR A CD2   1 
ATOM   1020 C  CE1   . TYR A 1 137 ? -13.582 -0.422  -4.331  1.00 26.12 ? 137 TYR A CE1   1 
ATOM   1021 C  CE2   . TYR A 1 137 ? -11.176 -0.594  -4.410  1.00 26.93 ? 137 TYR A CE2   1 
ATOM   1022 C  CZ    . TYR A 1 137 ? -12.428 -1.196  -4.388  1.00 27.91 ? 137 TYR A CZ    1 
ATOM   1023 O  OH    . TYR A 1 137 ? -12.518 -2.567  -4.390  1.00 28.75 ? 137 TYR A OH    1 
ATOM   1024 N  N     . GLY A 1 138 ? -12.789 6.148   -5.248  1.00 20.21 ? 138 GLY A N     1 
ATOM   1025 C  CA    . GLY A 1 138 ? -12.384 7.520   -5.034  1.00 19.59 ? 138 GLY A CA    1 
ATOM   1026 C  C     . GLY A 1 138 ? -10.988 7.633   -4.455  1.00 19.32 ? 138 GLY A C     1 
ATOM   1027 O  O     . GLY A 1 138 ? -10.691 8.576   -3.730  1.00 20.28 ? 138 GLY A O     1 
ATOM   1028 N  N     . ILE A 1 139 ? -10.107 6.709   -4.815  1.00 17.13 ? 139 ILE A N     1 
ATOM   1029 C  CA    . ILE A 1 139 ? -8.730  6.763   -4.339  1.00 18.02 ? 139 ILE A CA    1 
ATOM   1030 C  C     . ILE A 1 139 ? -7.755  6.755   -5.517  1.00 16.70 ? 139 ILE A C     1 
ATOM   1031 O  O     . ILE A 1 139 ? -8.119  6.353   -6.619  1.00 19.66 ? 139 ILE A O     1 
ATOM   1032 C  CB    . ILE A 1 139 ? -8.427  5.573   -3.396  1.00 20.20 ? 139 ILE A CB    1 
ATOM   1033 C  CG1   . ILE A 1 139 ? -8.673  4.248   -4.128  1.00 18.89 ? 139 ILE A CG1   1 
ATOM   1034 C  CG2   . ILE A 1 139 ? -9.283  5.686   -2.123  1.00 17.00 ? 139 ILE A CG2   1 
ATOM   1035 C  CD1   . ILE A 1 139 ? -8.328  3.008   -3.318  1.00 18.37 ? 139 ILE A CD1   1 
ATOM   1036 N  N     . PRO A 1 140 ? -6.518  7.235   -5.307  1.00 13.61 ? 140 PRO A N     1 
ATOM   1037 C  CA    . PRO A 1 140 ? -5.512  7.273   -6.372  1.00 13.85 ? 140 PRO A CA    1 
ATOM   1038 C  C     . PRO A 1 140 ? -5.030  5.877   -6.748  1.00 12.94 ? 140 PRO A C     1 
ATOM   1039 O  O     . PRO A 1 140 ? -4.908  5.018   -5.884  1.00 14.15 ? 140 PRO A O     1 
ATOM   1040 C  CB    . PRO A 1 140 ? -4.369  8.091   -5.759  1.00 15.17 ? 140 PRO A CB    1 
ATOM   1041 C  CG    . PRO A 1 140 ? -4.973  8.798   -4.603  1.00 16.70 ? 140 PRO A CG    1 
ATOM   1042 C  CD    . PRO A 1 140 ? -6.013  7.864   -4.078  1.00 14.68 ? 140 PRO A CD    1 
ATOM   1043 N  N     . TYR A 1 141 ? -4.704  5.679   -8.025  1.00 11.25 ? 141 TYR A N     1 
ATOM   1044 C  CA    . TYR A 1 141 ? -4.003  4.474   -8.471  1.00 11.46 ? 141 TYR A CA    1 
ATOM   1045 C  C     . TYR A 1 141 ? -2.602  4.816   -8.966  1.00 11.28 ? 141 TYR A C     1 
ATOM   1046 O  O     . TYR A 1 141 ? -2.421  5.736   -9.772  1.00 12.45 ? 141 TYR A O     1 
ATOM   1047 C  CB    . TYR A 1 141 ? -4.790  3.776   -9.587  1.00 11.45 ? 141 TYR A CB    1 
ATOM   1048 C  CG    . TYR A 1 141 ? -4.062  2.604   -10.221 1.00 14.84 ? 141 TYR A CG    1 
ATOM   1049 C  CD1   . TYR A 1 141 ? -3.745  1.467   -9.474  1.00 13.94 ? 141 TYR A CD1   1 
ATOM   1050 C  CD2   . TYR A 1 141 ? -3.719  2.620   -11.574 1.00 15.68 ? 141 TYR A CD2   1 
ATOM   1051 C  CE1   . TYR A 1 141 ? -3.103  0.383   -10.052 1.00 12.87 ? 141 TYR A CE1   1 
ATOM   1052 C  CE2   . TYR A 1 141 ? -3.091  1.529   -12.170 1.00 16.60 ? 141 TYR A CE2   1 
ATOM   1053 C  CZ    . TYR A 1 141 ? -2.787  0.410   -11.400 1.00 17.53 ? 141 TYR A CZ    1 
ATOM   1054 O  OH    . TYR A 1 141 ? -2.222  -0.704  -11.991 1.00 16.79 ? 141 TYR A OH    1 
ATOM   1055 N  N     . ILE A 1 142 ? -1.617  4.066   -8.473  1.00 11.59 ? 142 ILE A N     1 
ATOM   1056 C  CA    . ILE A 1 142 ? -0.207  4.267   -8.815  1.00 11.53 ? 142 ILE A CA    1 
ATOM   1057 C  C     . ILE A 1 142 ? 0.446   2.917   -9.112  1.00 12.45 ? 142 ILE A C     1 
ATOM   1058 O  O     . ILE A 1 142 ? 0.256   1.952   -8.367  1.00 14.58 ? 142 ILE A O     1 
ATOM   1059 C  CB    . ILE A 1 142 ? 0.548   4.962   -7.647  1.00 13.26 ? 142 ILE A CB    1 
ATOM   1060 C  CG1   . ILE A 1 142 ? 0.007   6.383   -7.460  1.00 12.65 ? 142 ILE A CG1   1 
ATOM   1061 C  CG2   . ILE A 1 142 ? 2.044   4.999   -7.916  1.00 13.08 ? 142 ILE A CG2   1 
ATOM   1062 C  CD1   . ILE A 1 142 ? 0.576   7.116   -6.285  1.00 17.72 ? 142 ILE A CD1   1 
ATOM   1063 N  N     . GLU A 1 143 ? 1.105   2.806   -10.261 1.00 11.27 ? 143 GLU A N     1 
ATOM   1064 C  CA    . GLU A 1 143 ? 1.836   1.584   -10.583 1.00 10.61 ? 143 GLU A CA    1 
ATOM   1065 C  C     . GLU A 1 143 ? 3.284   1.699   -10.145 1.00 13.04 ? 143 GLU A C     1 
ATOM   1066 O  O     . GLU A 1 143 ? 3.900   2.765   -10.258 1.00 13.01 ? 143 GLU A O     1 
ATOM   1067 C  CB    . GLU A 1 143 ? 1.775   1.289   -12.078 1.00 12.45 ? 143 GLU A CB    1 
ATOM   1068 C  CG    . GLU A 1 143 ? 0.390   0.912   -12.546 1.00 13.74 ? 143 GLU A CG    1 
ATOM   1069 C  CD    . GLU A 1 143 ? 0.375   0.070   -13.810 1.00 13.02 ? 143 GLU A CD    1 
ATOM   1070 O  OE1   . GLU A 1 143 ? 1.401   -0.006  -14.515 1.00 13.44 ? 143 GLU A OE1   1 
ATOM   1071 O  OE2   . GLU A 1 143 ? -0.705  -0.477  -14.119 1.00 13.42 ? 143 GLU A OE2   1 
ATOM   1072 N  N     . THR A 1 144 ? 3.812   0.606   -9.607  1.00 12.16 ? 144 THR A N     1 
ATOM   1073 C  CA    . THR A 1 144 ? 5.138   0.615   -9.008  1.00 12.09 ? 144 THR A CA    1 
ATOM   1074 C  C     . THR A 1 144 ? 5.950   -0.560  -9.492  1.00 12.04 ? 144 THR A C     1 
ATOM   1075 O  O     . THR A 1 144 ? 5.411   -1.549  -9.969  1.00 12.80 ? 144 THR A O     1 
ATOM   1076 C  CB    . THR A 1 144 ? 5.080   0.518   -7.463  1.00 11.67 ? 144 THR A CB    1 
ATOM   1077 O  OG1   . THR A 1 144 ? 4.401   -0.685  -7.095  1.00 10.66 ? 144 THR A OG1   1 
ATOM   1078 C  CG2   . THR A 1 144 ? 4.347   1.717   -6.844  1.00 9.77  ? 144 THR A CG2   1 
ATOM   1079 N  N     . SER A 1 145 ? 7.257   -0.447  -9.326  1.00 13.32 ? 145 SER A N     1 
ATOM   1080 C  CA    . SER A 1 145 ? 8.151   -1.584  -9.431  1.00 14.55 ? 145 SER A CA    1 
ATOM   1081 C  C     . SER A 1 145 ? 9.181   -1.464  -8.317  1.00 14.44 ? 145 SER A C     1 
ATOM   1082 O  O     . SER A 1 145 ? 9.989   -0.533  -8.306  1.00 13.89 ? 145 SER A O     1 
ATOM   1083 C  CB    . SER A 1 145 ? 8.860   -1.589  -10.787 1.00 16.56 ? 145 SER A CB    1 
ATOM   1084 O  OG    . SER A 1 145 ? 9.796   -2.653  -10.862 1.00 18.27 ? 145 SER A OG    1 
ATOM   1085 N  N     . ALA A 1 146 ? 9.116   -2.374  -7.348  1.00 14.23 ? 146 ALA A N     1 
ATOM   1086 C  CA    . ALA A 1 146 ? 10.134  -2.432  -6.318  1.00 13.84 ? 146 ALA A CA    1 
ATOM   1087 C  C     . ALA A 1 146 ? 11.484  -2.773  -6.940  1.00 15.96 ? 146 ALA A C     1 
ATOM   1088 O  O     . ALA A 1 146 ? 12.522  -2.416  -6.396  1.00 18.91 ? 146 ALA A O     1 
ATOM   1089 C  CB    . ALA A 1 146 ? 9.759   -3.457  -5.270  1.00 13.95 ? 146 ALA A CB    1 
ATOM   1090 N  N     . LYS A 1 147 ? 11.465  -3.384  -8.124  1.00 17.44 ? 147 LYS A N     1 
ATOM   1091 C  CA    . LYS A 1 147 ? 12.696  -3.785  -8.801  1.00 19.88 ? 147 LYS A CA    1 
ATOM   1092 C  C     . LYS A 1 147 ? 13.457  -2.598  -9.380  1.00 21.79 ? 147 LYS A C     1 
ATOM   1093 O  O     . LYS A 1 147 ? 14.675  -2.503  -9.214  1.00 24.57 ? 147 LYS A O     1 
ATOM   1094 C  CB    . LYS A 1 147 ? 12.389  -4.792  -9.912  1.00 23.15 ? 147 LYS A CB    1 
ATOM   1095 C  CG    . LYS A 1 147 ? 13.625  -5.382  -10.579 1.00 27.02 ? 147 LYS A CG    1 
ATOM   1096 C  CD    . LYS A 1 147 ? 13.413  -6.848  -10.931 1.00 31.09 ? 147 LYS A CD    1 
ATOM   1097 C  CE    . LYS A 1 147 ? 14.702  -7.494  -11.431 1.00 34.24 ? 147 LYS A CE    1 
ATOM   1098 N  NZ    . LYS A 1 147 ? 14.649  -7.797  -12.893 1.00 36.42 ? 147 LYS A NZ    1 
ATOM   1099 N  N     . THR A 1 148 ? 12.744  -1.710  -10.071 1.00 21.05 ? 148 THR A N     1 
ATOM   1100 C  CA    . THR A 1 148 ? 13.366  -0.559  -10.731 1.00 20.87 ? 148 THR A CA    1 
ATOM   1101 C  C     . THR A 1 148 ? 13.265  0.707   -9.885  1.00 22.70 ? 148 THR A C     1 
ATOM   1102 O  O     . THR A 1 148 ? 13.841  1.740   -10.241 1.00 23.43 ? 148 THR A O     1 
ATOM   1103 C  CB    . THR A 1 148 ? 12.713  -0.263  -12.093 1.00 19.39 ? 148 THR A CB    1 
ATOM   1104 O  OG1   . THR A 1 148 ? 11.363  0.159   -11.889 1.00 19.38 ? 148 THR A OG1   1 
ATOM   1105 C  CG2   . THR A 1 148 ? 12.723  -1.494  -12.982 1.00 17.98 ? 148 THR A CG2   1 
ATOM   1106 N  N     . ARG A 1 149 ? 12.456  0.632   -8.827  1.00 21.16 ? 149 ARG A N     1 
ATOM   1107 C  CA    . ARG A 1 149 ? 12.123  1.759   -7.942  1.00 21.90 ? 149 ARG A CA    1 
ATOM   1108 C  C     . ARG A 1 149 ? 11.171  2.806   -8.541  1.00 21.13 ? 149 ARG A C     1 
ATOM   1109 O  O     . ARG A 1 149 ? 10.777  3.749   -7.854  1.00 20.20 ? 149 ARG A O     1 
ATOM   1110 C  CB    . ARG A 1 149 ? 13.385  2.438   -7.389  1.00 22.19 ? 149 ARG A CB    1 
ATOM   1111 C  CG    . ARG A 1 149 ? 13.180  3.009   -5.990  1.00 24.74 ? 149 ARG A CG    1 
ATOM   1112 C  CD    . ARG A 1 149 ? 14.320  3.914   -5.533  1.00 28.67 ? 149 ARG A CD    1 
ATOM   1113 N  NE    . ARG A 1 149 ? 13.947  4.677   -4.340  1.00 30.53 ? 149 ARG A NE    1 
ATOM   1114 C  CZ    . ARG A 1 149 ? 14.205  4.286   -3.097  1.00 31.75 ? 149 ARG A CZ    1 
ATOM   1115 N  NH1   . ARG A 1 149 ? 14.961  3.220   -2.895  1.00 36.01 ? 149 ARG A NH1   1 
ATOM   1116 N  NH2   . ARG A 1 149 ? 13.742  4.972   -2.057  1.00 31.48 ? 149 ARG A NH2   1 
ATOM   1117 N  N     . GLN A 1 150 ? 10.630  2.506   -9.721  1.00 20.37 ? 150 GLN A N     1 
ATOM   1118 C  CA    . GLN A 1 150 ? 9.597   3.334   -10.334 1.00 20.49 ? 150 GLN A CA    1 
ATOM   1119 C  C     . GLN A 1 150 ? 8.354   3.410   -9.459  1.00 18.54 ? 150 GLN A C     1 
ATOM   1120 O  O     . GLN A 1 150 ? 7.753   2.388   -9.120  1.00 16.33 ? 150 GLN A O     1 
ATOM   1121 C  CB    . GLN A 1 150 ? 9.205   2.790   -11.715 1.00 22.71 ? 150 GLN A CB    1 
ATOM   1122 C  CG    . GLN A 1 150 ? 7.961   3.471   -12.295 1.00 31.11 ? 150 GLN A CG    1 
ATOM   1123 C  CD    . GLN A 1 150 ? 7.698   3.126   -13.748 1.00 35.05 ? 150 GLN A CD    1 
ATOM   1124 O  OE1   . GLN A 1 150 ? 7.271   2.018   -14.068 1.00 38.20 ? 150 GLN A OE1   1 
ATOM   1125 N  NE2   . GLN A 1 150 ? 7.877   4.102   -14.626 1.00 38.44 ? 150 GLN A NE2   1 
ATOM   1126 N  N     . GLY A 1 151 ? 7.972   4.636   -9.113  1.00 16.75 ? 151 GLY A N     1 
ATOM   1127 C  CA    . GLY A 1 151 ? 6.708   4.872   -8.443  1.00 14.21 ? 151 GLY A CA    1 
ATOM   1128 C  C     . GLY A 1 151 ? 6.700   4.607   -6.950  1.00 13.41 ? 151 GLY A C     1 
ATOM   1129 O  O     . GLY A 1 151 ? 5.682   4.837   -6.306  1.00 13.09 ? 151 GLY A O     1 
ATOM   1130 N  N     . VAL A 1 152 ? 7.820   4.144   -6.394  1.00 14.41 ? 152 VAL A N     1 
ATOM   1131 C  CA    . VAL A 1 152 ? 7.891   3.771   -4.978  1.00 15.18 ? 152 VAL A CA    1 
ATOM   1132 C  C     . VAL A 1 152 ? 7.706   4.950   -4.007  1.00 15.90 ? 152 VAL A C     1 
ATOM   1133 O  O     . VAL A 1 152 ? 6.851   4.900   -3.123  1.00 15.09 ? 152 VAL A O     1 
ATOM   1134 C  CB    . VAL A 1 152 ? 9.217   3.041   -4.672  1.00 17.04 ? 152 VAL A CB    1 
ATOM   1135 C  CG1   . VAL A 1 152 ? 9.368   2.806   -3.173  1.00 17.22 ? 152 VAL A CG1   1 
ATOM   1136 C  CG2   . VAL A 1 152 ? 9.256   1.711   -5.426  1.00 14.49 ? 152 VAL A CG2   1 
ATOM   1137 N  N     . GLU A 1 153 ? 8.481   6.018   -4.190  1.00 16.51 ? 153 GLU A N     1 
ATOM   1138 C  CA    . GLU A 1 153 ? 8.324   7.224   -3.374  1.00 17.61 ? 153 GLU A CA    1 
ATOM   1139 C  C     . GLU A 1 153 ? 6.988   7.896   -3.666  1.00 15.39 ? 153 GLU A C     1 
ATOM   1140 O  O     . GLU A 1 153 ? 6.287   8.339   -2.760  1.00 16.52 ? 153 GLU A O     1 
ATOM   1141 C  CB    . GLU A 1 153 ? 9.473   8.198   -3.644  1.00 20.38 ? 153 GLU A CB    1 
ATOM   1142 C  CG    . GLU A 1 153 ? 10.827  7.659   -3.203  1.00 24.70 ? 153 GLU A CG    1 
ATOM   1143 C  CD    . GLU A 1 153 ? 11.886  8.740   -3.063  1.00 30.42 ? 153 GLU A CD    1 
ATOM   1144 O  OE1   . GLU A 1 153 ? 11.635  9.898   -3.473  1.00 30.76 ? 153 GLU A OE1   1 
ATOM   1145 O  OE2   . GLU A 1 153 ? 12.969  8.435   -2.512  1.00 33.01 ? 153 GLU A OE2   1 
ATOM   1146 N  N     . ASP A 1 154 ? 6.593   7.855   -4.931  1.00 15.76 ? 154 ASP A N     1 
ATOM   1147 C  CA    . ASP A 1 154 ? 5.299   8.354   -5.357  1.00 14.11 ? 154 ASP A CA    1 
ATOM   1148 C  C     . ASP A 1 154 ? 4.169   7.746   -4.530  1.00 15.15 ? 154 ASP A C     1 
ATOM   1149 O  O     . ASP A 1 154 ? 3.325   8.469   -3.999  1.00 14.81 ? 154 ASP A O     1 
ATOM   1150 C  CB    . ASP A 1 154 ? 5.092   8.014   -6.831  1.00 18.88 ? 154 ASP A CB    1 
ATOM   1151 C  CG    . ASP A 1 154 ? 4.314   9.071   -7.574  1.00 23.35 ? 154 ASP A CG    1 
ATOM   1152 O  OD1   . ASP A 1 154 ? 3.740   9.976   -6.926  1.00 28.96 ? 154 ASP A OD1   1 
ATOM   1153 O  OD2   . ASP A 1 154 ? 4.285   8.998   -8.823  1.00 25.26 ? 154 ASP A OD2   1 
ATOM   1154 N  N     . ALA A 1 155 ? 4.160   6.419   -4.418  1.00 11.98 ? 155 ALA A N     1 
ATOM   1155 C  CA    . ALA A 1 155 ? 3.085   5.709   -3.729  1.00 10.89 ? 155 ALA A CA    1 
ATOM   1156 C  C     . ALA A 1 155 ? 2.990   6.082   -2.251  1.00 10.20 ? 155 ALA A C     1 
ATOM   1157 O  O     . ALA A 1 155 ? 1.914   6.428   -1.753  1.00 11.30 ? 155 ALA A O     1 
ATOM   1158 C  CB    . ALA A 1 155 ? 3.269   4.196   -3.882  1.00 9.86  ? 155 ALA A CB    1 
ATOM   1159 N  N     . PHE A 1 156 ? 4.128   6.078   -1.567  1.00 10.88 ? 156 PHE A N     1 
ATOM   1160 C  CA    . PHE A 1 156 ? 4.156   6.376   -0.139  1.00 10.09 ? 156 PHE A CA    1 
ATOM   1161 C  C     . PHE A 1 156 ? 3.900   7.857   0.145   1.00 12.40 ? 156 PHE A C     1 
ATOM   1162 O  O     . PHE A 1 156 ? 3.166   8.191   1.081   1.00 10.92 ? 156 PHE A O     1 
ATOM   1163 C  CB    . PHE A 1 156 ? 5.494   5.950   0.459   1.00 10.98 ? 156 PHE A CB    1 
ATOM   1164 C  CG    . PHE A 1 156 ? 5.608   4.461   0.692   1.00 13.22 ? 156 PHE A CG    1 
ATOM   1165 C  CD1   . PHE A 1 156 ? 5.197   3.902   1.903   1.00 13.88 ? 156 PHE A CD1   1 
ATOM   1166 C  CD2   . PHE A 1 156 ? 6.204   3.637   -0.262  1.00 11.57 ? 156 PHE A CD2   1 
ATOM   1167 C  CE1   . PHE A 1 156 ? 5.392   2.541   2.168   1.00 13.08 ? 156 PHE A CE1   1 
ATOM   1168 C  CE2   . PHE A 1 156 ? 6.406   2.282   -0.010  1.00 13.46 ? 156 PHE A CE2   1 
ATOM   1169 C  CZ    . PHE A 1 156 ? 5.999   1.733   1.212   1.00 13.06 ? 156 PHE A CZ    1 
ATOM   1170 N  N     . TYR A 1 157 ? 4.463   8.738   -0.683  1.00 12.75 ? 157 TYR A N     1 
ATOM   1171 C  CA    . TYR A 1 157 ? 4.269   10.178  -0.487  1.00 15.39 ? 157 TYR A CA    1 
ATOM   1172 C  C     . TYR A 1 157 ? 2.834   10.584  -0.786  1.00 13.21 ? 157 TYR A C     1 
ATOM   1173 O  O     . TYR A 1 157 ? 2.236   11.334  -0.022  1.00 14.09 ? 157 TYR A O     1 
ATOM   1174 C  CB    . TYR A 1 157 ? 5.229   11.004  -1.362  1.00 16.93 ? 157 TYR A CB    1 
ATOM   1175 C  CG    . TYR A 1 157 ? 6.681   10.965  -0.928  1.00 19.16 ? 157 TYR A CG    1 
ATOM   1176 C  CD1   . TYR A 1 157 ? 7.117   10.089  0.070   1.00 21.09 ? 157 TYR A CD1   1 
ATOM   1177 C  CD2   . TYR A 1 157 ? 7.633   11.761  -1.565  1.00 21.08 ? 157 TYR A CD2   1 
ATOM   1178 C  CE1   . TYR A 1 157 ? 8.462   9.997   0.414   1.00 23.04 ? 157 TYR A CE1   1 
ATOM   1179 C  CE2   . TYR A 1 157 ? 8.976   11.681  -1.228  1.00 23.64 ? 157 TYR A CE2   1 
ATOM   1180 C  CZ    . TYR A 1 157 ? 9.385   10.795  -0.242  1.00 26.30 ? 157 TYR A CZ    1 
ATOM   1181 O  OH    . TYR A 1 157 ? 10.727  10.700  0.073   1.00 31.34 ? 157 TYR A OH    1 
ATOM   1182 N  N     . THR A 1 158 ? 2.254   10.025  -1.849  1.00 12.83 ? 158 THR A N     1 
ATOM   1183 C  CA    . THR A 1 158 ? 0.848   10.277  -2.158  1.00 11.72 ? 158 THR A CA    1 
ATOM   1184 C  C     . THR A 1 158 ? -0.055  9.886   -0.988  1.00 12.65 ? 158 THR A C     1 
ATOM   1185 O  O     . THR A 1 158 ? -0.983  10.623  -0.644  1.00 12.41 ? 158 THR A O     1 
ATOM   1186 C  CB    . THR A 1 158 ? 0.387   9.507   -3.404  1.00 12.33 ? 158 THR A CB    1 
ATOM   1187 O  OG1   . THR A 1 158 ? 1.145   9.939   -4.542  1.00 13.87 ? 158 THR A OG1   1 
ATOM   1188 C  CG2   . THR A 1 158 ? -1.093  9.752   -3.659  1.00 11.89 ? 158 THR A CG2   1 
ATOM   1189 N  N     . LEU A 1 159 ? 0.260   8.757   -0.347  1.00 11.26 ? 159 LEU A N     1 
ATOM   1190 C  CA    . LEU A 1 159 ? -0.505  8.306   0.816   1.00 11.82 ? 159 LEU A CA    1 
ATOM   1191 C  C     . LEU A 1 159 ? -0.418  9.310   1.957   1.00 11.46 ? 159 LEU A C     1 
ATOM   1192 O  O     . LEU A 1 159 ? -1.427  9.631   2.578   1.00 12.02 ? 159 LEU A O     1 
ATOM   1193 C  CB    . LEU A 1 159 ? -0.017  6.936   1.304   1.00 11.16 ? 159 LEU A CB    1 
ATOM   1194 C  CG    . LEU A 1 159 ? -0.787  6.348   2.501   1.00 10.75 ? 159 LEU A CG    1 
ATOM   1195 C  CD1   . LEU A 1 159 ? -2.275  6.399   2.235   1.00 10.35 ? 159 LEU A CD1   1 
ATOM   1196 C  CD2   . LEU A 1 159 ? -0.352  4.905   2.744   1.00 7.71  ? 159 LEU A CD2   1 
ATOM   1197 N  N     . VAL A 1 160 ? 0.785   9.835   2.192   1.00 12.66 ? 160 VAL A N     1 
ATOM   1198 C  CA    . VAL A 1 160 ? 1.007   10.812  3.248   1.00 10.67 ? 160 VAL A CA    1 
ATOM   1199 C  C     . VAL A 1 160 ? 0.208   12.076  2.965   1.00 11.07 ? 160 VAL A C     1 
ATOM   1200 O  O     . VAL A 1 160 ? -0.423  12.628  3.862   1.00 12.35 ? 160 VAL A O     1 
ATOM   1201 C  CB    . VAL A 1 160 ? 2.507   11.151  3.382   1.00 10.58 ? 160 VAL A CB    1 
ATOM   1202 C  CG1   . VAL A 1 160 ? 2.695   12.448  4.180   1.00 11.86 ? 160 VAL A CG1   1 
ATOM   1203 C  CG2   . VAL A 1 160 ? 3.236   10.003  4.066   1.00 8.30  ? 160 VAL A CG2   1 
ATOM   1204 N  N     . ARG A 1 161 ? 0.143   12.462  1.695   1.00 12.94 ? 161 ARG A N     1 
ATOM   1205 C  CA    . ARG A 1 161 ? -0.648  13.623  1.290   1.00 12.19 ? 161 ARG A CA    1 
ATOM   1206 C  C     . ARG A 1 161 ? -2.159  13.395  1.447   1.00 15.19 ? 161 ARG A C     1 
ATOM   1207 O  O     . ARG A 1 161 ? -2.892  14.302  1.856   1.00 15.48 ? 161 ARG A O     1 
ATOM   1208 C  CB    . ARG A 1 161 ? -0.313  14.000  -0.152  1.00 11.97 ? 161 ARG A CB    1 
ATOM   1209 C  CG    . ARG A 1 161 ? 1.146   14.329  -0.331  1.00 12.97 ? 161 ARG A CG    1 
ATOM   1210 C  CD    . ARG A 1 161 ? 1.423   14.970  -1.669  1.00 16.00 ? 161 ARG A CD    1 
ATOM   1211 N  NE    . ARG A 1 161 ? 2.851   15.235  -1.825  1.00 16.15 ? 161 ARG A NE    1 
ATOM   1212 C  CZ    . ARG A 1 161 ? 3.659   14.543  -2.621  1.00 14.09 ? 161 ARG A CZ    1 
ATOM   1213 N  NH1   . ARG A 1 161 ? 3.149   13.733  -3.537  1.00 15.40 ? 161 ARG A NH1   1 
ATOM   1214 N  NH2   . ARG A 1 161 ? 4.965   14.777  -2.604  1.00 14.45 ? 161 ARG A NH2   1 
ATOM   1215 N  N     . GLU A 1 162 ? -2.600  12.154  1.247   1.00 13.73 ? 162 GLU A N     1 
ATOM   1216 C  CA    . GLU A 1 162 ? -3.999  11.811  1.464   1.00 14.78 ? 162 GLU A CA    1 
ATOM   1217 C  C     . GLU A 1 162 ? -4.374  11.940  2.936   1.00 14.62 ? 162 GLU A C     1 
ATOM   1218 O  O     . GLU A 1 162 ? -5.443  12.460  3.267   1.00 17.19 ? 162 GLU A O     1 
ATOM   1219 C  CB    . GLU A 1 162 ? -4.289  10.391  0.966   1.00 17.25 ? 162 GLU A CB    1 
ATOM   1220 C  CG    . GLU A 1 162 ? -4.292  10.248  -0.553  1.00 17.31 ? 162 GLU A CG    1 
ATOM   1221 C  CD    . GLU A 1 162 ? -5.417  11.013  -1.206  1.00 17.99 ? 162 GLU A CD    1 
ATOM   1222 O  OE1   . GLU A 1 162 ? -6.595  10.719  -0.922  1.00 21.94 ? 162 GLU A OE1   1 
ATOM   1223 O  OE2   . GLU A 1 162 ? -5.130  11.949  -1.967  1.00 20.48 ? 162 GLU A OE2   1 
ATOM   1224 N  N     . ILE A 1 163 ? -3.491  11.485  3.820   1.00 14.08 ? 163 ILE A N     1 
ATOM   1225 C  CA    . ILE A 1 163 ? -3.713  11.643  5.258   1.00 14.33 ? 163 ILE A CA    1 
ATOM   1226 C  C     . ILE A 1 163 ? -3.746  13.132  5.643   1.00 16.62 ? 163 ILE A C     1 
ATOM   1227 O  O     . ILE A 1 163 ? -4.600  13.555  6.427   1.00 16.99 ? 163 ILE A O     1 
ATOM   1228 C  CB    . ILE A 1 163 ? -2.609  10.943  6.085   1.00 12.62 ? 163 ILE A CB    1 
ATOM   1229 C  CG1   . ILE A 1 163 ? -2.594  9.444   5.781   1.00 12.91 ? 163 ILE A CG1   1 
ATOM   1230 C  CG2   . ILE A 1 163 ? -2.855  11.158  7.572   1.00 13.55 ? 163 ILE A CG2   1 
ATOM   1231 C  CD1   . ILE A 1 163 ? -1.379  8.729   6.325   1.00 10.82 ? 163 ILE A CD1   1 
ATOM   1232 N  N     . ARG A 1 164 ? -2.833  13.919  5.073   1.00 16.48 ? 164 ARG A N     1 
ATOM   1233 C  CA    . ARG A 1 164 ? -2.767  15.350  5.358   1.00 19.70 ? 164 ARG A CA    1 
ATOM   1234 C  C     . ARG A 1 164 ? -4.036  16.076  4.902   1.00 22.57 ? 164 ARG A C     1 
ATOM   1235 O  O     . ARG A 1 164 ? -4.363  17.148  5.422   1.00 22.31 ? 164 ARG A O     1 
ATOM   1236 C  CB    . ARG A 1 164 ? -1.531  15.978  4.688   1.00 18.33 ? 164 ARG A CB    1 
ATOM   1237 C  CG    . ARG A 1 164 ? -0.212  15.393  5.172   1.00 21.13 ? 164 ARG A CG    1 
ATOM   1238 C  CD    . ARG A 1 164 ? 0.968   16.366  5.096   1.00 20.56 ? 164 ARG A CD    1 
ATOM   1239 N  NE    . ARG A 1 164 ? 1.542   16.445  3.759   1.00 23.52 ? 164 ARG A NE    1 
ATOM   1240 C  CZ    . ARG A 1 164 ? 2.845   16.538  3.482   1.00 19.78 ? 164 ARG A CZ    1 
ATOM   1241 N  NH1   . ARG A 1 164 ? 3.774   16.365  4.418   1.00 19.56 ? 164 ARG A NH1   1 
ATOM   1242 N  NH2   . ARG A 1 164 ? 3.222   16.680  2.227   1.00 16.97 ? 164 ARG A NH2   1 
ATOM   1243 N  N     . GLN A 1 165 ? -4.778  15.454  3.985   1.00 23.24 ? 165 GLN A N     1 
ATOM   1244 C  CA    . GLN A 1 165 ? -5.985  16.061  3.424   1.00 26.88 ? 165 GLN A CA    1 
ATOM   1245 C  C     . GLN A 1 165 ? -7.280  15.544  4.057   1.00 27.26 ? 165 GLN A C     1 
ATOM   1246 O  O     . GLN A 1 165 ? -8.364  16.060  3.776   1.00 28.29 ? 165 GLN A O     1 
ATOM   1247 C  CB    . GLN A 1 165 ? -6.033  15.824  1.912   1.00 28.21 ? 165 GLN A CB    1 
ATOM   1248 C  CG    . GLN A 1 165 ? -5.118  16.739  1.114   1.00 36.09 ? 165 GLN A CG    1 
ATOM   1249 C  CD    . GLN A 1 165 ? -5.803  18.030  0.695   1.00 39.64 ? 165 GLN A CD    1 
ATOM   1250 O  OE1   . GLN A 1 165 ? -5.702  19.060  1.372   1.00 41.61 ? 165 GLN A OE1   1 
ATOM   1251 N  NE2   . GLN A 1 165 ? -6.484  17.985  -0.444  1.00 43.05 ? 165 GLN A NE2   1 
ATOM   1252 N  N     . HIS A 1 166 ? -7.172  14.521  4.898   1.00 25.51 ? 166 HIS A N     1 
ATOM   1253 C  CA    . HIS A 1 166 ? -8.354  13.845  5.416   1.00 25.42 ? 166 HIS A CA    1 
ATOM   1254 C  C     . HIS A 1 166 ? -9.053  14.666  6.498   1.00 25.55 ? 166 HIS A C     1 
ATOM   1255 O  O     . HIS A 1 166 ? -8.357  15.373  7.249   1.00 26.72 ? 166 HIS A O     1 
ATOM   1256 C  CB    . HIS A 1 166 ? -7.979  12.463  5.962   1.00 25.12 ? 166 HIS A CB    1 
ATOM   1257 C  CG    . HIS A 1 166 ? -9.159  11.625  6.344   1.00 26.26 ? 166 HIS A CG    1 
ATOM   1258 N  ND1   . HIS A 1 166 ? -9.629  11.547  7.638   1.00 26.43 ? 166 HIS A ND1   1 
ATOM   1259 C  CD2   . HIS A 1 166 ? -9.979  10.845  5.599   1.00 26.70 ? 166 HIS A CD2   1 
ATOM   1260 C  CE1   . HIS A 1 166 ? -10.689 10.760  7.673   1.00 28.42 ? 166 HIS A CE1   1 
ATOM   1261 N  NE2   . HIS A 1 166 ? -10.922 10.320  6.451   1.00 25.89 ? 166 HIS A NE2   1 
ATOM   1262 O  OXT   . HIS A 1 166 ? -10.296 14.585  6.578   1.00 26.46 ? 166 HIS A OXT   1 
HETATM 1263 MG MG    . MG  B 2 .   ? 6.415   -9.660  3.070   1.00 15.09 ? 168 MG  A MG    1 
HETATM 1264 C  C10   . DBG C 3 .   ? 4.666   -14.842 1.503   1.00 19.32 ? 167 DBG A C10   1 
HETATM 1265 N  N3G   . DBG C 3 .   ? 4.909   -13.542 1.859   1.00 19.38 ? 167 DBG A N3G   1 
HETATM 1266 P  PG    . DBG C 3 .   ? 4.563   -12.065 1.616   1.00 14.71 ? 167 DBG A PG    1 
HETATM 1267 O  O1G   . DBG C 3 .   ? 3.105   -11.980 1.418   1.00 14.04 ? 167 DBG A O1G   1 
HETATM 1268 O  O2G   . DBG C 3 .   ? 4.965   -11.314 2.791   1.00 13.13 ? 167 DBG A O2G   1 
HETATM 1269 N  N3B   . DBG C 3 .   ? 5.326   -11.534 0.301   1.00 13.76 ? 167 DBG A N3B   1 
HETATM 1270 P  PB    . DBG C 3 .   ? 5.276   -9.980  -0.103  1.00 11.40 ? 167 DBG A PB    1 
HETATM 1271 O  O1B   . DBG C 3 .   ? 3.928   -9.554  -0.559  1.00 10.57 ? 167 DBG A O1B   1 
HETATM 1272 O  O2B   . DBG C 3 .   ? 5.822   -9.139  0.961   1.00 12.44 ? 167 DBG A O2B   1 
HETATM 1273 O  O3A   . DBG C 3 .   ? 6.281   -9.889  -1.357  1.00 9.97  ? 167 DBG A O3A   1 
HETATM 1274 P  PA    . DBG C 3 .   ? 7.899   -9.879  -1.402  1.00 11.99 ? 167 DBG A PA    1 
HETATM 1275 O  O1A   . DBG C 3 .   ? 8.448   -8.494  -1.214  1.00 12.89 ? 167 DBG A O1A   1 
HETATM 1276 O  O2A   . DBG C 3 .   ? 8.434   -10.877 -0.452  1.00 12.90 ? 167 DBG A O2A   1 
HETATM 1277 O  "O5'" . DBG C 3 .   ? 8.158   -10.351 -2.894  1.00 12.38 ? 167 DBG A "O5'" 1 
HETATM 1278 C  "C5'" . DBG C 3 .   ? 7.717   -11.588 -3.413  1.00 15.50 ? 167 DBG A "C5'" 1 
HETATM 1279 C  "C4'" . DBG C 3 .   ? 8.492   -11.927 -4.638  1.00 14.52 ? 167 DBG A "C4'" 1 
HETATM 1280 O  "O4'" . DBG C 3 .   ? 8.239   -10.970 -5.695  1.00 13.57 ? 167 DBG A "O4'" 1 
HETATM 1281 C  "C2'" . DBG C 3 .   ? 10.386  -10.465 -4.888  1.00 16.55 ? 167 DBG A "C2'" 1 
HETATM 1282 O  "O2'" . DBG C 3 .   ? 11.734  -10.364 -5.282  1.00 17.43 ? 167 DBG A "O2'" 1 
HETATM 1283 C  "C3'" . DBG C 3 .   ? 10.022  -11.897 -4.434  1.00 18.53 ? 167 DBG A "C3'" 1 
HETATM 1284 O  "O3'" . DBG C 3 .   ? 10.656  -12.882 -5.246  1.00 23.71 ? 167 DBG A "O3'" 1 
HETATM 1285 C  "C1'" . DBG C 3 .   ? 9.457   -10.277 -6.070  1.00 14.38 ? 167 DBG A "C1'" 1 
HETATM 1286 N  N9    . DBG C 3 .   ? 9.093   -8.881  -6.325  1.00 12.62 ? 167 DBG A N9    1 
HETATM 1287 C  C4    . DBG C 3 .   ? 9.076   -8.272  -7.522  1.00 14.54 ? 167 DBG A C4    1 
HETATM 1288 N  N3    . DBG C 3 .   ? 9.464   -8.816  -8.679  1.00 14.92 ? 167 DBG A N3    1 
HETATM 1289 C  C2    . DBG C 3 .   ? 9.430   -7.980  -9.728  1.00 17.19 ? 167 DBG A C2    1 
HETATM 1290 N  N2    . DBG C 3 .   ? 9.942   -8.352  -10.914 1.00 15.09 ? 167 DBG A N2    1 
HETATM 1291 N  N1    . DBG C 3 .   ? 8.874   -6.689  -9.613  1.00 15.33 ? 167 DBG A N1    1 
HETATM 1292 C  C6    . DBG C 3 .   ? 8.648   -6.060  -8.394  1.00 15.62 ? 167 DBG A C6    1 
HETATM 1293 O  O6    . DBG C 3 .   ? 8.340   -4.867  -8.372  1.00 13.53 ? 167 DBG A O6    1 
HETATM 1294 C  C5    . DBG C 3 .   ? 8.674   -6.991  -7.301  1.00 12.64 ? 167 DBG A C5    1 
HETATM 1295 N  N7    . DBG C 3 .   ? 8.306   -6.817  -5.955  1.00 13.67 ? 167 DBG A N7    1 
HETATM 1296 C  C8    . DBG C 3 .   ? 8.506   -7.984  -5.470  1.00 13.69 ? 167 DBG A C8    1 
HETATM 1297 O  O     . HOH D 4 .   ? 10.574  6.124   -6.526  1.00 22.90 ? 201 HOH A O     1 
HETATM 1298 O  O     . HOH D 4 .   ? 8.165   -11.620 -8.669  1.00 31.92 ? 202 HOH A O     1 
HETATM 1299 O  O     . HOH D 4 .   ? 2.922   -11.787 -8.536  1.00 22.49 ? 203 HOH A O     1 
HETATM 1300 O  O     . HOH D 4 .   ? -7.336  8.075   -0.176  1.00 19.51 ? 204 HOH A O     1 
HETATM 1301 O  O     . HOH D 4 .   ? -3.769  -8.093  -3.076  1.00 12.84 ? 205 HOH A O     1 
HETATM 1302 O  O     . HOH D 4 .   ? -7.419  12.118  1.523   1.00 43.30 ? 206 HOH A O     1 
HETATM 1303 O  O     . HOH D 4 .   ? 13.240  -4.438  -1.929  1.00 19.64 ? 207 HOH A O     1 
HETATM 1304 O  O     . HOH D 4 .   ? 4.801   -8.323  4.002   1.00 18.00 ? 208 HOH A O     1 
HETATM 1305 O  O     . HOH D 4 .   ? 1.334   18.127  1.046   1.00 20.09 ? 209 HOH A O     1 
HETATM 1306 O  O     . HOH D 4 .   ? 7.097   -10.381 5.173   1.00 16.61 ? 210 HOH A O     1 
HETATM 1307 O  O     . HOH D 4 .   ? 9.544   16.054  -0.593  1.00 33.01 ? 211 HOH A O     1 
HETATM 1308 O  O     . HOH D 4 .   ? -3.927  4.223   -15.282 1.00 38.59 ? 212 HOH A O     1 
HETATM 1309 O  O     . HOH D 4 .   ? -9.843  10.620  2.701   1.00 38.47 ? 213 HOH A O     1 
HETATM 1310 O  O     . HOH D 4 .   ? -4.690  -0.404  -19.756 1.00 30.06 ? 214 HOH A O     1 
HETATM 1311 O  O     . HOH D 4 .   ? -4.411  -9.135  -19.699 1.00 38.57 ? 215 HOH A O     1 
HETATM 1312 O  O     . HOH D 4 .   ? -15.544 0.875   -1.335  1.00 40.22 ? 216 HOH A O     1 
HETATM 1313 O  O     . HOH D 4 .   ? 6.214   18.021  12.174  1.00 38.22 ? 217 HOH A O     1 
HETATM 1314 O  O     . HOH D 4 .   ? -1.445  17.852  0.349   1.00 25.90 ? 218 HOH A O     1 
HETATM 1315 O  O     . HOH D 4 .   ? -1.787  -8.145  3.987   1.00 18.31 ? 219 HOH A O     1 
HETATM 1316 O  O     . HOH D 4 .   ? 10.671  -10.952 -10.675 1.00 46.20 ? 220 HOH A O     1 
HETATM 1317 O  O     . HOH D 4 .   ? 6.606   -8.628  7.537   1.00 29.26 ? 221 HOH A O     1 
HETATM 1318 O  O     . HOH D 4 .   ? 8.102   -10.936 2.063   1.00 12.69 ? 222 HOH A O     1 
HETATM 1319 O  O     . HOH D 4 .   ? -2.499  -2.184  -19.308 1.00 27.28 ? 223 HOH A O     1 
HETATM 1320 O  O     . HOH D 4 .   ? -11.208 5.678   0.998   1.00 19.64 ? 224 HOH A O     1 
HETATM 1321 O  O     . HOH D 4 .   ? 15.602  8.051   10.998  1.00 26.24 ? 225 HOH A O     1 
HETATM 1322 O  O     . HOH D 4 .   ? 8.281   17.239  -2.890  1.00 16.35 ? 226 HOH A O     1 
HETATM 1323 O  O     . HOH D 4 .   ? 12.628  14.296  9.447   1.00 35.10 ? 227 HOH A O     1 
HETATM 1324 O  O     . HOH D 4 .   ? 4.635   -12.668 5.185   1.00 28.38 ? 228 HOH A O     1 
HETATM 1325 O  O     . HOH D 4 .   ? 9.001   7.263   -10.346 1.00 35.32 ? 229 HOH A O     1 
HETATM 1326 O  O     . HOH D 4 .   ? 10.922  18.206  1.026   1.00 24.93 ? 230 HOH A O     1 
HETATM 1327 O  O     . HOH D 4 .   ? -16.784 7.716   6.423   1.00 28.76 ? 231 HOH A O     1 
HETATM 1328 O  O     . HOH D 4 .   ? 2.170   1.765   11.189  1.00 21.90 ? 232 HOH A O     1 
HETATM 1329 O  O     . HOH D 4 .   ? 0.541   13.228  -4.482  1.00 20.96 ? 233 HOH A O     1 
HETATM 1330 O  O     . HOH D 4 .   ? 9.703   -6.849  5.902   1.00 40.62 ? 234 HOH A O     1 
HETATM 1331 O  O     . HOH D 4 .   ? -15.088 2.345   16.593  1.00 41.46 ? 235 HOH A O     1 
HETATM 1332 O  O     . HOH D 4 .   ? 11.797  -7.846  -14.637 1.00 38.96 ? 236 HOH A O     1 
HETATM 1333 O  O     . HOH D 4 .   ? -7.645  14.152  -1.414  1.00 39.28 ? 237 HOH A O     1 
HETATM 1334 O  O     . HOH D 4 .   ? -13.822 -7.729  4.457   1.00 39.03 ? 238 HOH A O     1 
HETATM 1335 O  O     . HOH D 4 .   ? -11.750 -6.573  16.591  1.00 46.18 ? 239 HOH A O     1 
HETATM 1336 O  O     . HOH D 4 .   ? 9.562   -0.631  -13.633 1.00 39.08 ? 240 HOH A O     1 
HETATM 1337 O  O     . HOH D 4 .   ? 11.813  20.668  0.162   1.00 28.16 ? 241 HOH A O     1 
HETATM 1338 O  O     . HOH D 4 .   ? 8.402   7.580   -7.289  1.00 25.51 ? 242 HOH A O     1 
HETATM 1339 O  O     . HOH D 4 .   ? -2.875  -14.062 -13.103 1.00 29.83 ? 243 HOH A O     1 
HETATM 1340 O  O     . HOH D 4 .   ? 8.289   14.719  -4.004  1.00 36.44 ? 244 HOH A O     1 
HETATM 1341 O  O     . HOH D 4 .   ? 3.440   6.335   15.022  1.00 42.05 ? 245 HOH A O     1 
HETATM 1342 O  O     . HOH D 4 .   ? 12.686  21.827  2.771   1.00 46.44 ? 246 HOH A O     1 
# 
loop_
_pdbx_poly_seq_scheme.asym_id 
_pdbx_poly_seq_scheme.entity_id 
_pdbx_poly_seq_scheme.seq_id 
_pdbx_poly_seq_scheme.mon_id 
_pdbx_poly_seq_scheme.ndb_seq_num 
_pdbx_poly_seq_scheme.pdb_seq_num 
_pdbx_poly_seq_scheme.auth_seq_num 
_pdbx_poly_seq_scheme.pdb_mon_id 
_pdbx_poly_seq_scheme.auth_mon_id 
_pdbx_poly_seq_scheme.pdb_strand_id 
_pdbx_poly_seq_scheme.pdb_ins_code 
_pdbx_poly_seq_scheme.hetero 
A 1 1   MET 1   1   1   MET MET A . n 
A 1 2   THR 2   2   2   THR THR A . n 
A 1 3   GLU 3   3   3   GLU GLU A . n 
A 1 4   TYR 4   4   4   TYR TYR A . n 
A 1 5   LYS 5   5   5   LYS LYS A . n 
A 1 6   LEU 6   6   6   LEU LEU A . n 
A 1 7   VAL 7   7   7   VAL VAL A . n 
A 1 8   VAL 8   8   8   VAL VAL A . n 
A 1 9   VAL 9   9   9   VAL VAL A . n 
A 1 10  GLY 10  10  10  GLY GLY A . n 
A 1 11  ALA 11  11  11  ALA ALA A . n 
A 1 12  PRO 12  12  12  PRO PRO A . n 
A 1 13  GLY 13  13  13  GLY GLY A . n 
A 1 14  VAL 14  14  14  VAL VAL A . n 
A 1 15  GLY 15  15  15  GLY GLY A . n 
A 1 16  LYS 16  16  16  LYS LYS A . n 
A 1 17  SER 17  17  17  SER SER A . n 
A 1 18  ALA 18  18  18  ALA ALA A . n 
A 1 19  LEU 19  19  19  LEU LEU A . n 
A 1 20  THR 20  20  20  THR THR A . n 
A 1 21  ILE 21  21  21  ILE ILE A . n 
A 1 22  GLN 22  22  22  GLN GLN A . n 
A 1 23  LEU 23  23  23  LEU LEU A . n 
A 1 24  ILE 24  24  24  ILE ILE A . n 
A 1 25  GLN 25  25  25  GLN GLN A . n 
A 1 26  ASN 26  26  26  ASN ASN A . n 
A 1 27  HIS 27  27  27  HIS HIS A . n 
A 1 28  PHE 28  28  28  PHE PHE A . n 
A 1 29  VAL 29  29  29  VAL VAL A . n 
A 1 30  ASP 30  30  30  ASP ASP A . n 
A 1 31  GLU 31  31  31  GLU GLU A . n 
A 1 32  TYR 32  32  ?   ?   ?   A . n 
A 1 33  ASP 33  33  ?   ?   ?   A . n 
A 1 34  PRO 34  34  ?   ?   ?   A . n 
A 1 35  THR 35  35  ?   ?   ?   A . n 
A 1 36  ILE 36  36  ?   ?   ?   A . n 
A 1 37  GLU 37  37  ?   ?   ?   A . n 
A 1 38  ASP 38  38  38  ASP ASP A . n 
A 1 39  SER 39  39  39  SER SER A . n 
A 1 40  TYR 40  40  40  TYR TYR A . n 
A 1 41  ARG 41  41  41  ARG ARG A . n 
A 1 42  LYS 42  42  42  LYS LYS A . n 
A 1 43  GLN 43  43  43  GLN GLN A . n 
A 1 44  VAL 44  44  44  VAL VAL A . n 
A 1 45  VAL 45  45  45  VAL VAL A . n 
A 1 46  ILE 46  46  46  ILE ILE A . n 
A 1 47  ASP 47  47  47  ASP ASP A . n 
A 1 48  GLY 48  48  48  GLY GLY A . n 
A 1 49  GLU 49  49  49  GLU GLU A . n 
A 1 50  THR 50  50  50  THR THR A . n 
A 1 51  CYS 51  51  51  CYS CYS A . n 
A 1 52  LEU 52  52  52  LEU LEU A . n 
A 1 53  LEU 53  53  53  LEU LEU A . n 
A 1 54  ASP 54  54  54  ASP ASP A . n 
A 1 55  ILE 55  55  55  ILE ILE A . n 
A 1 56  LEU 56  56  56  LEU LEU A . n 
A 1 57  ASP 57  57  57  ASP ASP A . n 
A 1 58  THR 58  58  58  THR THR A . n 
A 1 59  ALA 59  59  59  ALA ALA A . n 
A 1 60  GLY 60  60  60  GLY GLY A . n 
A 1 61  GLN 61  61  61  GLN GLN A . n 
A 1 62  GLU 62  62  62  GLU GLU A . n 
A 1 63  GLU 63  63  63  GLU GLU A . n 
A 1 64  TYR 64  64  64  TYR TYR A . n 
A 1 65  SER 65  65  65  SER SER A . n 
A 1 66  ALA 66  66  66  ALA ALA A . n 
A 1 67  MET 67  67  67  MET MET A . n 
A 1 68  ARG 68  68  68  ARG ARG A . n 
A 1 69  ASP 69  69  69  ASP ASP A . n 
A 1 70  GLN 70  70  70  GLN GLN A . n 
A 1 71  TYR 71  71  71  TYR TYR A . n 
A 1 72  MET 72  72  72  MET MET A . n 
A 1 73  ARG 73  73  73  ARG ARG A . n 
A 1 74  THR 74  74  74  THR THR A . n 
A 1 75  GLY 75  75  75  GLY GLY A . n 
A 1 76  GLU 76  76  76  GLU GLU A . n 
A 1 77  GLY 77  77  77  GLY GLY A . n 
A 1 78  PHE 78  78  78  PHE PHE A . n 
A 1 79  LEU 79  79  79  LEU LEU A . n 
A 1 80  CYS 80  80  80  CYS CYS A . n 
A 1 81  VAL 81  81  81  VAL VAL A . n 
A 1 82  PHE 82  82  82  PHE PHE A . n 
A 1 83  ALA 83  83  83  ALA ALA A . n 
A 1 84  ILE 84  84  84  ILE ILE A . n 
A 1 85  ASN 85  85  85  ASN ASN A . n 
A 1 86  ASN 86  86  86  ASN ASN A . n 
A 1 87  THR 87  87  87  THR THR A . n 
A 1 88  LYS 88  88  88  LYS LYS A . n 
A 1 89  SER 89  89  89  SER SER A . n 
A 1 90  PHE 90  90  90  PHE PHE A . n 
A 1 91  GLU 91  91  91  GLU GLU A . n 
A 1 92  ASP 92  92  92  ASP ASP A . n 
A 1 93  ILE 93  93  93  ILE ILE A . n 
A 1 94  HIS 94  94  94  HIS HIS A . n 
A 1 95  GLN 95  95  95  GLN GLN A . n 
A 1 96  TYR 96  96  96  TYR TYR A . n 
A 1 97  ARG 97  97  97  ARG ARG A . n 
A 1 98  GLU 98  98  98  GLU GLU A . n 
A 1 99  GLN 99  99  99  GLN GLN A . n 
A 1 100 ILE 100 100 100 ILE ILE A . n 
A 1 101 LYS 101 101 101 LYS LYS A . n 
A 1 102 ARG 102 102 102 ARG ARG A . n 
A 1 103 VAL 103 103 103 VAL VAL A . n 
A 1 104 LYS 104 104 104 LYS LYS A . n 
A 1 105 ASP 105 105 105 ASP ASP A . n 
A 1 106 SER 106 106 106 SER SER A . n 
A 1 107 ASP 107 107 107 ASP ASP A . n 
A 1 108 ASP 108 108 108 ASP ASP A . n 
A 1 109 VAL 109 109 109 VAL VAL A . n 
A 1 110 PRO 110 110 110 PRO PRO A . n 
A 1 111 MET 111 111 111 MET MET A . n 
A 1 112 VAL 112 112 112 VAL VAL A . n 
A 1 113 LEU 113 113 113 LEU LEU A . n 
A 1 114 VAL 114 114 114 VAL VAL A . n 
A 1 115 GLY 115 115 115 GLY GLY A . n 
A 1 116 ASN 116 116 116 ASN ASN A . n 
A 1 117 LYS 117 117 117 LYS LYS A . n 
A 1 118 CYS 118 118 118 CYS CYS A . n 
A 1 119 ASP 119 119 119 ASP ASP A . n 
A 1 120 LEU 120 120 120 LEU LEU A . n 
A 1 121 ALA 121 121 121 ALA ALA A . n 
A 1 122 ALA 122 122 122 ALA ALA A . n 
A 1 123 ARG 123 123 123 ARG ARG A . n 
A 1 124 THR 124 124 124 THR THR A . n 
A 1 125 VAL 125 125 125 VAL VAL A . n 
A 1 126 GLU 126 126 126 GLU GLU A . n 
A 1 127 SER 127 127 127 SER SER A . n 
A 1 128 ARG 128 128 128 ARG ARG A . n 
A 1 129 GLN 129 129 129 GLN GLN A . n 
A 1 130 ALA 130 130 130 ALA ALA A . n 
A 1 131 GLN 131 131 131 GLN GLN A . n 
A 1 132 ASP 132 132 132 ASP ASP A . n 
A 1 133 LEU 133 133 133 LEU LEU A . n 
A 1 134 ALA 134 134 134 ALA ALA A . n 
A 1 135 ARG 135 135 135 ARG ARG A . n 
A 1 136 SER 136 136 136 SER SER A . n 
A 1 137 TYR 137 137 137 TYR TYR A . n 
A 1 138 GLY 138 138 138 GLY GLY A . n 
A 1 139 ILE 139 139 139 ILE ILE A . n 
A 1 140 PRO 140 140 140 PRO PRO A . n 
A 1 141 TYR 141 141 141 TYR TYR A . n 
A 1 142 ILE 142 142 142 ILE ILE A . n 
A 1 143 GLU 143 143 143 GLU GLU A . n 
A 1 144 THR 144 144 144 THR THR A . n 
A 1 145 SER 145 145 145 SER SER A . n 
A 1 146 ALA 146 146 146 ALA ALA A . n 
A 1 147 LYS 147 147 147 LYS LYS A . n 
A 1 148 THR 148 148 148 THR THR A . n 
A 1 149 ARG 149 149 149 ARG ARG A . n 
A 1 150 GLN 150 150 150 GLN GLN A . n 
A 1 151 GLY 151 151 151 GLY GLY A . n 
A 1 152 VAL 152 152 152 VAL VAL A . n 
A 1 153 GLU 153 153 153 GLU GLU A . n 
A 1 154 ASP 154 154 154 ASP ASP A . n 
A 1 155 ALA 155 155 155 ALA ALA A . n 
A 1 156 PHE 156 156 156 PHE PHE A . n 
A 1 157 TYR 157 157 157 TYR TYR A . n 
A 1 158 THR 158 158 158 THR THR A . n 
A 1 159 LEU 159 159 159 LEU LEU A . n 
A 1 160 VAL 160 160 160 VAL VAL A . n 
A 1 161 ARG 161 161 161 ARG ARG A . n 
A 1 162 GLU 162 162 162 GLU GLU A . n 
A 1 163 ILE 163 163 163 ILE ILE A . n 
A 1 164 ARG 164 164 164 ARG ARG A . n 
A 1 165 GLN 165 165 165 GLN GLN A . n 
A 1 166 HIS 166 166 166 HIS HIS A . n 
# 
loop_
_pdbx_nonpoly_scheme.asym_id 
_pdbx_nonpoly_scheme.entity_id 
_pdbx_nonpoly_scheme.mon_id 
_pdbx_nonpoly_scheme.ndb_seq_num 
_pdbx_nonpoly_scheme.pdb_seq_num 
_pdbx_nonpoly_scheme.auth_seq_num 
_pdbx_nonpoly_scheme.pdb_mon_id 
_pdbx_nonpoly_scheme.auth_mon_id 
_pdbx_nonpoly_scheme.pdb_strand_id 
_pdbx_nonpoly_scheme.pdb_ins_code 
B 2 MG  1  168 168 MG  MG  A . 
C 3 DBG 1  167 167 DBG DBG A . 
D 4 HOH 1  201 201 HOH HOH A . 
D 4 HOH 2  202 202 HOH HOH A . 
D 4 HOH 3  203 203 HOH HOH A . 
D 4 HOH 4  204 204 HOH HOH A . 
D 4 HOH 5  205 205 HOH HOH A . 
D 4 HOH 6  206 206 HOH HOH A . 
D 4 HOH 7  207 207 HOH HOH A . 
D 4 HOH 8  208 208 HOH HOH A . 
D 4 HOH 9  209 209 HOH HOH A . 
D 4 HOH 10 210 210 HOH HOH A . 
D 4 HOH 11 211 211 HOH HOH A . 
D 4 HOH 12 212 212 HOH HOH A . 
D 4 HOH 13 213 213 HOH HOH A . 
D 4 HOH 14 214 214 HOH HOH A . 
D 4 HOH 15 215 215 HOH HOH A . 
D 4 HOH 16 216 216 HOH HOH A . 
D 4 HOH 17 217 217 HOH HOH A . 
D 4 HOH 18 218 218 HOH HOH A . 
D 4 HOH 19 219 219 HOH HOH A . 
D 4 HOH 20 220 220 HOH HOH A . 
D 4 HOH 21 221 221 HOH HOH A . 
D 4 HOH 22 222 222 HOH HOH A . 
D 4 HOH 23 223 223 HOH HOH A . 
D 4 HOH 24 224 224 HOH HOH A . 
D 4 HOH 25 225 225 HOH HOH A . 
D 4 HOH 26 226 226 HOH HOH A . 
D 4 HOH 27 227 227 HOH HOH A . 
D 4 HOH 28 228 228 HOH HOH A . 
D 4 HOH 29 229 229 HOH HOH A . 
D 4 HOH 30 230 230 HOH HOH A . 
D 4 HOH 31 231 231 HOH HOH A . 
D 4 HOH 32 232 232 HOH HOH A . 
D 4 HOH 33 233 233 HOH HOH A . 
D 4 HOH 34 234 234 HOH HOH A . 
D 4 HOH 35 235 235 HOH HOH A . 
D 4 HOH 36 236 236 HOH HOH A . 
D 4 HOH 37 237 237 HOH HOH A . 
D 4 HOH 38 238 238 HOH HOH A . 
D 4 HOH 39 239 239 HOH HOH A . 
D 4 HOH 40 240 240 HOH HOH A . 
D 4 HOH 41 241 241 HOH HOH A . 
D 4 HOH 42 242 242 HOH HOH A . 
D 4 HOH 43 243 243 HOH HOH A . 
D 4 HOH 44 244 244 HOH HOH A . 
D 4 HOH 45 245 245 HOH HOH A . 
D 4 HOH 46 246 246 HOH HOH A . 
# 
_pdbx_struct_assembly.id                   1 
_pdbx_struct_assembly.details              author_defined_assembly 
_pdbx_struct_assembly.method_details       ? 
_pdbx_struct_assembly.oligomeric_details   monomeric 
_pdbx_struct_assembly.oligomeric_count     1 
# 
_pdbx_struct_assembly_gen.assembly_id       1 
_pdbx_struct_assembly_gen.oper_expression   1 
_pdbx_struct_assembly_gen.asym_id_list      A,B,C,D 
# 
_pdbx_struct_oper_list.id                   1 
_pdbx_struct_oper_list.type                 'identity operation' 
_pdbx_struct_oper_list.name                 1_555 
_pdbx_struct_oper_list.symmetry_operation   x,y,z 
_pdbx_struct_oper_list.matrix[1][1]         1.0000000000 
_pdbx_struct_oper_list.matrix[1][2]         0.0000000000 
_pdbx_struct_oper_list.matrix[1][3]         0.0000000000 
_pdbx_struct_oper_list.vector[1]            0.0000000000 
_pdbx_struct_oper_list.matrix[2][1]         0.0000000000 
_pdbx_struct_oper_list.matrix[2][2]         1.0000000000 
_pdbx_struct_oper_list.matrix[2][3]         0.0000000000 
_pdbx_struct_oper_list.vector[2]            0.0000000000 
_pdbx_struct_oper_list.matrix[3][1]         0.0000000000 
_pdbx_struct_oper_list.matrix[3][2]         0.0000000000 
_pdbx_struct_oper_list.matrix[3][3]         1.0000000000 
_pdbx_struct_oper_list.vector[3]            0.0000000000 
# 
loop_
_pdbx_struct_conn_angle.id 
_pdbx_struct_conn_angle.ptnr1_label_atom_id 
_pdbx_struct_conn_angle.ptnr1_label_alt_id 
_pdbx_struct_conn_angle.ptnr1_label_asym_id 
_pdbx_struct_conn_angle.ptnr1_label_comp_id 
_pdbx_struct_conn_angle.ptnr1_label_seq_id 
_pdbx_struct_conn_angle.ptnr1_auth_atom_id 
_pdbx_struct_conn_angle.ptnr1_auth_asym_id 
_pdbx_struct_conn_angle.ptnr1_auth_comp_id 
_pdbx_struct_conn_angle.ptnr1_auth_seq_id 
_pdbx_struct_conn_angle.ptnr1_PDB_ins_code 
_pdbx_struct_conn_angle.ptnr1_symmetry 
_pdbx_struct_conn_angle.ptnr2_label_atom_id 
_pdbx_struct_conn_angle.ptnr2_label_alt_id 
_pdbx_struct_conn_angle.ptnr2_label_asym_id 
_pdbx_struct_conn_angle.ptnr2_label_comp_id 
_pdbx_struct_conn_angle.ptnr2_label_seq_id 
_pdbx_struct_conn_angle.ptnr2_auth_atom_id 
_pdbx_struct_conn_angle.ptnr2_auth_asym_id 
_pdbx_struct_conn_angle.ptnr2_auth_comp_id 
_pdbx_struct_conn_angle.ptnr2_auth_seq_id 
_pdbx_struct_conn_angle.ptnr2_PDB_ins_code 
_pdbx_struct_conn_angle.ptnr2_symmetry 
_pdbx_struct_conn_angle.ptnr3_label_atom_id 
_pdbx_struct_conn_angle.ptnr3_label_alt_id 
_pdbx_struct_conn_angle.ptnr3_label_asym_id 
_pdbx_struct_conn_angle.ptnr3_label_comp_id 
_pdbx_struct_conn_angle.ptnr3_label_seq_id 
_pdbx_struct_conn_angle.ptnr3_auth_atom_id 
_pdbx_struct_conn_angle.ptnr3_auth_asym_id 
_pdbx_struct_conn_angle.ptnr3_auth_comp_id 
_pdbx_struct_conn_angle.ptnr3_auth_seq_id 
_pdbx_struct_conn_angle.ptnr3_PDB_ins_code 
_pdbx_struct_conn_angle.ptnr3_symmetry 
_pdbx_struct_conn_angle.value 
_pdbx_struct_conn_angle.value_esd 
1  OG  ? A SER 17 ? A SER 17  ? 1_555 MG ? B MG . ? A MG 168 ? 1_555 O2B ? C DBG . ? A DBG 167 ? 1_555 92.6  ? 
2  OG  ? A SER 17 ? A SER 17  ? 1_555 MG ? B MG . ? A MG 168 ? 1_555 O2G ? C DBG . ? A DBG 167 ? 1_555 175.8 ? 
3  O2B ? C DBG .  ? A DBG 167 ? 1_555 MG ? B MG . ? A MG 168 ? 1_555 O2G ? C DBG . ? A DBG 167 ? 1_555 83.3  ? 
4  OG  ? A SER 17 ? A SER 17  ? 1_555 MG ? B MG . ? A MG 168 ? 1_555 O   ? D HOH . ? A HOH 208 ? 1_555 88.9  ? 
5  O2B ? C DBG .  ? A DBG 167 ? 1_555 MG ? B MG . ? A MG 168 ? 1_555 O   ? D HOH . ? A HOH 208 ? 1_555 93.5  ? 
6  O2G ? C DBG .  ? A DBG 167 ? 1_555 MG ? B MG . ? A MG 168 ? 1_555 O   ? D HOH . ? A HOH 208 ? 1_555 91.5  ? 
7  OG  ? A SER 17 ? A SER 17  ? 1_555 MG ? B MG . ? A MG 168 ? 1_555 O   ? D HOH . ? A HOH 210 ? 1_555 89.9  ? 
8  O2B ? C DBG .  ? A DBG 167 ? 1_555 MG ? B MG . ? A MG 168 ? 1_555 O   ? D HOH . ? A HOH 210 ? 1_555 174.8 ? 
9  O2G ? C DBG .  ? A DBG 167 ? 1_555 MG ? B MG . ? A MG 168 ? 1_555 O   ? D HOH . ? A HOH 210 ? 1_555 94.3  ? 
10 O   ? D HOH .  ? A HOH 208 ? 1_555 MG ? B MG . ? A MG 168 ? 1_555 O   ? D HOH . ? A HOH 210 ? 1_555 91.1  ? 
11 OG  ? A SER 17 ? A SER 17  ? 1_555 MG ? B MG . ? A MG 168 ? 1_555 O   ? D HOH . ? A HOH 222 ? 1_555 89.0  ? 
12 O2B ? C DBG .  ? A DBG 167 ? 1_555 MG ? B MG . ? A MG 168 ? 1_555 O   ? D HOH . ? A HOH 222 ? 1_555 85.0  ? 
13 O2G ? C DBG .  ? A DBG 167 ? 1_555 MG ? B MG . ? A MG 168 ? 1_555 O   ? D HOH . ? A HOH 222 ? 1_555 90.6  ? 
14 O   ? D HOH .  ? A HOH 208 ? 1_555 MG ? B MG . ? A MG 168 ? 1_555 O   ? D HOH . ? A HOH 222 ? 1_555 177.3 ? 
15 O   ? D HOH .  ? A HOH 210 ? 1_555 MG ? B MG . ? A MG 168 ? 1_555 O   ? D HOH . ? A HOH 222 ? 1_555 90.5  ? 
# 
loop_
_pdbx_audit_revision_history.ordinal 
_pdbx_audit_revision_history.data_content_type 
_pdbx_audit_revision_history.major_revision 
_pdbx_audit_revision_history.minor_revision 
_pdbx_audit_revision_history.revision_date 
1 'Structure model' 1 0 1999-05-28 
2 'Structure model' 1 1 2007-10-16 
3 'Structure model' 1 2 2011-07-13 
4 'Structure model' 1 3 2018-03-14 
5 'Structure model' 1 4 2019-11-27 
6 'Structure model' 1 5 2023-08-09 
# 
_pdbx_audit_revision_details.ordinal             1 
_pdbx_audit_revision_details.revision_ordinal    1 
_pdbx_audit_revision_details.data_content_type   'Structure model' 
_pdbx_audit_revision_details.provider            repository 
_pdbx_audit_revision_details.type                'Initial release' 
_pdbx_audit_revision_details.description         ? 
_pdbx_audit_revision_details.details             ? 
# 
loop_
_pdbx_audit_revision_group.ordinal 
_pdbx_audit_revision_group.revision_ordinal 
_pdbx_audit_revision_group.data_content_type 
_pdbx_audit_revision_group.group 
1 2 'Structure model' 'Version format compliance' 
2 3 'Structure model' 'Version format compliance' 
3 4 'Structure model' 'Database references'       
4 5 'Structure model' 'Database references'       
5 6 'Structure model' 'Data collection'           
6 6 'Structure model' 'Database references'       
7 6 'Structure model' 'Derived calculations'      
8 6 'Structure model' 'Refinement description'    
# 
loop_
_pdbx_audit_revision_category.ordinal 
_pdbx_audit_revision_category.revision_ordinal 
_pdbx_audit_revision_category.data_content_type 
_pdbx_audit_revision_category.category 
1  4 'Structure model' struct_ref_seq_dif            
2  5 'Structure model' citation                      
3  5 'Structure model' citation_author               
4  5 'Structure model' struct_ref_seq_dif            
5  6 'Structure model' chem_comp_atom                
6  6 'Structure model' chem_comp_bond                
7  6 'Structure model' database_2                    
8  6 'Structure model' pdbx_initial_refinement_model 
9  6 'Structure model' pdbx_struct_conn_angle        
10 6 'Structure model' struct_conn                   
11 6 'Structure model' struct_site                   
# 
loop_
_pdbx_audit_revision_item.ordinal 
_pdbx_audit_revision_item.revision_ordinal 
_pdbx_audit_revision_item.data_content_type 
_pdbx_audit_revision_item.item 
1  4 'Structure model' '_struct_ref_seq_dif.details'                 
2  5 'Structure model' '_citation.journal_abbrev'                    
3  5 'Structure model' '_citation.page_last'                         
4  5 'Structure model' '_citation.pdbx_database_id_DOI'              
5  5 'Structure model' '_citation.pdbx_database_id_PubMed'           
6  5 'Structure model' '_citation.title'                             
7  5 'Structure model' '_struct_ref_seq_dif.details'                 
8  6 'Structure model' '_database_2.pdbx_DOI'                        
9  6 'Structure model' '_database_2.pdbx_database_accession'         
10 6 'Structure model' '_pdbx_struct_conn_angle.ptnr1_auth_comp_id'  
11 6 'Structure model' '_pdbx_struct_conn_angle.ptnr1_auth_seq_id'   
12 6 'Structure model' '_pdbx_struct_conn_angle.ptnr1_label_asym_id' 
13 6 'Structure model' '_pdbx_struct_conn_angle.ptnr1_label_atom_id' 
14 6 'Structure model' '_pdbx_struct_conn_angle.ptnr1_label_comp_id' 
15 6 'Structure model' '_pdbx_struct_conn_angle.ptnr3_auth_comp_id'  
16 6 'Structure model' '_pdbx_struct_conn_angle.ptnr3_auth_seq_id'   
17 6 'Structure model' '_pdbx_struct_conn_angle.ptnr3_label_asym_id' 
18 6 'Structure model' '_pdbx_struct_conn_angle.ptnr3_label_atom_id' 
19 6 'Structure model' '_pdbx_struct_conn_angle.ptnr3_label_comp_id' 
20 6 'Structure model' '_pdbx_struct_conn_angle.value'               
21 6 'Structure model' '_struct_conn.pdbx_dist_value'                
22 6 'Structure model' '_struct_conn.ptnr1_auth_comp_id'             
23 6 'Structure model' '_struct_conn.ptnr1_auth_seq_id'              
24 6 'Structure model' '_struct_conn.ptnr1_label_asym_id'            
25 6 'Structure model' '_struct_conn.ptnr1_label_atom_id'            
26 6 'Structure model' '_struct_conn.ptnr1_label_comp_id'            
27 6 'Structure model' '_struct_conn.ptnr2_auth_comp_id'             
28 6 'Structure model' '_struct_conn.ptnr2_auth_seq_id'              
29 6 'Structure model' '_struct_conn.ptnr2_label_asym_id'            
30 6 'Structure model' '_struct_conn.ptnr2_label_atom_id'            
31 6 'Structure model' '_struct_conn.ptnr2_label_comp_id'            
32 6 'Structure model' '_struct_site.pdbx_auth_asym_id'              
33 6 'Structure model' '_struct_site.pdbx_auth_comp_id'              
34 6 'Structure model' '_struct_site.pdbx_auth_seq_id'               
# 
loop_
_software.name 
_software.classification 
_software.version 
_software.citation_id 
_software.pdbx_ordinal 
X-PLOR refinement       3.851 ? 1 
XDS    'data reduction' .     ? 2 
XDS    'data scaling'   .     ? 3 
# 
loop_
_pdbx_validate_torsion.id 
_pdbx_validate_torsion.PDB_model_num 
_pdbx_validate_torsion.auth_comp_id 
_pdbx_validate_torsion.auth_asym_id 
_pdbx_validate_torsion.auth_seq_id 
_pdbx_validate_torsion.PDB_ins_code 
_pdbx_validate_torsion.label_alt_id 
_pdbx_validate_torsion.phi 
_pdbx_validate_torsion.psi 
1 1 GLU A 62  ? ? -138.02 -45.37 
2 1 TYR A 64  ? ? -106.78 -90.60 
3 1 SER A 65  ? ? 73.83   -18.76 
4 1 LYS A 117 ? ? 72.36   33.76  
# 
loop_
_pdbx_unobs_or_zero_occ_atoms.id 
_pdbx_unobs_or_zero_occ_atoms.PDB_model_num 
_pdbx_unobs_or_zero_occ_atoms.polymer_flag 
_pdbx_unobs_or_zero_occ_atoms.occupancy_flag 
_pdbx_unobs_or_zero_occ_atoms.auth_asym_id 
_pdbx_unobs_or_zero_occ_atoms.auth_comp_id 
_pdbx_unobs_or_zero_occ_atoms.auth_seq_id 
_pdbx_unobs_or_zero_occ_atoms.PDB_ins_code 
_pdbx_unobs_or_zero_occ_atoms.auth_atom_id 
_pdbx_unobs_or_zero_occ_atoms.label_alt_id 
_pdbx_unobs_or_zero_occ_atoms.label_asym_id 
_pdbx_unobs_or_zero_occ_atoms.label_comp_id 
_pdbx_unobs_or_zero_occ_atoms.label_seq_id 
_pdbx_unobs_or_zero_occ_atoms.label_atom_id 
1  1 Y 1 A GLU 63  ? CB  ? A GLU 63 CB  
2  1 Y 1 A GLU 63  ? CG  ? A GLU 63 CG  
3  1 Y 1 A GLU 63  ? CD  ? A GLU 63 CD  
4  1 Y 1 A GLU 63  ? OE1 ? A GLU 63 OE1 
5  1 Y 1 A GLU 63  ? OE2 ? A GLU 63 OE2 
6  1 Y 1 A TYR 64  ? CB  ? A TYR 64 CB  
7  1 Y 1 A TYR 64  ? CG  ? A TYR 64 CG  
8  1 Y 1 A TYR 64  ? CD1 ? A TYR 64 CD1 
9  1 Y 1 A TYR 64  ? CD2 ? A TYR 64 CD2 
10 1 Y 1 A TYR 64  ? CE1 ? A TYR 64 CE1 
11 1 Y 1 A TYR 64  ? CE2 ? A TYR 64 CE2 
12 1 Y 1 A TYR 64  ? CZ  ? A TYR 64 CZ  
13 1 Y 1 A TYR 64  ? OH  ? A TYR 64 OH  
14 1 N 1 A DBG 167 ? C22 ? C DBG 1  C22 
15 1 N 1 A DBG 167 ? C21 ? C DBG 1  C21 
16 1 N 1 A DBG 167 ? C20 ? C DBG 1  C20 
17 1 N 1 A DBG 167 ? C19 ? C DBG 1  C19 
18 1 N 1 A DBG 167 ? C18 ? C DBG 1  C18 
19 1 N 1 A DBG 167 ? C17 ? C DBG 1  C17 
20 1 N 1 A DBG 167 ? C16 ? C DBG 1  C16 
21 1 N 1 A DBG 167 ? O16 ? C DBG 1  O16 
22 1 N 1 A DBG 167 ? C15 ? C DBG 1  C15 
23 1 N 1 A DBG 167 ? N15 ? C DBG 1  N15 
24 1 N 1 A DBG 167 ? C14 ? C DBG 1  C14 
25 1 N 1 A DBG 167 ? C13 ? C DBG 1  C13 
26 1 N 1 A DBG 167 ? C12 ? C DBG 1  C12 
27 1 N 1 A DBG 167 ? C11 ? C DBG 1  C11 
# 
loop_
_pdbx_unobs_or_zero_occ_residues.id 
_pdbx_unobs_or_zero_occ_residues.PDB_model_num 
_pdbx_unobs_or_zero_occ_residues.polymer_flag 
_pdbx_unobs_or_zero_occ_residues.occupancy_flag 
_pdbx_unobs_or_zero_occ_residues.auth_asym_id 
_pdbx_unobs_or_zero_occ_residues.auth_comp_id 
_pdbx_unobs_or_zero_occ_residues.auth_seq_id 
_pdbx_unobs_or_zero_occ_residues.PDB_ins_code 
_pdbx_unobs_or_zero_occ_residues.label_asym_id 
_pdbx_unobs_or_zero_occ_residues.label_comp_id 
_pdbx_unobs_or_zero_occ_residues.label_seq_id 
1 1 Y 1 A TYR 32 ? A TYR 32 
2 1 Y 1 A ASP 33 ? A ASP 33 
3 1 Y 1 A PRO 34 ? A PRO 34 
4 1 Y 1 A THR 35 ? A THR 35 
5 1 Y 1 A ILE 36 ? A ILE 36 
6 1 Y 1 A GLU 37 ? A GLU 37 
# 
loop_
_chem_comp_atom.comp_id 
_chem_comp_atom.atom_id 
_chem_comp_atom.type_symbol 
_chem_comp_atom.pdbx_aromatic_flag 
_chem_comp_atom.pdbx_stereo_config 
_chem_comp_atom.pdbx_ordinal 
ALA N      N  N N 1   
ALA CA     C  N S 2   
ALA C      C  N N 3   
ALA O      O  N N 4   
ALA CB     C  N N 5   
ALA OXT    O  N N 6   
ALA H      H  N N 7   
ALA H2     H  N N 8   
ALA HA     H  N N 9   
ALA HB1    H  N N 10  
ALA HB2    H  N N 11  
ALA HB3    H  N N 12  
ALA HXT    H  N N 13  
ARG N      N  N N 14  
ARG CA     C  N S 15  
ARG C      C  N N 16  
ARG O      O  N N 17  
ARG CB     C  N N 18  
ARG CG     C  N N 19  
ARG CD     C  N N 20  
ARG NE     N  N N 21  
ARG CZ     C  N N 22  
ARG NH1    N  N N 23  
ARG NH2    N  N N 24  
ARG OXT    O  N N 25  
ARG H      H  N N 26  
ARG H2     H  N N 27  
ARG HA     H  N N 28  
ARG HB2    H  N N 29  
ARG HB3    H  N N 30  
ARG HG2    H  N N 31  
ARG HG3    H  N N 32  
ARG HD2    H  N N 33  
ARG HD3    H  N N 34  
ARG HE     H  N N 35  
ARG HH11   H  N N 36  
ARG HH12   H  N N 37  
ARG HH21   H  N N 38  
ARG HH22   H  N N 39  
ARG HXT    H  N N 40  
ASN N      N  N N 41  
ASN CA     C  N S 42  
ASN C      C  N N 43  
ASN O      O  N N 44  
ASN CB     C  N N 45  
ASN CG     C  N N 46  
ASN OD1    O  N N 47  
ASN ND2    N  N N 48  
ASN OXT    O  N N 49  
ASN H      H  N N 50  
ASN H2     H  N N 51  
ASN HA     H  N N 52  
ASN HB2    H  N N 53  
ASN HB3    H  N N 54  
ASN HD21   H  N N 55  
ASN HD22   H  N N 56  
ASN HXT    H  N N 57  
ASP N      N  N N 58  
ASP CA     C  N S 59  
ASP C      C  N N 60  
ASP O      O  N N 61  
ASP CB     C  N N 62  
ASP CG     C  N N 63  
ASP OD1    O  N N 64  
ASP OD2    O  N N 65  
ASP OXT    O  N N 66  
ASP H      H  N N 67  
ASP H2     H  N N 68  
ASP HA     H  N N 69  
ASP HB2    H  N N 70  
ASP HB3    H  N N 71  
ASP HD2    H  N N 72  
ASP HXT    H  N N 73  
CYS N      N  N N 74  
CYS CA     C  N R 75  
CYS C      C  N N 76  
CYS O      O  N N 77  
CYS CB     C  N N 78  
CYS SG     S  N N 79  
CYS OXT    O  N N 80  
CYS H      H  N N 81  
CYS H2     H  N N 82  
CYS HA     H  N N 83  
CYS HB2    H  N N 84  
CYS HB3    H  N N 85  
CYS HG     H  N N 86  
CYS HXT    H  N N 87  
DBG C22    C  Y N 88  
DBG C21    C  Y N 89  
DBG C20    C  Y N 90  
DBG C19    C  Y N 91  
DBG C18    C  Y N 92  
DBG C17    C  Y N 93  
DBG C16    C  N N 94  
DBG O16    O  N N 95  
DBG C15    C  Y N 96  
DBG N15    N  N N 97  
DBG C14    C  Y N 98  
DBG C13    C  Y N 99  
DBG C12    C  Y N 100 
DBG C11    C  Y N 101 
DBG C10    C  Y N 102 
DBG N3G    N  N N 103 
DBG PG     P  N R 104 
DBG O1G    O  N N 105 
DBG O2G    O  N N 106 
DBG N3B    N  N N 107 
DBG PB     P  N S 108 
DBG O1B    O  N N 109 
DBG O2B    O  N N 110 
DBG O3A    O  N N 111 
DBG PA     P  N S 112 
DBG O1A    O  N N 113 
DBG O2A    O  N N 114 
DBG "O5'"  O  N N 115 
DBG "C5'"  C  N N 116 
DBG "C4'"  C  N R 117 
DBG "O4'"  O  N N 118 
DBG "C2'"  C  N R 119 
DBG "O2'"  O  N N 120 
DBG "C3'"  C  N S 121 
DBG "O3'"  O  N N 122 
DBG "C1'"  C  N R 123 
DBG N9     N  Y N 124 
DBG C4     C  Y N 125 
DBG N3     N  Y N 126 
DBG C2     C  Y N 127 
DBG N2     N  N N 128 
DBG N1     N  Y N 129 
DBG C6     C  Y N 130 
DBG O6     O  N N 131 
DBG C5     C  Y N 132 
DBG N7     N  Y N 133 
DBG C8     C  Y N 134 
DBG H22    H  N N 135 
DBG H21    H  N N 136 
DBG H20    H  N N 137 
DBG H19    H  N N 138 
DBG H18    H  N N 139 
DBG H151   H  N N 140 
DBG H152   H  N N 141 
DBG H14    H  N N 142 
DBG H12    H  N N 143 
DBG H11    H  N N 144 
DBG HNG3   H  N N 145 
DBG HOG1   H  N N 146 
DBG HNB3   H  N N 147 
DBG HOB1   H  N N 148 
DBG HOA1   H  N N 149 
DBG "H5'1" H  N N 150 
DBG "H5'2" H  N N 151 
DBG "H4'"  H  N N 152 
DBG "H2'"  H  N N 153 
DBG "HO2'" H  N N 154 
DBG "H3'"  H  N N 155 
DBG "HO3'" H  N N 156 
DBG "H1'"  H  N N 157 
DBG HN21   H  N N 158 
DBG HN22   H  N N 159 
DBG HN1    H  N N 160 
DBG H8     H  N N 161 
GLN N      N  N N 162 
GLN CA     C  N S 163 
GLN C      C  N N 164 
GLN O      O  N N 165 
GLN CB     C  N N 166 
GLN CG     C  N N 167 
GLN CD     C  N N 168 
GLN OE1    O  N N 169 
GLN NE2    N  N N 170 
GLN OXT    O  N N 171 
GLN H      H  N N 172 
GLN H2     H  N N 173 
GLN HA     H  N N 174 
GLN HB2    H  N N 175 
GLN HB3    H  N N 176 
GLN HG2    H  N N 177 
GLN HG3    H  N N 178 
GLN HE21   H  N N 179 
GLN HE22   H  N N 180 
GLN HXT    H  N N 181 
GLU N      N  N N 182 
GLU CA     C  N S 183 
GLU C      C  N N 184 
GLU O      O  N N 185 
GLU CB     C  N N 186 
GLU CG     C  N N 187 
GLU CD     C  N N 188 
GLU OE1    O  N N 189 
GLU OE2    O  N N 190 
GLU OXT    O  N N 191 
GLU H      H  N N 192 
GLU H2     H  N N 193 
GLU HA     H  N N 194 
GLU HB2    H  N N 195 
GLU HB3    H  N N 196 
GLU HG2    H  N N 197 
GLU HG3    H  N N 198 
GLU HE2    H  N N 199 
GLU HXT    H  N N 200 
GLY N      N  N N 201 
GLY CA     C  N N 202 
GLY C      C  N N 203 
GLY O      O  N N 204 
GLY OXT    O  N N 205 
GLY H      H  N N 206 
GLY H2     H  N N 207 
GLY HA2    H  N N 208 
GLY HA3    H  N N 209 
GLY HXT    H  N N 210 
HIS N      N  N N 211 
HIS CA     C  N S 212 
HIS C      C  N N 213 
HIS O      O  N N 214 
HIS CB     C  N N 215 
HIS CG     C  Y N 216 
HIS ND1    N  Y N 217 
HIS CD2    C  Y N 218 
HIS CE1    C  Y N 219 
HIS NE2    N  Y N 220 
HIS OXT    O  N N 221 
HIS H      H  N N 222 
HIS H2     H  N N 223 
HIS HA     H  N N 224 
HIS HB2    H  N N 225 
HIS HB3    H  N N 226 
HIS HD1    H  N N 227 
HIS HD2    H  N N 228 
HIS HE1    H  N N 229 
HIS HE2    H  N N 230 
HIS HXT    H  N N 231 
HOH O      O  N N 232 
HOH H1     H  N N 233 
HOH H2     H  N N 234 
ILE N      N  N N 235 
ILE CA     C  N S 236 
ILE C      C  N N 237 
ILE O      O  N N 238 
ILE CB     C  N S 239 
ILE CG1    C  N N 240 
ILE CG2    C  N N 241 
ILE CD1    C  N N 242 
ILE OXT    O  N N 243 
ILE H      H  N N 244 
ILE H2     H  N N 245 
ILE HA     H  N N 246 
ILE HB     H  N N 247 
ILE HG12   H  N N 248 
ILE HG13   H  N N 249 
ILE HG21   H  N N 250 
ILE HG22   H  N N 251 
ILE HG23   H  N N 252 
ILE HD11   H  N N 253 
ILE HD12   H  N N 254 
ILE HD13   H  N N 255 
ILE HXT    H  N N 256 
LEU N      N  N N 257 
LEU CA     C  N S 258 
LEU C      C  N N 259 
LEU O      O  N N 260 
LEU CB     C  N N 261 
LEU CG     C  N N 262 
LEU CD1    C  N N 263 
LEU CD2    C  N N 264 
LEU OXT    O  N N 265 
LEU H      H  N N 266 
LEU H2     H  N N 267 
LEU HA     H  N N 268 
LEU HB2    H  N N 269 
LEU HB3    H  N N 270 
LEU HG     H  N N 271 
LEU HD11   H  N N 272 
LEU HD12   H  N N 273 
LEU HD13   H  N N 274 
LEU HD21   H  N N 275 
LEU HD22   H  N N 276 
LEU HD23   H  N N 277 
LEU HXT    H  N N 278 
LYS N      N  N N 279 
LYS CA     C  N S 280 
LYS C      C  N N 281 
LYS O      O  N N 282 
LYS CB     C  N N 283 
LYS CG     C  N N 284 
LYS CD     C  N N 285 
LYS CE     C  N N 286 
LYS NZ     N  N N 287 
LYS OXT    O  N N 288 
LYS H      H  N N 289 
LYS H2     H  N N 290 
LYS HA     H  N N 291 
LYS HB2    H  N N 292 
LYS HB3    H  N N 293 
LYS HG2    H  N N 294 
LYS HG3    H  N N 295 
LYS HD2    H  N N 296 
LYS HD3    H  N N 297 
LYS HE2    H  N N 298 
LYS HE3    H  N N 299 
LYS HZ1    H  N N 300 
LYS HZ2    H  N N 301 
LYS HZ3    H  N N 302 
LYS HXT    H  N N 303 
MET N      N  N N 304 
MET CA     C  N S 305 
MET C      C  N N 306 
MET O      O  N N 307 
MET CB     C  N N 308 
MET CG     C  N N 309 
MET SD     S  N N 310 
MET CE     C  N N 311 
MET OXT    O  N N 312 
MET H      H  N N 313 
MET H2     H  N N 314 
MET HA     H  N N 315 
MET HB2    H  N N 316 
MET HB3    H  N N 317 
MET HG2    H  N N 318 
MET HG3    H  N N 319 
MET HE1    H  N N 320 
MET HE2    H  N N 321 
MET HE3    H  N N 322 
MET HXT    H  N N 323 
MG  MG     MG N N 324 
PHE N      N  N N 325 
PHE CA     C  N S 326 
PHE C      C  N N 327 
PHE O      O  N N 328 
PHE CB     C  N N 329 
PHE CG     C  Y N 330 
PHE CD1    C  Y N 331 
PHE CD2    C  Y N 332 
PHE CE1    C  Y N 333 
PHE CE2    C  Y N 334 
PHE CZ     C  Y N 335 
PHE OXT    O  N N 336 
PHE H      H  N N 337 
PHE H2     H  N N 338 
PHE HA     H  N N 339 
PHE HB2    H  N N 340 
PHE HB3    H  N N 341 
PHE HD1    H  N N 342 
PHE HD2    H  N N 343 
PHE HE1    H  N N 344 
PHE HE2    H  N N 345 
PHE HZ     H  N N 346 
PHE HXT    H  N N 347 
PRO N      N  N N 348 
PRO CA     C  N S 349 
PRO C      C  N N 350 
PRO O      O  N N 351 
PRO CB     C  N N 352 
PRO CG     C  N N 353 
PRO CD     C  N N 354 
PRO OXT    O  N N 355 
PRO H      H  N N 356 
PRO HA     H  N N 357 
PRO HB2    H  N N 358 
PRO HB3    H  N N 359 
PRO HG2    H  N N 360 
PRO HG3    H  N N 361 
PRO HD2    H  N N 362 
PRO HD3    H  N N 363 
PRO HXT    H  N N 364 
SER N      N  N N 365 
SER CA     C  N S 366 
SER C      C  N N 367 
SER O      O  N N 368 
SER CB     C  N N 369 
SER OG     O  N N 370 
SER OXT    O  N N 371 
SER H      H  N N 372 
SER H2     H  N N 373 
SER HA     H  N N 374 
SER HB2    H  N N 375 
SER HB3    H  N N 376 
SER HG     H  N N 377 
SER HXT    H  N N 378 
THR N      N  N N 379 
THR CA     C  N S 380 
THR C      C  N N 381 
THR O      O  N N 382 
THR CB     C  N R 383 
THR OG1    O  N N 384 
THR CG2    C  N N 385 
THR OXT    O  N N 386 
THR H      H  N N 387 
THR H2     H  N N 388 
THR HA     H  N N 389 
THR HB     H  N N 390 
THR HG1    H  N N 391 
THR HG21   H  N N 392 
THR HG22   H  N N 393 
THR HG23   H  N N 394 
THR HXT    H  N N 395 
TYR N      N  N N 396 
TYR CA     C  N S 397 
TYR C      C  N N 398 
TYR O      O  N N 399 
TYR CB     C  N N 400 
TYR CG     C  Y N 401 
TYR CD1    C  Y N 402 
TYR CD2    C  Y N 403 
TYR CE1    C  Y N 404 
TYR CE2    C  Y N 405 
TYR CZ     C  Y N 406 
TYR OH     O  N N 407 
TYR OXT    O  N N 408 
TYR H      H  N N 409 
TYR H2     H  N N 410 
TYR HA     H  N N 411 
TYR HB2    H  N N 412 
TYR HB3    H  N N 413 
TYR HD1    H  N N 414 
TYR HD2    H  N N 415 
TYR HE1    H  N N 416 
TYR HE2    H  N N 417 
TYR HH     H  N N 418 
TYR HXT    H  N N 419 
VAL N      N  N N 420 
VAL CA     C  N S 421 
VAL C      C  N N 422 
VAL O      O  N N 423 
VAL CB     C  N N 424 
VAL CG1    C  N N 425 
VAL CG2    C  N N 426 
VAL OXT    O  N N 427 
VAL H      H  N N 428 
VAL H2     H  N N 429 
VAL HA     H  N N 430 
VAL HB     H  N N 431 
VAL HG11   H  N N 432 
VAL HG12   H  N N 433 
VAL HG13   H  N N 434 
VAL HG21   H  N N 435 
VAL HG22   H  N N 436 
VAL HG23   H  N N 437 
VAL HXT    H  N N 438 
# 
loop_
_chem_comp_bond.comp_id 
_chem_comp_bond.atom_id_1 
_chem_comp_bond.atom_id_2 
_chem_comp_bond.value_order 
_chem_comp_bond.pdbx_aromatic_flag 
_chem_comp_bond.pdbx_stereo_config 
_chem_comp_bond.pdbx_ordinal 
ALA N     CA     sing N N 1   
ALA N     H      sing N N 2   
ALA N     H2     sing N N 3   
ALA CA    C      sing N N 4   
ALA CA    CB     sing N N 5   
ALA CA    HA     sing N N 6   
ALA C     O      doub N N 7   
ALA C     OXT    sing N N 8   
ALA CB    HB1    sing N N 9   
ALA CB    HB2    sing N N 10  
ALA CB    HB3    sing N N 11  
ALA OXT   HXT    sing N N 12  
ARG N     CA     sing N N 13  
ARG N     H      sing N N 14  
ARG N     H2     sing N N 15  
ARG CA    C      sing N N 16  
ARG CA    CB     sing N N 17  
ARG CA    HA     sing N N 18  
ARG C     O      doub N N 19  
ARG C     OXT    sing N N 20  
ARG CB    CG     sing N N 21  
ARG CB    HB2    sing N N 22  
ARG CB    HB3    sing N N 23  
ARG CG    CD     sing N N 24  
ARG CG    HG2    sing N N 25  
ARG CG    HG3    sing N N 26  
ARG CD    NE     sing N N 27  
ARG CD    HD2    sing N N 28  
ARG CD    HD3    sing N N 29  
ARG NE    CZ     sing N N 30  
ARG NE    HE     sing N N 31  
ARG CZ    NH1    sing N N 32  
ARG CZ    NH2    doub N N 33  
ARG NH1   HH11   sing N N 34  
ARG NH1   HH12   sing N N 35  
ARG NH2   HH21   sing N N 36  
ARG NH2   HH22   sing N N 37  
ARG OXT   HXT    sing N N 38  
ASN N     CA     sing N N 39  
ASN N     H      sing N N 40  
ASN N     H2     sing N N 41  
ASN CA    C      sing N N 42  
ASN CA    CB     sing N N 43  
ASN CA    HA     sing N N 44  
ASN C     O      doub N N 45  
ASN C     OXT    sing N N 46  
ASN CB    CG     sing N N 47  
ASN CB    HB2    sing N N 48  
ASN CB    HB3    sing N N 49  
ASN CG    OD1    doub N N 50  
ASN CG    ND2    sing N N 51  
ASN ND2   HD21   sing N N 52  
ASN ND2   HD22   sing N N 53  
ASN OXT   HXT    sing N N 54  
ASP N     CA     sing N N 55  
ASP N     H      sing N N 56  
ASP N     H2     sing N N 57  
ASP CA    C      sing N N 58  
ASP CA    CB     sing N N 59  
ASP CA    HA     sing N N 60  
ASP C     O      doub N N 61  
ASP C     OXT    sing N N 62  
ASP CB    CG     sing N N 63  
ASP CB    HB2    sing N N 64  
ASP CB    HB3    sing N N 65  
ASP CG    OD1    doub N N 66  
ASP CG    OD2    sing N N 67  
ASP OD2   HD2    sing N N 68  
ASP OXT   HXT    sing N N 69  
CYS N     CA     sing N N 70  
CYS N     H      sing N N 71  
CYS N     H2     sing N N 72  
CYS CA    C      sing N N 73  
CYS CA    CB     sing N N 74  
CYS CA    HA     sing N N 75  
CYS C     O      doub N N 76  
CYS C     OXT    sing N N 77  
CYS CB    SG     sing N N 78  
CYS CB    HB2    sing N N 79  
CYS CB    HB3    sing N N 80  
CYS SG    HG     sing N N 81  
CYS OXT   HXT    sing N N 82  
DBG C22   C21    sing Y N 83  
DBG C22   C17    doub Y N 84  
DBG C22   H22    sing N N 85  
DBG C21   C20    doub Y N 86  
DBG C21   H21    sing N N 87  
DBG C20   C19    sing Y N 88  
DBG C20   H20    sing N N 89  
DBG C19   C18    doub Y N 90  
DBG C19   H19    sing N N 91  
DBG C18   C17    sing Y N 92  
DBG C18   H18    sing N N 93  
DBG C17   C16    sing N N 94  
DBG C16   O16    doub N N 95  
DBG C16   C13    sing N N 96  
DBG C15   N15    sing N N 97  
DBG C15   C14    doub Y N 98  
DBG C15   C10    sing Y N 99  
DBG N15   H151   sing N N 100 
DBG N15   H152   sing N N 101 
DBG C14   C13    sing Y N 102 
DBG C14   H14    sing N N 103 
DBG C13   C12    doub Y N 104 
DBG C12   C11    sing Y N 105 
DBG C12   H12    sing N N 106 
DBG C11   C10    doub Y N 107 
DBG C11   H11    sing N N 108 
DBG C10   N3G    sing N N 109 
DBG N3G   PG     sing N N 110 
DBG N3G   HNG3   sing N N 111 
DBG PG    O1G    sing N N 112 
DBG PG    O2G    doub N N 113 
DBG PG    N3B    sing N N 114 
DBG O1G   HOG1   sing N N 115 
DBG N3B   PB     sing N N 116 
DBG N3B   HNB3   sing N N 117 
DBG PB    O1B    sing N N 118 
DBG PB    O2B    doub N N 119 
DBG PB    O3A    sing N N 120 
DBG O1B   HOB1   sing N N 121 
DBG O3A   PA     sing N N 122 
DBG PA    O1A    sing N N 123 
DBG PA    O2A    doub N N 124 
DBG PA    "O5'"  sing N N 125 
DBG O1A   HOA1   sing N N 126 
DBG "O5'" "C5'"  sing N N 127 
DBG "C5'" "C4'"  sing N N 128 
DBG "C5'" "H5'1" sing N N 129 
DBG "C5'" "H5'2" sing N N 130 
DBG "C4'" "O4'"  sing N N 131 
DBG "C4'" "C3'"  sing N N 132 
DBG "C4'" "H4'"  sing N N 133 
DBG "O4'" "C1'"  sing N N 134 
DBG "C2'" "O2'"  sing N N 135 
DBG "C2'" "C3'"  sing N N 136 
DBG "C2'" "C1'"  sing N N 137 
DBG "C2'" "H2'"  sing N N 138 
DBG "O2'" "HO2'" sing N N 139 
DBG "C3'" "O3'"  sing N N 140 
DBG "C3'" "H3'"  sing N N 141 
DBG "O3'" "HO3'" sing N N 142 
DBG "C1'" N9     sing N N 143 
DBG "C1'" "H1'"  sing N N 144 
DBG N9    C4     sing Y N 145 
DBG N9    C8     sing Y N 146 
DBG C4    N3     sing Y N 147 
DBG C4    C5     doub Y N 148 
DBG N3    C2     doub Y N 149 
DBG C2    N2     sing N N 150 
DBG C2    N1     sing Y N 151 
DBG N2    HN21   sing N N 152 
DBG N2    HN22   sing N N 153 
DBG N1    C6     sing Y N 154 
DBG N1    HN1    sing N N 155 
DBG C6    O6     doub N N 156 
DBG C6    C5     sing Y N 157 
DBG C5    N7     sing Y N 158 
DBG N7    C8     doub Y N 159 
DBG C8    H8     sing N N 160 
GLN N     CA     sing N N 161 
GLN N     H      sing N N 162 
GLN N     H2     sing N N 163 
GLN CA    C      sing N N 164 
GLN CA    CB     sing N N 165 
GLN CA    HA     sing N N 166 
GLN C     O      doub N N 167 
GLN C     OXT    sing N N 168 
GLN CB    CG     sing N N 169 
GLN CB    HB2    sing N N 170 
GLN CB    HB3    sing N N 171 
GLN CG    CD     sing N N 172 
GLN CG    HG2    sing N N 173 
GLN CG    HG3    sing N N 174 
GLN CD    OE1    doub N N 175 
GLN CD    NE2    sing N N 176 
GLN NE2   HE21   sing N N 177 
GLN NE2   HE22   sing N N 178 
GLN OXT   HXT    sing N N 179 
GLU N     CA     sing N N 180 
GLU N     H      sing N N 181 
GLU N     H2     sing N N 182 
GLU CA    C      sing N N 183 
GLU CA    CB     sing N N 184 
GLU CA    HA     sing N N 185 
GLU C     O      doub N N 186 
GLU C     OXT    sing N N 187 
GLU CB    CG     sing N N 188 
GLU CB    HB2    sing N N 189 
GLU CB    HB3    sing N N 190 
GLU CG    CD     sing N N 191 
GLU CG    HG2    sing N N 192 
GLU CG    HG3    sing N N 193 
GLU CD    OE1    doub N N 194 
GLU CD    OE2    sing N N 195 
GLU OE2   HE2    sing N N 196 
GLU OXT   HXT    sing N N 197 
GLY N     CA     sing N N 198 
GLY N     H      sing N N 199 
GLY N     H2     sing N N 200 
GLY CA    C      sing N N 201 
GLY CA    HA2    sing N N 202 
GLY CA    HA3    sing N N 203 
GLY C     O      doub N N 204 
GLY C     OXT    sing N N 205 
GLY OXT   HXT    sing N N 206 
HIS N     CA     sing N N 207 
HIS N     H      sing N N 208 
HIS N     H2     sing N N 209 
HIS CA    C      sing N N 210 
HIS CA    CB     sing N N 211 
HIS CA    HA     sing N N 212 
HIS C     O      doub N N 213 
HIS C     OXT    sing N N 214 
HIS CB    CG     sing N N 215 
HIS CB    HB2    sing N N 216 
HIS CB    HB3    sing N N 217 
HIS CG    ND1    sing Y N 218 
HIS CG    CD2    doub Y N 219 
HIS ND1   CE1    doub Y N 220 
HIS ND1   HD1    sing N N 221 
HIS CD2   NE2    sing Y N 222 
HIS CD2   HD2    sing N N 223 
HIS CE1   NE2    sing Y N 224 
HIS CE1   HE1    sing N N 225 
HIS NE2   HE2    sing N N 226 
HIS OXT   HXT    sing N N 227 
HOH O     H1     sing N N 228 
HOH O     H2     sing N N 229 
ILE N     CA     sing N N 230 
ILE N     H      sing N N 231 
ILE N     H2     sing N N 232 
ILE CA    C      sing N N 233 
ILE CA    CB     sing N N 234 
ILE CA    HA     sing N N 235 
ILE C     O      doub N N 236 
ILE C     OXT    sing N N 237 
ILE CB    CG1    sing N N 238 
ILE CB    CG2    sing N N 239 
ILE CB    HB     sing N N 240 
ILE CG1   CD1    sing N N 241 
ILE CG1   HG12   sing N N 242 
ILE CG1   HG13   sing N N 243 
ILE CG2   HG21   sing N N 244 
ILE CG2   HG22   sing N N 245 
ILE CG2   HG23   sing N N 246 
ILE CD1   HD11   sing N N 247 
ILE CD1   HD12   sing N N 248 
ILE CD1   HD13   sing N N 249 
ILE OXT   HXT    sing N N 250 
LEU N     CA     sing N N 251 
LEU N     H      sing N N 252 
LEU N     H2     sing N N 253 
LEU CA    C      sing N N 254 
LEU CA    CB     sing N N 255 
LEU CA    HA     sing N N 256 
LEU C     O      doub N N 257 
LEU C     OXT    sing N N 258 
LEU CB    CG     sing N N 259 
LEU CB    HB2    sing N N 260 
LEU CB    HB3    sing N N 261 
LEU CG    CD1    sing N N 262 
LEU CG    CD2    sing N N 263 
LEU CG    HG     sing N N 264 
LEU CD1   HD11   sing N N 265 
LEU CD1   HD12   sing N N 266 
LEU CD1   HD13   sing N N 267 
LEU CD2   HD21   sing N N 268 
LEU CD2   HD22   sing N N 269 
LEU CD2   HD23   sing N N 270 
LEU OXT   HXT    sing N N 271 
LYS N     CA     sing N N 272 
LYS N     H      sing N N 273 
LYS N     H2     sing N N 274 
LYS CA    C      sing N N 275 
LYS CA    CB     sing N N 276 
LYS CA    HA     sing N N 277 
LYS C     O      doub N N 278 
LYS C     OXT    sing N N 279 
LYS CB    CG     sing N N 280 
LYS CB    HB2    sing N N 281 
LYS CB    HB3    sing N N 282 
LYS CG    CD     sing N N 283 
LYS CG    HG2    sing N N 284 
LYS CG    HG3    sing N N 285 
LYS CD    CE     sing N N 286 
LYS CD    HD2    sing N N 287 
LYS CD    HD3    sing N N 288 
LYS CE    NZ     sing N N 289 
LYS CE    HE2    sing N N 290 
LYS CE    HE3    sing N N 291 
LYS NZ    HZ1    sing N N 292 
LYS NZ    HZ2    sing N N 293 
LYS NZ    HZ3    sing N N 294 
LYS OXT   HXT    sing N N 295 
MET N     CA     sing N N 296 
MET N     H      sing N N 297 
MET N     H2     sing N N 298 
MET CA    C      sing N N 299 
MET CA    CB     sing N N 300 
MET CA    HA     sing N N 301 
MET C     O      doub N N 302 
MET C     OXT    sing N N 303 
MET CB    CG     sing N N 304 
MET CB    HB2    sing N N 305 
MET CB    HB3    sing N N 306 
MET CG    SD     sing N N 307 
MET CG    HG2    sing N N 308 
MET CG    HG3    sing N N 309 
MET SD    CE     sing N N 310 
MET CE    HE1    sing N N 311 
MET CE    HE2    sing N N 312 
MET CE    HE3    sing N N 313 
MET OXT   HXT    sing N N 314 
PHE N     CA     sing N N 315 
PHE N     H      sing N N 316 
PHE N     H2     sing N N 317 
PHE CA    C      sing N N 318 
PHE CA    CB     sing N N 319 
PHE CA    HA     sing N N 320 
PHE C     O      doub N N 321 
PHE C     OXT    sing N N 322 
PHE CB    CG     sing N N 323 
PHE CB    HB2    sing N N 324 
PHE CB    HB3    sing N N 325 
PHE CG    CD1    doub Y N 326 
PHE CG    CD2    sing Y N 327 
PHE CD1   CE1    sing Y N 328 
PHE CD1   HD1    sing N N 329 
PHE CD2   CE2    doub Y N 330 
PHE CD2   HD2    sing N N 331 
PHE CE1   CZ     doub Y N 332 
PHE CE1   HE1    sing N N 333 
PHE CE2   CZ     sing Y N 334 
PHE CE2   HE2    sing N N 335 
PHE CZ    HZ     sing N N 336 
PHE OXT   HXT    sing N N 337 
PRO N     CA     sing N N 338 
PRO N     CD     sing N N 339 
PRO N     H      sing N N 340 
PRO CA    C      sing N N 341 
PRO CA    CB     sing N N 342 
PRO CA    HA     sing N N 343 
PRO C     O      doub N N 344 
PRO C     OXT    sing N N 345 
PRO CB    CG     sing N N 346 
PRO CB    HB2    sing N N 347 
PRO CB    HB3    sing N N 348 
PRO CG    CD     sing N N 349 
PRO CG    HG2    sing N N 350 
PRO CG    HG3    sing N N 351 
PRO CD    HD2    sing N N 352 
PRO CD    HD3    sing N N 353 
PRO OXT   HXT    sing N N 354 
SER N     CA     sing N N 355 
SER N     H      sing N N 356 
SER N     H2     sing N N 357 
SER CA    C      sing N N 358 
SER CA    CB     sing N N 359 
SER CA    HA     sing N N 360 
SER C     O      doub N N 361 
SER C     OXT    sing N N 362 
SER CB    OG     sing N N 363 
SER CB    HB2    sing N N 364 
SER CB    HB3    sing N N 365 
SER OG    HG     sing N N 366 
SER OXT   HXT    sing N N 367 
THR N     CA     sing N N 368 
THR N     H      sing N N 369 
THR N     H2     sing N N 370 
THR CA    C      sing N N 371 
THR CA    CB     sing N N 372 
THR CA    HA     sing N N 373 
THR C     O      doub N N 374 
THR C     OXT    sing N N 375 
THR CB    OG1    sing N N 376 
THR CB    CG2    sing N N 377 
THR CB    HB     sing N N 378 
THR OG1   HG1    sing N N 379 
THR CG2   HG21   sing N N 380 
THR CG2   HG22   sing N N 381 
THR CG2   HG23   sing N N 382 
THR OXT   HXT    sing N N 383 
TYR N     CA     sing N N 384 
TYR N     H      sing N N 385 
TYR N     H2     sing N N 386 
TYR CA    C      sing N N 387 
TYR CA    CB     sing N N 388 
TYR CA    HA     sing N N 389 
TYR C     O      doub N N 390 
TYR C     OXT    sing N N 391 
TYR CB    CG     sing N N 392 
TYR CB    HB2    sing N N 393 
TYR CB    HB3    sing N N 394 
TYR CG    CD1    doub Y N 395 
TYR CG    CD2    sing Y N 396 
TYR CD1   CE1    sing Y N 397 
TYR CD1   HD1    sing N N 398 
TYR CD2   CE2    doub Y N 399 
TYR CD2   HD2    sing N N 400 
TYR CE1   CZ     doub Y N 401 
TYR CE1   HE1    sing N N 402 
TYR CE2   CZ     sing Y N 403 
TYR CE2   HE2    sing N N 404 
TYR CZ    OH     sing N N 405 
TYR OH    HH     sing N N 406 
TYR OXT   HXT    sing N N 407 
VAL N     CA     sing N N 408 
VAL N     H      sing N N 409 
VAL N     H2     sing N N 410 
VAL CA    C      sing N N 411 
VAL CA    CB     sing N N 412 
VAL CA    HA     sing N N 413 
VAL C     O      doub N N 414 
VAL C     OXT    sing N N 415 
VAL CB    CG1    sing N N 416 
VAL CB    CG2    sing N N 417 
VAL CB    HB     sing N N 418 
VAL CG1   HG11   sing N N 419 
VAL CG1   HG12   sing N N 420 
VAL CG1   HG13   sing N N 421 
VAL CG2   HG21   sing N N 422 
VAL CG2   HG22   sing N N 423 
VAL CG2   HG23   sing N N 424 
VAL OXT   HXT    sing N N 425 
# 
loop_
_pdbx_entity_nonpoly.entity_id 
_pdbx_entity_nonpoly.name 
_pdbx_entity_nonpoly.comp_id 
2 'MAGNESIUM ION'                                                                       MG  
3 '3-AMINOBENZOPHENONE-4-YL-AMINOHYDROXYPHOSPHINYLAMINOPHOSPHONIC ACID-GUANYLATE ESTER' DBG 
4 water                                                                                 HOH 
# 
_pdbx_initial_refinement_model.id               1 
_pdbx_initial_refinement_model.entity_id_list   ? 
_pdbx_initial_refinement_model.type             'experimental model' 
_pdbx_initial_refinement_model.source_name      PDB 
_pdbx_initial_refinement_model.accession_code   5P21 
_pdbx_initial_refinement_model.details          ? 
# 
